data_3F0X
# 
_entry.id   3F0X 
# 
_audit_conform.dict_name       mmcif_pdbx.dic 
_audit_conform.dict_version    5.389 
_audit_conform.dict_location   http://mmcif.pdb.org/dictionaries/ascii/mmcif_pdbx.dic 
# 
loop_
_database_2.database_id 
_database_2.database_code 
_database_2.pdbx_database_accession 
_database_2.pdbx_DOI 
PDB   3F0X         pdb_00003f0x 10.2210/pdb3f0x/pdb 
RCSB  RCSB050007   ?            ?                   
WWPDB D_1000050007 ?            ?                   
# 
loop_
_pdbx_audit_revision_history.ordinal 
_pdbx_audit_revision_history.data_content_type 
_pdbx_audit_revision_history.major_revision 
_pdbx_audit_revision_history.minor_revision 
_pdbx_audit_revision_history.revision_date 
1 'Structure model' 1 0 2009-10-06 
2 'Structure model' 1 1 2011-07-13 
3 'Structure model' 1 2 2013-11-27 
4 'Structure model' 1 3 2021-10-20 
5 'Structure model' 1 4 2023-12-27 
6 'Structure model' 1 5 2024-04-03 
# 
_pdbx_audit_revision_details.ordinal             1 
_pdbx_audit_revision_details.revision_ordinal    1 
_pdbx_audit_revision_details.data_content_type   'Structure model' 
_pdbx_audit_revision_details.provider            repository 
_pdbx_audit_revision_details.type                'Initial release' 
_pdbx_audit_revision_details.description         ? 
_pdbx_audit_revision_details.details             ? 
# 
loop_
_pdbx_audit_revision_group.ordinal 
_pdbx_audit_revision_group.revision_ordinal 
_pdbx_audit_revision_group.data_content_type 
_pdbx_audit_revision_group.group 
1 2 'Structure model' 'Version format compliance' 
2 3 'Structure model' 'Non-polymer description'   
3 4 'Structure model' 'Database references'       
4 4 'Structure model' 'Derived calculations'      
5 5 'Structure model' 'Data collection'           
6 6 'Structure model' 'Refinement description'    
# 
loop_
_pdbx_audit_revision_category.ordinal 
_pdbx_audit_revision_category.revision_ordinal 
_pdbx_audit_revision_category.data_content_type 
_pdbx_audit_revision_category.category 
1 4 'Structure model' database_2                    
2 4 'Structure model' struct_ref_seq_dif            
3 4 'Structure model' struct_site                   
4 5 'Structure model' chem_comp_atom                
5 5 'Structure model' chem_comp_bond                
6 6 'Structure model' pdbx_initial_refinement_model 
# 
loop_
_pdbx_audit_revision_item.ordinal 
_pdbx_audit_revision_item.revision_ordinal 
_pdbx_audit_revision_item.data_content_type 
_pdbx_audit_revision_item.item 
1 4 'Structure model' '_database_2.pdbx_DOI'                
2 4 'Structure model' '_database_2.pdbx_database_accession' 
3 4 'Structure model' '_struct_ref_seq_dif.details'         
4 4 'Structure model' '_struct_site.pdbx_auth_asym_id'      
5 4 'Structure model' '_struct_site.pdbx_auth_comp_id'      
6 4 'Structure model' '_struct_site.pdbx_auth_seq_id'       
# 
_pdbx_database_status.entry_id                        3F0X 
_pdbx_database_status.deposit_site                    RCSB 
_pdbx_database_status.process_site                    RCSB 
_pdbx_database_status.recvd_initial_deposition_date   2008-10-27 
_pdbx_database_status.status_code                     REL 
_pdbx_database_status.status_code_sf                  REL 
_pdbx_database_status.status_code_mr                  ? 
_pdbx_database_status.SG_entry                        ? 
_pdbx_database_status.status_code_cs                  ? 
_pdbx_database_status.methods_development_category    ? 
_pdbx_database_status.pdb_format_compatible           Y 
_pdbx_database_status.status_code_nmr_data            ? 
# 
loop_
_pdbx_database_related.db_name 
_pdbx_database_related.db_id 
_pdbx_database_related.details 
_pdbx_database_related.content_type 
PDB 3F0B 
;Staphylococcus aureus dihydrofolate reductase complexed with NADPH and 2,4-Diamino-5-[3-(3-methoxy-5-phenylphenyl)but-1-ynyl]-6-methylpyrimidine
;
unspecified 
PDB 3F0Q 
;Staphylococcus aureus dihydrofolate reductase complexed with NADPH and 2,4-Diamino-5-[3-(3-methoxy-5-(2,6-dimethylphenyl)phenyl)but-1-ynyl]-6-methylpyrimidine
;
unspecified 
PDB 3F0S 
;Staphylococcus aureus dihydrofolate reductase complexed with NADPH and 2,4-Diamino-5-[3-(3-methoxy-5-(3,5-dimethylphenyl)phenyl)but-1-ynyl]-6-methylpyrimidine
;
unspecified 
PDB 3F0U 
;Staphylococcus aureus F98Y mutant dihydrofolate reductase complexed with NADPH and 2,4-Diamino-5-[3-(3-methoxy-5-phenylphenyl)but-1-ynyl]-6-methylpyrimidine
;
unspecified 
PDB 3F0V 
;Staphylococcus aureus F98Y mutant dihydrofolate reductase complexed with NADPH and 2,4-Diamino-5-[3-(3-methoxy-5-(2,6-dimethylphenyl)phenyl)but-1-ynyl]-6-methylpyrimidine
;
unspecified 
# 
loop_
_audit_author.name 
_audit_author.pdbx_ordinal 
'Anderson, A.C.' 1 
'Frey, K.M.'     2 
'Liu, J.'        3 
'Lombardo, M.N.' 4 
# 
_citation.id                        primary 
_citation.title                     
'Crystallographic Complexes of Wildtype and Mutant MRSA DHFR Reveal Interactions for Lead Design' 
_citation.journal_abbrev            'To be Published' 
_citation.journal_volume            ? 
_citation.page_first                ? 
_citation.page_last                 ? 
_citation.year                      ? 
_citation.journal_id_ASTM           ? 
_citation.country                   ? 
_citation.journal_id_ISSN           ? 
_citation.journal_id_CSD            0353 
_citation.book_publisher            ? 
_citation.pdbx_database_id_PubMed   ? 
_citation.pdbx_database_id_DOI      ? 
# 
loop_
_citation_author.citation_id 
_citation_author.name 
_citation_author.ordinal 
_citation_author.identifier_ORCID 
primary 'Frey, K.M.'      1 ? 
primary 'Liu, J.'         2 ? 
primary 'Lombardo, M.N.'  3 ? 
primary 'Bolstad, D.B.'   4 ? 
primary 'Smith, A.E.'     5 ? 
primary 'Priestley, N.D.' 6 ? 
primary 'Wright, D.L.'    7 ? 
primary 'Anderson, A.C.'  8 ? 
# 
loop_
_entity.id 
_entity.type 
_entity.src_method 
_entity.pdbx_description 
_entity.formula_weight 
_entity.pdbx_number_of_molecules 
_entity.pdbx_ec 
_entity.pdbx_mutation 
_entity.pdbx_fragment 
_entity.details 
1 polymer     man 'Trimethoprim-sensitive dihydrofolate reductase'                                                 18031.557 1 
1.5.1.3 F98Y ? ? 
2 non-polymer syn 'NADPH DIHYDRO-NICOTINAMIDE-ADENINE-DINUCLEOTIDE PHOSPHATE'                                      745.421   1 ? ? 
? ? 
3 non-polymer syn "5-[(3R)-3-(5-methoxy-3',5'-dimethylbiphenyl-3-yl)but-1-yn-1-yl]-6-methylpyrimidine-2,4-diamine" 386.489   1 ? ? 
? ? 
4 water       nat water                                                                                            18.015    8 ? ? 
? ? 
# 
_entity_poly.entity_id                      1 
_entity_poly.type                           'polypeptide(L)' 
_entity_poly.nstd_linkage                   no 
_entity_poly.nstd_monomer                   no 
_entity_poly.pdbx_seq_one_letter_code       
;TLSILVAHDLQRVIGFENQLPWHLPNDLKHVKKLSTGHTLVMGRKTFESIGKPLPNRRNVVLTSDTSFNVEGVDVIHSIE
DIYQLPGHVFIFGGQTLYEEMIDKVDDMYITVIEGKFRGDTFFPPYTFEDWEVASSVEGKLDEKNTIPHTFLHLIRK
;
_entity_poly.pdbx_seq_one_letter_code_can   
;TLSILVAHDLQRVIGFENQLPWHLPNDLKHVKKLSTGHTLVMGRKTFESIGKPLPNRRNVVLTSDTSFNVEGVDVIHSIE
DIYQLPGHVFIFGGQTLYEEMIDKVDDMYITVIEGKFRGDTFFPPYTFEDWEVASSVEGKLDEKNTIPHTFLHLIRK
;
_entity_poly.pdbx_strand_id                 X 
_entity_poly.pdbx_target_identifier         ? 
# 
loop_
_pdbx_entity_nonpoly.entity_id 
_pdbx_entity_nonpoly.name 
_pdbx_entity_nonpoly.comp_id 
2 'NADPH DIHYDRO-NICOTINAMIDE-ADENINE-DINUCLEOTIDE PHOSPHATE'                                      NDP 
3 "5-[(3R)-3-(5-methoxy-3',5'-dimethylbiphenyl-3-yl)but-1-yn-1-yl]-6-methylpyrimidine-2,4-diamine" 53T 
4 water                                                                                            HOH 
# 
loop_
_entity_poly_seq.entity_id 
_entity_poly_seq.num 
_entity_poly_seq.mon_id 
_entity_poly_seq.hetero 
1 1   THR n 
1 2   LEU n 
1 3   SER n 
1 4   ILE n 
1 5   LEU n 
1 6   VAL n 
1 7   ALA n 
1 8   HIS n 
1 9   ASP n 
1 10  LEU n 
1 11  GLN n 
1 12  ARG n 
1 13  VAL n 
1 14  ILE n 
1 15  GLY n 
1 16  PHE n 
1 17  GLU n 
1 18  ASN n 
1 19  GLN n 
1 20  LEU n 
1 21  PRO n 
1 22  TRP n 
1 23  HIS n 
1 24  LEU n 
1 25  PRO n 
1 26  ASN n 
1 27  ASP n 
1 28  LEU n 
1 29  LYS n 
1 30  HIS n 
1 31  VAL n 
1 32  LYS n 
1 33  LYS n 
1 34  LEU n 
1 35  SER n 
1 36  THR n 
1 37  GLY n 
1 38  HIS n 
1 39  THR n 
1 40  LEU n 
1 41  VAL n 
1 42  MET n 
1 43  GLY n 
1 44  ARG n 
1 45  LYS n 
1 46  THR n 
1 47  PHE n 
1 48  GLU n 
1 49  SER n 
1 50  ILE n 
1 51  GLY n 
1 52  LYS n 
1 53  PRO n 
1 54  LEU n 
1 55  PRO n 
1 56  ASN n 
1 57  ARG n 
1 58  ARG n 
1 59  ASN n 
1 60  VAL n 
1 61  VAL n 
1 62  LEU n 
1 63  THR n 
1 64  SER n 
1 65  ASP n 
1 66  THR n 
1 67  SER n 
1 68  PHE n 
1 69  ASN n 
1 70  VAL n 
1 71  GLU n 
1 72  GLY n 
1 73  VAL n 
1 74  ASP n 
1 75  VAL n 
1 76  ILE n 
1 77  HIS n 
1 78  SER n 
1 79  ILE n 
1 80  GLU n 
1 81  ASP n 
1 82  ILE n 
1 83  TYR n 
1 84  GLN n 
1 85  LEU n 
1 86  PRO n 
1 87  GLY n 
1 88  HIS n 
1 89  VAL n 
1 90  PHE n 
1 91  ILE n 
1 92  PHE n 
1 93  GLY n 
1 94  GLY n 
1 95  GLN n 
1 96  THR n 
1 97  LEU n 
1 98  TYR n 
1 99  GLU n 
1 100 GLU n 
1 101 MET n 
1 102 ILE n 
1 103 ASP n 
1 104 LYS n 
1 105 VAL n 
1 106 ASP n 
1 107 ASP n 
1 108 MET n 
1 109 TYR n 
1 110 ILE n 
1 111 THR n 
1 112 VAL n 
1 113 ILE n 
1 114 GLU n 
1 115 GLY n 
1 116 LYS n 
1 117 PHE n 
1 118 ARG n 
1 119 GLY n 
1 120 ASP n 
1 121 THR n 
1 122 PHE n 
1 123 PHE n 
1 124 PRO n 
1 125 PRO n 
1 126 TYR n 
1 127 THR n 
1 128 PHE n 
1 129 GLU n 
1 130 ASP n 
1 131 TRP n 
1 132 GLU n 
1 133 VAL n 
1 134 ALA n 
1 135 SER n 
1 136 SER n 
1 137 VAL n 
1 138 GLU n 
1 139 GLY n 
1 140 LYS n 
1 141 LEU n 
1 142 ASP n 
1 143 GLU n 
1 144 LYS n 
1 145 ASN n 
1 146 THR n 
1 147 ILE n 
1 148 PRO n 
1 149 HIS n 
1 150 THR n 
1 151 PHE n 
1 152 LEU n 
1 153 HIS n 
1 154 LEU n 
1 155 ILE n 
1 156 ARG n 
1 157 LYS n 
# 
_entity_src_gen.entity_id                          1 
_entity_src_gen.pdbx_src_id                        1 
_entity_src_gen.pdbx_alt_source_flag               sample 
_entity_src_gen.pdbx_seq_type                      ? 
_entity_src_gen.pdbx_beg_seq_num                   ? 
_entity_src_gen.pdbx_end_seq_num                   ? 
_entity_src_gen.gene_src_common_name               ? 
_entity_src_gen.gene_src_genus                     ? 
_entity_src_gen.pdbx_gene_src_gene                 dfrB 
_entity_src_gen.gene_src_species                   ? 
_entity_src_gen.gene_src_strain                    ? 
_entity_src_gen.gene_src_tissue                    ? 
_entity_src_gen.gene_src_tissue_fraction           ? 
_entity_src_gen.gene_src_details                   ? 
_entity_src_gen.pdbx_gene_src_fragment             ? 
_entity_src_gen.pdbx_gene_src_scientific_name      'Staphylococcus aureus RF122' 
_entity_src_gen.pdbx_gene_src_ncbi_taxonomy_id     273036 
_entity_src_gen.pdbx_gene_src_variant              ? 
_entity_src_gen.pdbx_gene_src_cell_line            ? 
_entity_src_gen.pdbx_gene_src_atcc                 ? 
_entity_src_gen.pdbx_gene_src_organ                ? 
_entity_src_gen.pdbx_gene_src_organelle            ? 
_entity_src_gen.pdbx_gene_src_cell                 ? 
_entity_src_gen.pdbx_gene_src_cellular_location    ? 
_entity_src_gen.host_org_common_name               ? 
_entity_src_gen.pdbx_host_org_scientific_name      'Escherichia coli' 
_entity_src_gen.pdbx_host_org_ncbi_taxonomy_id     562 
_entity_src_gen.host_org_genus                     ? 
_entity_src_gen.pdbx_host_org_gene                 ? 
_entity_src_gen.pdbx_host_org_organ                ? 
_entity_src_gen.host_org_species                   ? 
_entity_src_gen.pdbx_host_org_tissue               ? 
_entity_src_gen.pdbx_host_org_tissue_fraction      ? 
_entity_src_gen.pdbx_host_org_strain               'BL21(DE3)' 
_entity_src_gen.pdbx_host_org_variant              ? 
_entity_src_gen.pdbx_host_org_cell_line            ? 
_entity_src_gen.pdbx_host_org_atcc                 ? 
_entity_src_gen.pdbx_host_org_culture_collection   ? 
_entity_src_gen.pdbx_host_org_cell                 ? 
_entity_src_gen.pdbx_host_org_organelle            ? 
_entity_src_gen.pdbx_host_org_cellular_location    ? 
_entity_src_gen.pdbx_host_org_vector_type          Plasmid 
_entity_src_gen.pdbx_host_org_vector               ? 
_entity_src_gen.host_org_details                   ? 
_entity_src_gen.expression_system_id               ? 
_entity_src_gen.plasmid_name                       pET41 
_entity_src_gen.plasmid_details                    ? 
_entity_src_gen.pdbx_description                   ? 
# 
loop_
_chem_comp.id 
_chem_comp.type 
_chem_comp.mon_nstd_flag 
_chem_comp.name 
_chem_comp.pdbx_synonyms 
_chem_comp.formula 
_chem_comp.formula_weight 
53T non-polymer         . "5-[(3R)-3-(5-methoxy-3',5'-dimethylbiphenyl-3-yl)but-1-yn-1-yl]-6-methylpyrimidine-2,4-diamine" ? 
'C24 H26 N4 O'      386.489 
ALA 'L-peptide linking' y ALANINE                                                                                          ? 
'C3 H7 N O2'        89.093  
ARG 'L-peptide linking' y ARGININE                                                                                         ? 
'C6 H15 N4 O2 1'    175.209 
ASN 'L-peptide linking' y ASPARAGINE                                                                                       ? 
'C4 H8 N2 O3'       132.118 
ASP 'L-peptide linking' y 'ASPARTIC ACID'                                                                                  ? 
'C4 H7 N O4'        133.103 
GLN 'L-peptide linking' y GLUTAMINE                                                                                        ? 
'C5 H10 N2 O3'      146.144 
GLU 'L-peptide linking' y 'GLUTAMIC ACID'                                                                                  ? 
'C5 H9 N O4'        147.129 
GLY 'peptide linking'   y GLYCINE                                                                                          ? 
'C2 H5 N O2'        75.067  
HIS 'L-peptide linking' y HISTIDINE                                                                                        ? 
'C6 H10 N3 O2 1'    156.162 
HOH non-polymer         . WATER                                                                                            ? 
'H2 O'              18.015  
ILE 'L-peptide linking' y ISOLEUCINE                                                                                       ? 
'C6 H13 N O2'       131.173 
LEU 'L-peptide linking' y LEUCINE                                                                                          ? 
'C6 H13 N O2'       131.173 
LYS 'L-peptide linking' y LYSINE                                                                                           ? 
'C6 H15 N2 O2 1'    147.195 
MET 'L-peptide linking' y METHIONINE                                                                                       ? 
'C5 H11 N O2 S'     149.211 
NDP non-polymer         . 'NADPH DIHYDRO-NICOTINAMIDE-ADENINE-DINUCLEOTIDE PHOSPHATE'                                      ? 
'C21 H30 N7 O17 P3' 745.421 
PHE 'L-peptide linking' y PHENYLALANINE                                                                                    ? 
'C9 H11 N O2'       165.189 
PRO 'L-peptide linking' y PROLINE                                                                                          ? 
'C5 H9 N O2'        115.130 
SER 'L-peptide linking' y SERINE                                                                                           ? 
'C3 H7 N O3'        105.093 
THR 'L-peptide linking' y THREONINE                                                                                        ? 
'C4 H9 N O3'        119.119 
TRP 'L-peptide linking' y TRYPTOPHAN                                                                                       ? 
'C11 H12 N2 O2'     204.225 
TYR 'L-peptide linking' y TYROSINE                                                                                         ? 
'C9 H11 N O3'       181.189 
VAL 'L-peptide linking' y VALINE                                                                                           ? 
'C5 H11 N O2'       117.146 
# 
loop_
_pdbx_poly_seq_scheme.asym_id 
_pdbx_poly_seq_scheme.entity_id 
_pdbx_poly_seq_scheme.seq_id 
_pdbx_poly_seq_scheme.mon_id 
_pdbx_poly_seq_scheme.ndb_seq_num 
_pdbx_poly_seq_scheme.pdb_seq_num 
_pdbx_poly_seq_scheme.auth_seq_num 
_pdbx_poly_seq_scheme.pdb_mon_id 
_pdbx_poly_seq_scheme.auth_mon_id 
_pdbx_poly_seq_scheme.pdb_strand_id 
_pdbx_poly_seq_scheme.pdb_ins_code 
_pdbx_poly_seq_scheme.hetero 
A 1 1   THR 1   1   1   THR THR X . n 
A 1 2   LEU 2   2   2   LEU LEU X . n 
A 1 3   SER 3   3   3   SER SER X . n 
A 1 4   ILE 4   4   4   ILE ILE X . n 
A 1 5   LEU 5   5   5   LEU LEU X . n 
A 1 6   VAL 6   6   6   VAL VAL X . n 
A 1 7   ALA 7   7   7   ALA ALA X . n 
A 1 8   HIS 8   8   8   HIS HIS X . n 
A 1 9   ASP 9   9   9   ASP ASP X . n 
A 1 10  LEU 10  10  10  LEU LEU X . n 
A 1 11  GLN 11  11  11  GLN GLN X . n 
A 1 12  ARG 12  12  12  ARG ARG X . n 
A 1 13  VAL 13  13  13  VAL VAL X . n 
A 1 14  ILE 14  14  14  ILE ILE X . n 
A 1 15  GLY 15  15  15  GLY GLY X . n 
A 1 16  PHE 16  16  16  PHE PHE X . n 
A 1 17  GLU 17  17  17  GLU GLU X . n 
A 1 18  ASN 18  18  18  ASN ASN X . n 
A 1 19  GLN 19  19  19  GLN GLN X . n 
A 1 20  LEU 20  20  20  LEU LEU X . n 
A 1 21  PRO 21  21  21  PRO PRO X . n 
A 1 22  TRP 22  22  22  TRP TRP X . n 
A 1 23  HIS 23  23  23  HIS HIS X . n 
A 1 24  LEU 24  24  24  LEU LEU X . n 
A 1 25  PRO 25  25  25  PRO PRO X . n 
A 1 26  ASN 26  26  26  ASN ASN X . n 
A 1 27  ASP 27  27  27  ASP ASP X . n 
A 1 28  LEU 28  28  28  LEU LEU X . n 
A 1 29  LYS 29  29  29  LYS LYS X . n 
A 1 30  HIS 30  30  30  HIS HIS X . n 
A 1 31  VAL 31  31  31  VAL VAL X . n 
A 1 32  LYS 32  32  32  LYS LYS X . n 
A 1 33  LYS 33  33  33  LYS LYS X . n 
A 1 34  LEU 34  34  34  LEU LEU X . n 
A 1 35  SER 35  35  35  SER SER X . n 
A 1 36  THR 36  36  36  THR THR X . n 
A 1 37  GLY 37  37  37  GLY GLY X . n 
A 1 38  HIS 38  38  38  HIS HIS X . n 
A 1 39  THR 39  39  39  THR THR X . n 
A 1 40  LEU 40  40  40  LEU LEU X . n 
A 1 41  VAL 41  41  41  VAL VAL X . n 
A 1 42  MET 42  42  42  MET MET X . n 
A 1 43  GLY 43  43  43  GLY GLY X . n 
A 1 44  ARG 44  44  44  ARG ARG X . n 
A 1 45  LYS 45  45  45  LYS LYS X . n 
A 1 46  THR 46  46  46  THR THR X . n 
A 1 47  PHE 47  47  47  PHE PHE X . n 
A 1 48  GLU 48  48  48  GLU GLU X . n 
A 1 49  SER 49  49  49  SER SER X . n 
A 1 50  ILE 50  50  50  ILE ILE X . n 
A 1 51  GLY 51  51  51  GLY GLY X . n 
A 1 52  LYS 52  52  52  LYS LYS X . n 
A 1 53  PRO 53  53  53  PRO PRO X . n 
A 1 54  LEU 54  54  54  LEU LEU X . n 
A 1 55  PRO 55  55  55  PRO PRO X . n 
A 1 56  ASN 56  56  56  ASN ASN X . n 
A 1 57  ARG 57  57  57  ARG ARG X . n 
A 1 58  ARG 58  58  58  ARG ARG X . n 
A 1 59  ASN 59  59  59  ASN ASN X . n 
A 1 60  VAL 60  60  60  VAL VAL X . n 
A 1 61  VAL 61  61  61  VAL VAL X . n 
A 1 62  LEU 62  62  62  LEU LEU X . n 
A 1 63  THR 63  63  63  THR THR X . n 
A 1 64  SER 64  64  64  SER SER X . n 
A 1 65  ASP 65  65  65  ASP ASP X . n 
A 1 66  THR 66  66  66  THR THR X . n 
A 1 67  SER 67  67  67  SER SER X . n 
A 1 68  PHE 68  68  68  PHE PHE X . n 
A 1 69  ASN 69  69  69  ASN ASN X . n 
A 1 70  VAL 70  70  70  VAL VAL X . n 
A 1 71  GLU 71  71  71  GLU GLU X . n 
A 1 72  GLY 72  72  72  GLY GLY X . n 
A 1 73  VAL 73  73  73  VAL VAL X . n 
A 1 74  ASP 74  74  74  ASP ASP X . n 
A 1 75  VAL 75  75  75  VAL VAL X . n 
A 1 76  ILE 76  76  76  ILE ILE X . n 
A 1 77  HIS 77  77  77  HIS HIS X . n 
A 1 78  SER 78  78  78  SER SER X . n 
A 1 79  ILE 79  79  79  ILE ILE X . n 
A 1 80  GLU 80  80  80  GLU GLU X . n 
A 1 81  ASP 81  81  81  ASP ASP X . n 
A 1 82  ILE 82  82  82  ILE ILE X . n 
A 1 83  TYR 83  83  83  TYR TYR X . n 
A 1 84  GLN 84  84  84  GLN GLN X . n 
A 1 85  LEU 85  85  85  LEU LEU X . n 
A 1 86  PRO 86  86  86  PRO PRO X . n 
A 1 87  GLY 87  87  87  GLY GLY X . n 
A 1 88  HIS 88  88  88  HIS HIS X . n 
A 1 89  VAL 89  89  89  VAL VAL X . n 
A 1 90  PHE 90  90  90  PHE PHE X . n 
A 1 91  ILE 91  91  91  ILE ILE X . n 
A 1 92  PHE 92  92  92  PHE PHE X . n 
A 1 93  GLY 93  93  93  GLY GLY X . n 
A 1 94  GLY 94  94  94  GLY GLY X . n 
A 1 95  GLN 95  95  95  GLN GLN X . n 
A 1 96  THR 96  96  96  THR THR X . n 
A 1 97  LEU 97  97  97  LEU LEU X . n 
A 1 98  TYR 98  98  98  TYR TYR X . n 
A 1 99  GLU 99  99  99  GLU GLU X . n 
A 1 100 GLU 100 100 100 GLU GLU X . n 
A 1 101 MET 101 101 101 MET MET X . n 
A 1 102 ILE 102 102 102 ILE ILE X . n 
A 1 103 ASP 103 103 103 ASP ASP X . n 
A 1 104 LYS 104 104 104 LYS LYS X . n 
A 1 105 VAL 105 105 105 VAL VAL X . n 
A 1 106 ASP 106 106 106 ASP ASP X . n 
A 1 107 ASP 107 107 107 ASP ASP X . n 
A 1 108 MET 108 108 108 MET MET X . n 
A 1 109 TYR 109 109 109 TYR TYR X . n 
A 1 110 ILE 110 110 110 ILE ILE X . n 
A 1 111 THR 111 111 111 THR THR X . n 
A 1 112 VAL 112 112 112 VAL VAL X . n 
A 1 113 ILE 113 113 113 ILE ILE X . n 
A 1 114 GLU 114 114 114 GLU GLU X . n 
A 1 115 GLY 115 115 115 GLY GLY X . n 
A 1 116 LYS 116 116 116 LYS LYS X . n 
A 1 117 PHE 117 117 117 PHE PHE X . n 
A 1 118 ARG 118 118 118 ARG ARG X . n 
A 1 119 GLY 119 119 119 GLY GLY X . n 
A 1 120 ASP 120 120 120 ASP ASP X . n 
A 1 121 THR 121 121 121 THR THR X . n 
A 1 122 PHE 122 122 122 PHE PHE X . n 
A 1 123 PHE 123 123 123 PHE PHE X . n 
A 1 124 PRO 124 124 124 PRO PRO X . n 
A 1 125 PRO 125 125 125 PRO PRO X . n 
A 1 126 TYR 126 126 126 TYR TYR X . n 
A 1 127 THR 127 127 127 THR THR X . n 
A 1 128 PHE 128 128 128 PHE PHE X . n 
A 1 129 GLU 129 129 129 GLU GLU X . n 
A 1 130 ASP 130 130 130 ASP ASP X . n 
A 1 131 TRP 131 131 131 TRP TRP X . n 
A 1 132 GLU 132 132 132 GLU GLU X . n 
A 1 133 VAL 133 133 133 VAL VAL X . n 
A 1 134 ALA 134 134 134 ALA ALA X . n 
A 1 135 SER 135 135 135 SER SER X . n 
A 1 136 SER 136 136 136 SER SER X . n 
A 1 137 VAL 137 137 137 VAL VAL X . n 
A 1 138 GLU 138 138 138 GLU GLU X . n 
A 1 139 GLY 139 139 139 GLY GLY X . n 
A 1 140 LYS 140 140 140 LYS LYS X . n 
A 1 141 LEU 141 141 141 LEU LEU X . n 
A 1 142 ASP 142 142 142 ASP ASP X . n 
A 1 143 GLU 143 143 143 GLU GLU X . n 
A 1 144 LYS 144 144 144 LYS LYS X . n 
A 1 145 ASN 145 145 145 ASN ASN X . n 
A 1 146 THR 146 146 146 THR THR X . n 
A 1 147 ILE 147 147 147 ILE ILE X . n 
A 1 148 PRO 148 148 148 PRO PRO X . n 
A 1 149 HIS 149 149 149 HIS HIS X . n 
A 1 150 THR 150 150 150 THR THR X . n 
A 1 151 PHE 151 151 151 PHE PHE X . n 
A 1 152 LEU 152 152 152 LEU LEU X . n 
A 1 153 HIS 153 153 153 HIS HIS X . n 
A 1 154 LEU 154 154 154 LEU LEU X . n 
A 1 155 ILE 155 155 155 ILE ILE X . n 
A 1 156 ARG 156 156 156 ARG ARG X . n 
A 1 157 LYS 157 157 157 LYS LYS X . n 
# 
loop_
_pdbx_nonpoly_scheme.asym_id 
_pdbx_nonpoly_scheme.entity_id 
_pdbx_nonpoly_scheme.mon_id 
_pdbx_nonpoly_scheme.ndb_seq_num 
_pdbx_nonpoly_scheme.pdb_seq_num 
_pdbx_nonpoly_scheme.auth_seq_num 
_pdbx_nonpoly_scheme.pdb_mon_id 
_pdbx_nonpoly_scheme.auth_mon_id 
_pdbx_nonpoly_scheme.pdb_strand_id 
_pdbx_nonpoly_scheme.pdb_ins_code 
B 2 NDP 1 207 207 NDP NAP X . 
C 3 53T 1 158 1   53T 53T X . 
D 4 HOH 1 159 1   HOH HOH X . 
D 4 HOH 2 160 2   HOH HOH X . 
D 4 HOH 3 161 3   HOH HOH X . 
D 4 HOH 4 162 4   HOH HOH X . 
D 4 HOH 5 163 5   HOH HOH X . 
D 4 HOH 6 164 6   HOH HOH X . 
D 4 HOH 7 165 1   HOH HOH X . 
D 4 HOH 8 166 1   HOH HOH X . 
# 
loop_
_software.name 
_software.version 
_software.date 
_software.type 
_software.contact_author 
_software.contact_author_email 
_software.classification 
_software.location 
_software.language 
_software.citation_id 
_software.pdbx_ordinal 
REFMAC      5.2.0019 ?               program 'Garib N. Murshudov' garib@ysbl.york.ac.uk refinement        
http://www.ccp4.ac.uk/dist/html/refmac5.html Fortran_77 ? 1 
PDB_EXTRACT 3.006    'June 11, 2008' package PDB                  help@deposit.rcsb.org 'data extraction' 
http://sw-tools.pdb.org/apps/PDB_EXTRACT/    C++        ? 2 
CBASS       .        ?               ?       ?                    ?                     'data collection' ? ?          ? 3 
HKL-2000    .        ?               ?       ?                    ?                     'data reduction'  ? ?          ? 4 
SCALEPACK   .        ?               ?       ?                    ?                     'data scaling'    ? ?          ? 5 
Coot        .        ?               ?       ?                    ?                     'model building'  ? ?          ? 6 
# 
_cell.entry_id           3F0X 
_cell.length_a           79.048 
_cell.length_b           79.048 
_cell.length_c           108.727 
_cell.angle_alpha        90.00 
_cell.angle_beta         90.00 
_cell.angle_gamma        120.00 
_cell.Z_PDB              12 
_cell.pdbx_unique_axis   ? 
_cell.length_a_esd       ? 
_cell.length_b_esd       ? 
_cell.length_c_esd       ? 
_cell.angle_alpha_esd    ? 
_cell.angle_beta_esd     ? 
_cell.angle_gamma_esd    ? 
# 
_symmetry.entry_id                         3F0X 
_symmetry.space_group_name_H-M             'P 61 2 2' 
_symmetry.pdbx_full_space_group_name_H-M   ? 
_symmetry.cell_setting                     ? 
_symmetry.Int_Tables_number                178 
_symmetry.space_group_name_Hall            ? 
# 
_exptl.crystals_number   1 
_exptl.entry_id          3F0X 
_exptl.method            'X-RAY DIFFRACTION' 
# 
_exptl_crystal.id                    1 
_exptl_crystal.density_Matthews      2.72 
_exptl_crystal.density_meas          ? 
_exptl_crystal.density_percent_sol   54.77 
_exptl_crystal.description           ? 
_exptl_crystal.F_000                 ? 
_exptl_crystal.preparation           ? 
# 
_exptl_crystal_grow.crystal_id      1 
_exptl_crystal_grow.method          'VAPOR DIFFUSION, HANGING DROP' 
_exptl_crystal_grow.pH              6.5 
_exptl_crystal_grow.temp            277 
_exptl_crystal_grow.temp_details    ? 
_exptl_crystal_grow.pdbx_details    
'15 % PEG 10000, 150 mM Sodium acetate, 100 mM MES pH 6.5, 5 % Butyrlactone, VAPOR DIFFUSION, HANGING DROP, temperature 277K' 
_exptl_crystal_grow.pdbx_pH_range   ? 
# 
_diffrn.id                     1 
_diffrn.ambient_temp           77.2 
_diffrn.ambient_temp_details   ? 
_diffrn.crystal_id             1 
# 
_diffrn_detector.diffrn_id              1 
_diffrn_detector.detector               CCD 
_diffrn_detector.type                   'ADSC QUANTUM 315' 
_diffrn_detector.pdbx_collection_date   2008-02-27 
_diffrn_detector.details                ? 
# 
_diffrn_radiation.diffrn_id                        1 
_diffrn_radiation.wavelength_id                    1 
_diffrn_radiation.pdbx_diffrn_protocol             'SINGLE WAVELENGTH' 
_diffrn_radiation.monochromator                    ? 
_diffrn_radiation.pdbx_monochromatic_or_laue_m_l   M 
_diffrn_radiation.pdbx_scattering_type             x-ray 
# 
_diffrn_radiation_wavelength.id           1 
_diffrn_radiation_wavelength.wavelength   1.080900 
_diffrn_radiation_wavelength.wt           1.0 
# 
_diffrn_source.diffrn_id                   1 
_diffrn_source.source                      SYNCHROTRON 
_diffrn_source.type                        'NSLS BEAMLINE X29A' 
_diffrn_source.pdbx_wavelength             ? 
_diffrn_source.pdbx_wavelength_list        1.080900 
_diffrn_source.pdbx_synchrotron_site       NSLS 
_diffrn_source.pdbx_synchrotron_beamline   X29A 
# 
_reflns.entry_id                     3F0X 
_reflns.observed_criterion_sigma_F   ? 
_reflns.observed_criterion_sigma_I   -3.00 
_reflns.d_resolution_high            2.60 
_reflns.d_resolution_low             39.53 
_reflns.number_all                   5893 
_reflns.number_obs                   5893 
_reflns.percent_possible_obs         93.4 
_reflns.pdbx_Rmerge_I_obs            0.075 
_reflns.pdbx_Rsym_value              0.075 
_reflns.pdbx_netI_over_sigmaI        4.2 
_reflns.B_iso_Wilson_estimate        ? 
_reflns.pdbx_redundancy              8.3 
_reflns.R_free_details               ? 
_reflns.limit_h_max                  ? 
_reflns.limit_h_min                  ? 
_reflns.limit_k_max                  ? 
_reflns.limit_k_min                  ? 
_reflns.limit_l_max                  ? 
_reflns.limit_l_min                  ? 
_reflns.observed_criterion_F_max     ? 
_reflns.observed_criterion_F_min     ? 
_reflns.pdbx_chi_squared             ? 
_reflns.pdbx_scaling_rejects         ? 
_reflns.pdbx_ordinal                 1 
_reflns.pdbx_diffrn_id               1 
# 
_reflns_shell.d_res_high             2.60 
_reflns_shell.d_res_low              2.69 
_reflns_shell.percent_possible_obs   ? 
_reflns_shell.percent_possible_all   85.3 
_reflns_shell.Rmerge_I_obs           0.286 
_reflns_shell.meanI_over_sigI_obs    4.3 
_reflns_shell.pdbx_Rsym_value        0.286 
_reflns_shell.pdbx_redundancy        2.3 
_reflns_shell.number_unique_all      208 
_reflns_shell.number_measured_all    ? 
_reflns_shell.number_measured_obs    ? 
_reflns_shell.number_unique_obs      ? 
_reflns_shell.pdbx_chi_squared       ? 
_reflns_shell.pdbx_ordinal           1 
_reflns_shell.pdbx_diffrn_id         1 
# 
_refine.entry_id                                 3F0X 
_refine.ls_d_res_high                            2.600 
_refine.ls_d_res_low                             39.530 
_refine.pdbx_ls_sigma_F                          0.00 
_refine.ls_percent_reflns_obs                    93.530 
_refine.ls_number_reflns_obs                     5893 
_refine.pdbx_ls_cross_valid_method               THROUGHOUT 
_refine.pdbx_R_Free_selection_details            RANDOM 
_refine.details                                  'HYDROGENS HAVE BEEN ADDED IN THE RIDING POSITIONS' 
_refine.ls_R_factor_obs                          0.214 
_refine.ls_R_factor_R_work                       0.212 
_refine.ls_R_factor_R_free                       0.255 
_refine.ls_percent_reflns_R_free                 4.700 
_refine.ls_number_reflns_R_free                  293 
_refine.B_iso_mean                               15.908 
_refine.aniso_B[1][1]                            -0.010 
_refine.aniso_B[2][2]                            -0.010 
_refine.aniso_B[3][3]                            0.010 
_refine.aniso_B[1][2]                            -0.000 
_refine.aniso_B[1][3]                            -0.000 
_refine.aniso_B[2][3]                            0.000 
_refine.correlation_coeff_Fo_to_Fc               0.916 
_refine.correlation_coeff_Fo_to_Fc_free          0.876 
_refine.pdbx_overall_ESU_R                       1.319 
_refine.pdbx_overall_ESU_R_Free                  0.337 
_refine.overall_SU_ML                            0.239 
_refine.overall_SU_B                             11.194 
_refine.solvent_model_details                    MASK 
_refine.pdbx_solvent_vdw_probe_radii             1.200 
_refine.pdbx_solvent_ion_probe_radii             0.800 
_refine.pdbx_solvent_shrinkage_radii             0.800 
_refine.pdbx_method_to_determine_struct          'FOURIER SYNTHESIS' 
_refine.pdbx_stereochemistry_target_values       'MAXIMUM LIKELIHOOD' 
_refine.B_iso_max                                66.75 
_refine.B_iso_min                                2.00 
_refine.occupancy_max                            1.00 
_refine.occupancy_min                            0.30 
_refine.pdbx_ls_sigma_I                          ? 
_refine.ls_number_reflns_all                     5893 
_refine.ls_R_factor_all                          0.214 
_refine.ls_redundancy_reflns_obs                 ? 
_refine.pdbx_data_cutoff_high_absF               ? 
_refine.pdbx_data_cutoff_low_absF                ? 
_refine.ls_number_parameters                     ? 
_refine.ls_number_restraints                     ? 
_refine.ls_R_factor_R_free_error                 ? 
_refine.ls_R_factor_R_free_error_details         ? 
_refine.pdbx_starting_model                      
'Sa F98Y DHFR bound to folate and NADPH (Dale et al., J.Mol.Biol. 1997, structure not deposited in the PDB).' 
_refine.pdbx_stereochem_target_val_spec_case     ? 
_refine.solvent_model_param_bsol                 ? 
_refine.solvent_model_param_ksol                 ? 
_refine.pdbx_isotropic_thermal_model             ? 
_refine.overall_SU_R_Cruickshank_DPI             ? 
_refine.overall_SU_R_free                        ? 
_refine.pdbx_data_cutoff_high_rms_absF           ? 
_refine.ls_wR_factor_R_free                      ? 
_refine.ls_wR_factor_R_work                      ? 
_refine.overall_FOM_free_R_set                   ? 
_refine.overall_FOM_work_R_set                   ? 
_refine.pdbx_overall_phase_error                 ? 
_refine.pdbx_refine_id                           'X-RAY DIFFRACTION' 
_refine.pdbx_diffrn_id                           1 
_refine.pdbx_TLS_residual_ADP_flag               ? 
_refine.pdbx_overall_SU_R_free_Cruickshank_DPI   ? 
_refine.pdbx_overall_SU_R_Blow_DPI               ? 
_refine.pdbx_overall_SU_R_free_Blow_DPI          ? 
# 
_refine_hist.pdbx_refine_id                   'X-RAY DIFFRACTION' 
_refine_hist.cycle_id                         LAST 
_refine_hist.pdbx_number_atoms_protein        1274 
_refine_hist.pdbx_number_atoms_nucleic_acid   0 
_refine_hist.pdbx_number_atoms_ligand         77 
_refine_hist.number_atoms_solvent             8 
_refine_hist.number_atoms_total               1359 
_refine_hist.d_res_high                       2.600 
_refine_hist.d_res_low                        39.530 
# 
loop_
_refine_ls_restr.type 
_refine_ls_restr.number 
_refine_ls_restr.dev_ideal 
_refine_ls_restr.dev_ideal_target 
_refine_ls_restr.weight 
_refine_ls_restr.pdbx_refine_id 
_refine_ls_restr.pdbx_restraint_function 
r_bond_refined_d         1442 0.011  0.022  ? 'X-RAY DIFFRACTION' ? 
r_angle_refined_deg      1978 1.627  2.059  ? 'X-RAY DIFFRACTION' ? 
r_dihedral_angle_1_deg   156  7.447  5.000  ? 'X-RAY DIFFRACTION' ? 
r_dihedral_angle_2_deg   62   35.867 24.194 ? 'X-RAY DIFFRACTION' ? 
r_dihedral_angle_3_deg   226  18.948 15.000 ? 'X-RAY DIFFRACTION' ? 
r_dihedral_angle_4_deg   6    19.941 15.000 ? 'X-RAY DIFFRACTION' ? 
r_chiral_restr           216  0.111  0.200  ? 'X-RAY DIFFRACTION' ? 
r_gen_planes_refined     1062 0.004  0.020  ? 'X-RAY DIFFRACTION' ? 
r_nbd_refined            603  0.203  0.200  ? 'X-RAY DIFFRACTION' ? 
r_nbtor_refined          948  0.309  0.200  ? 'X-RAY DIFFRACTION' ? 
r_xyhbond_nbd_refined    59   0.154  0.200  ? 'X-RAY DIFFRACTION' ? 
r_symmetry_vdw_refined   26   0.226  0.200  ? 'X-RAY DIFFRACTION' ? 
r_symmetry_hbond_refined 2    0.094  0.200  ? 'X-RAY DIFFRACTION' ? 
r_mcbond_it              801  0.589  1.500  ? 'X-RAY DIFFRACTION' ? 
r_mcangle_it             1282 1.076  2.000  ? 'X-RAY DIFFRACTION' ? 
r_scbond_it              755  1.258  3.000  ? 'X-RAY DIFFRACTION' ? 
r_scangle_it             696  1.860  4.500  ? 'X-RAY DIFFRACTION' ? 
# 
_refine_ls_shell.d_res_high                       2.60 
_refine_ls_shell.d_res_low                        2.69 
_refine_ls_shell.pdbx_total_number_of_bins_used   20 
_refine_ls_shell.percent_reflns_obs               85.3 
_refine_ls_shell.number_reflns_R_work             208 
_refine_ls_shell.R_factor_all                     ? 
_refine_ls_shell.R_factor_R_work                  0.299 
_refine_ls_shell.R_factor_R_free                  0.319 
_refine_ls_shell.percent_reflns_R_free            ? 
_refine_ls_shell.number_reflns_R_free             7 
_refine_ls_shell.R_factor_R_free_error            ? 
_refine_ls_shell.number_reflns_all                215 
_refine_ls_shell.number_reflns_obs                5893 
_refine_ls_shell.redundancy_reflns_obs            ? 
_refine_ls_shell.pdbx_refine_id                   'X-RAY DIFFRACTION' 
# 
_struct.entry_id                  3F0X 
_struct.title                     
;Staphylococcus aureus F98Y mutant dihydrofolate reductase complexed with NADPH and 2,4-Diamino-5-[3-(3-methoxy-5-(3,5-dimethylphenyl)phenyl)but-1-ynyl]-6-methylpyrimidine
;
_struct.pdbx_model_details        ? 
_struct.pdbx_CASP_flag            ? 
_struct.pdbx_model_type_details   ? 
# 
_struct_keywords.entry_id        3F0X 
_struct_keywords.pdbx_keywords   OXIDOREDUCTASE 
_struct_keywords.text            oxidoreductase 
# 
loop_
_struct_asym.id 
_struct_asym.pdbx_blank_PDB_chainid_flag 
_struct_asym.pdbx_modified 
_struct_asym.entity_id 
_struct_asym.details 
A N N 1 ? 
B N N 2 ? 
C N N 3 ? 
D N N 4 ? 
# 
_struct_ref.id                         1 
_struct_ref.db_name                    UNP 
_struct_ref.db_code                    Q2YY41_STAAB 
_struct_ref.pdbx_db_accession          Q2YY41 
_struct_ref.entity_id                  1 
_struct_ref.pdbx_seq_one_letter_code   
;TLSILVAHDLQRVIGFENQLPWHLPNDLKHVKKLSTGHTLVMGRKTFESIGKPLPNRRNVVLTSDTSFNVEGVDVIHSIE
DIYQLPGHVFIFGGQTLFEEMIDKVDDMYITVIEGKFRGDTFFPPYTFEDWEVASSVEGKLDEKNTIPHTFLHLIRK
;
_struct_ref.pdbx_align_begin           2 
_struct_ref.pdbx_db_isoform            ? 
# 
_struct_ref_seq.align_id                      1 
_struct_ref_seq.ref_id                        1 
_struct_ref_seq.pdbx_PDB_id_code              3F0X 
_struct_ref_seq.pdbx_strand_id                X 
_struct_ref_seq.seq_align_beg                 1 
_struct_ref_seq.pdbx_seq_align_beg_ins_code   ? 
_struct_ref_seq.seq_align_end                 157 
_struct_ref_seq.pdbx_seq_align_end_ins_code   ? 
_struct_ref_seq.pdbx_db_accession             Q2YY41 
_struct_ref_seq.db_align_beg                  2 
_struct_ref_seq.pdbx_db_align_beg_ins_code    ? 
_struct_ref_seq.db_align_end                  158 
_struct_ref_seq.pdbx_db_align_end_ins_code    ? 
_struct_ref_seq.pdbx_auth_seq_align_beg       1 
_struct_ref_seq.pdbx_auth_seq_align_end       157 
# 
_struct_ref_seq_dif.align_id                     1 
_struct_ref_seq_dif.pdbx_pdb_id_code             3F0X 
_struct_ref_seq_dif.mon_id                       TYR 
_struct_ref_seq_dif.pdbx_pdb_strand_id           X 
_struct_ref_seq_dif.seq_num                      98 
_struct_ref_seq_dif.pdbx_pdb_ins_code            ? 
_struct_ref_seq_dif.pdbx_seq_db_name             UNP 
_struct_ref_seq_dif.pdbx_seq_db_accession_code   Q2YY41 
_struct_ref_seq_dif.db_mon_id                    PHE 
_struct_ref_seq_dif.pdbx_seq_db_seq_num          99 
_struct_ref_seq_dif.details                      'engineered mutation' 
_struct_ref_seq_dif.pdbx_auth_seq_num            98 
_struct_ref_seq_dif.pdbx_ordinal                 1 
# 
_pdbx_struct_assembly.id                   1 
_pdbx_struct_assembly.details              author_and_software_defined_assembly 
_pdbx_struct_assembly.method_details       PISA 
_pdbx_struct_assembly.oligomeric_details   monomeric 
_pdbx_struct_assembly.oligomeric_count     1 
# 
_pdbx_struct_assembly_gen.assembly_id       1 
_pdbx_struct_assembly_gen.oper_expression   1 
_pdbx_struct_assembly_gen.asym_id_list      A,B,C,D 
# 
_pdbx_struct_oper_list.id                   1 
_pdbx_struct_oper_list.type                 'identity operation' 
_pdbx_struct_oper_list.name                 1_555 
_pdbx_struct_oper_list.symmetry_operation   x,y,z 
_pdbx_struct_oper_list.matrix[1][1]         1.0000000000 
_pdbx_struct_oper_list.matrix[1][2]         0.0000000000 
_pdbx_struct_oper_list.matrix[1][3]         0.0000000000 
_pdbx_struct_oper_list.vector[1]            0.0000000000 
_pdbx_struct_oper_list.matrix[2][1]         0.0000000000 
_pdbx_struct_oper_list.matrix[2][2]         1.0000000000 
_pdbx_struct_oper_list.matrix[2][3]         0.0000000000 
_pdbx_struct_oper_list.vector[2]            0.0000000000 
_pdbx_struct_oper_list.matrix[3][1]         0.0000000000 
_pdbx_struct_oper_list.matrix[3][2]         0.0000000000 
_pdbx_struct_oper_list.matrix[3][3]         1.0000000000 
_pdbx_struct_oper_list.vector[3]            0.0000000000 
# 
_struct_biol.id        1 
_struct_biol.details   ? 
# 
loop_
_struct_conf.conf_type_id 
_struct_conf.id 
_struct_conf.pdbx_PDB_helix_id 
_struct_conf.beg_label_comp_id 
_struct_conf.beg_label_asym_id 
_struct_conf.beg_label_seq_id 
_struct_conf.pdbx_beg_PDB_ins_code 
_struct_conf.end_label_comp_id 
_struct_conf.end_label_asym_id 
_struct_conf.end_label_seq_id 
_struct_conf.pdbx_end_PDB_ins_code 
_struct_conf.beg_auth_comp_id 
_struct_conf.beg_auth_asym_id 
_struct_conf.beg_auth_seq_id 
_struct_conf.end_auth_comp_id 
_struct_conf.end_auth_asym_id 
_struct_conf.end_auth_seq_id 
_struct_conf.pdbx_PDB_helix_class 
_struct_conf.details 
_struct_conf.pdbx_PDB_helix_length 
HELX_P HELX_P1 1 LEU A 24  ? THR A 36  ? LEU X 24  THR X 36  1 ? 13 
HELX_P HELX_P2 2 ARG A 44  ? GLY A 51  ? ARG X 44  GLY X 51  1 ? 8  
HELX_P HELX_P3 3 SER A 78  ? LEU A 85  ? SER X 78  LEU X 85  5 ? 8  
HELX_P HELX_P4 4 GLY A 94  ? ILE A 102 ? GLY X 94  ILE X 102 1 ? 9  
HELX_P HELX_P5 5 THR A 127 ? GLU A 129 ? THR X 127 GLU X 129 5 ? 3  
# 
_struct_conf_type.id          HELX_P 
_struct_conf_type.criteria    ? 
_struct_conf_type.reference   ? 
# 
_struct_mon_prot_cis.pdbx_id                1 
_struct_mon_prot_cis.label_comp_id          GLY 
_struct_mon_prot_cis.label_seq_id           93 
_struct_mon_prot_cis.label_asym_id          A 
_struct_mon_prot_cis.label_alt_id           . 
_struct_mon_prot_cis.pdbx_PDB_ins_code      ? 
_struct_mon_prot_cis.auth_comp_id           GLY 
_struct_mon_prot_cis.auth_seq_id            93 
_struct_mon_prot_cis.auth_asym_id           X 
_struct_mon_prot_cis.pdbx_label_comp_id_2   GLY 
_struct_mon_prot_cis.pdbx_label_seq_id_2    94 
_struct_mon_prot_cis.pdbx_label_asym_id_2   A 
_struct_mon_prot_cis.pdbx_PDB_ins_code_2    ? 
_struct_mon_prot_cis.pdbx_auth_comp_id_2    GLY 
_struct_mon_prot_cis.pdbx_auth_seq_id_2     94 
_struct_mon_prot_cis.pdbx_auth_asym_id_2    X 
_struct_mon_prot_cis.pdbx_PDB_model_num     1 
_struct_mon_prot_cis.pdbx_omega_angle       4.65 
# 
loop_
_struct_sheet.id 
_struct_sheet.type 
_struct_sheet.number_strands 
_struct_sheet.details 
A ? 8 ? 
B ? 2 ? 
# 
loop_
_struct_sheet_order.sheet_id 
_struct_sheet_order.range_id_1 
_struct_sheet_order.range_id_2 
_struct_sheet_order.offset 
_struct_sheet_order.sense 
A 1 2 ? parallel      
A 2 3 ? parallel      
A 3 4 ? parallel      
A 4 5 ? parallel      
A 5 6 ? parallel      
A 6 7 ? anti-parallel 
A 7 8 ? anti-parallel 
B 1 2 ? anti-parallel 
# 
loop_
_struct_sheet_range.sheet_id 
_struct_sheet_range.id 
_struct_sheet_range.beg_label_comp_id 
_struct_sheet_range.beg_label_asym_id 
_struct_sheet_range.beg_label_seq_id 
_struct_sheet_range.pdbx_beg_PDB_ins_code 
_struct_sheet_range.end_label_comp_id 
_struct_sheet_range.end_label_asym_id 
_struct_sheet_range.end_label_seq_id 
_struct_sheet_range.pdbx_end_PDB_ins_code 
_struct_sheet_range.beg_auth_comp_id 
_struct_sheet_range.beg_auth_asym_id 
_struct_sheet_range.beg_auth_seq_id 
_struct_sheet_range.end_auth_comp_id 
_struct_sheet_range.end_auth_asym_id 
_struct_sheet_range.end_auth_seq_id 
A 1 ASP A 74  ? ILE A 76  ? ASP X 74  ILE X 76  
A 2 ARG A 58  ? LEU A 62  ? ARG X 58  LEU X 62  
A 3 THR A 39  ? GLY A 43  ? THR X 39  GLY X 43  
A 4 VAL A 89  ? GLY A 93  ? VAL X 89  GLY X 93  
A 5 LEU A 2   ? ASP A 9   ? LEU X 2   ASP X 9   
A 6 ASP A 107 ? ILE A 113 ? ASP X 107 ILE X 113 
A 7 HIS A 149 ? ARG A 156 ? HIS X 149 ARG X 156 
A 8 TRP A 131 ? GLU A 138 ? TRP X 131 GLU X 138 
B 1 VAL A 13  ? GLY A 15  ? VAL X 13  GLY X 15  
B 2 THR A 121 ? PHE A 122 ? THR X 121 PHE X 122 
# 
loop_
_pdbx_struct_sheet_hbond.sheet_id 
_pdbx_struct_sheet_hbond.range_id_1 
_pdbx_struct_sheet_hbond.range_id_2 
_pdbx_struct_sheet_hbond.range_1_label_atom_id 
_pdbx_struct_sheet_hbond.range_1_label_comp_id 
_pdbx_struct_sheet_hbond.range_1_label_asym_id 
_pdbx_struct_sheet_hbond.range_1_label_seq_id 
_pdbx_struct_sheet_hbond.range_1_PDB_ins_code 
_pdbx_struct_sheet_hbond.range_1_auth_atom_id 
_pdbx_struct_sheet_hbond.range_1_auth_comp_id 
_pdbx_struct_sheet_hbond.range_1_auth_asym_id 
_pdbx_struct_sheet_hbond.range_1_auth_seq_id 
_pdbx_struct_sheet_hbond.range_2_label_atom_id 
_pdbx_struct_sheet_hbond.range_2_label_comp_id 
_pdbx_struct_sheet_hbond.range_2_label_asym_id 
_pdbx_struct_sheet_hbond.range_2_label_seq_id 
_pdbx_struct_sheet_hbond.range_2_PDB_ins_code 
_pdbx_struct_sheet_hbond.range_2_auth_atom_id 
_pdbx_struct_sheet_hbond.range_2_auth_comp_id 
_pdbx_struct_sheet_hbond.range_2_auth_asym_id 
_pdbx_struct_sheet_hbond.range_2_auth_seq_id 
A 1 2 O ASP A 74  ? O ASP X 74  N VAL A 61  ? N VAL X 61  
A 2 3 O VAL A 60  ? O VAL X 60  N LEU A 40  ? N LEU X 40  
A 3 4 N THR A 39  ? N THR X 39  O PHE A 90  ? O PHE X 90  
A 4 5 O ILE A 91  ? O ILE X 91  N SER A 3   ? N SER X 3   
A 5 6 N VAL A 6   ? N VAL X 6   O THR A 111 ? O THR X 111 
A 6 7 N ILE A 110 ? N ILE X 110 O LEU A 152 ? O LEU X 152 
A 7 8 O ILE A 155 ? O ILE X 155 N GLU A 132 ? N GLU X 132 
B 1 2 N ILE A 14  ? N ILE X 14  O THR A 121 ? O THR X 121 
# 
loop_
_struct_site.id 
_struct_site.pdbx_evidence_code 
_struct_site.pdbx_auth_asym_id 
_struct_site.pdbx_auth_comp_id 
_struct_site.pdbx_auth_seq_id 
_struct_site.pdbx_auth_ins_code 
_struct_site.pdbx_num_residues 
_struct_site.details 
AC1 Software X NDP 207 ? 26 'BINDING SITE FOR RESIDUE NDP X 207' 
AC2 Software X 53T 158 ? 15 'BINDING SITE FOR RESIDUE 53T X 158' 
# 
loop_
_struct_site_gen.id 
_struct_site_gen.site_id 
_struct_site_gen.pdbx_num_res 
_struct_site_gen.label_comp_id 
_struct_site_gen.label_asym_id 
_struct_site_gen.label_seq_id 
_struct_site_gen.pdbx_auth_ins_code 
_struct_site_gen.auth_comp_id 
_struct_site_gen.auth_asym_id 
_struct_site_gen.auth_seq_id 
_struct_site_gen.label_atom_id 
_struct_site_gen.label_alt_id 
_struct_site_gen.symmetry 
_struct_site_gen.details 
1  AC1 26 VAL A 6   ? VAL X 6   . ? 1_555  ? 
2  AC1 26 ALA A 7   ? ALA X 7   . ? 1_555  ? 
3  AC1 26 ILE A 14  ? ILE X 14  . ? 1_555  ? 
4  AC1 26 ASN A 18  ? ASN X 18  . ? 1_555  ? 
5  AC1 26 GLN A 19  ? GLN X 19  . ? 1_555  ? 
6  AC1 26 LEU A 20  ? LEU X 20  . ? 1_555  ? 
7  AC1 26 GLY A 43  ? GLY X 43  . ? 1_555  ? 
8  AC1 26 ARG A 44  ? ARG X 44  . ? 1_555  ? 
9  AC1 26 LYS A 45  ? LYS X 45  . ? 1_555  ? 
10 AC1 26 THR A 46  ? THR X 46  . ? 1_555  ? 
11 AC1 26 LEU A 62  ? LEU X 62  . ? 1_555  ? 
12 AC1 26 THR A 63  ? THR X 63  . ? 1_555  ? 
13 AC1 26 SER A 64  ? SER X 64  . ? 1_555  ? 
14 AC1 26 SER A 67  ? SER X 67  . ? 10_445 ? 
15 AC1 26 HIS A 77  ? HIS X 77  . ? 1_555  ? 
16 AC1 26 PHE A 92  ? PHE X 92  . ? 1_555  ? 
17 AC1 26 GLY A 93  ? GLY X 93  . ? 1_555  ? 
18 AC1 26 GLY A 94  ? GLY X 94  . ? 1_555  ? 
19 AC1 26 GLN A 95  ? GLN X 95  . ? 1_555  ? 
20 AC1 26 THR A 96  ? THR X 96  . ? 1_555  ? 
21 AC1 26 LEU A 97  ? LEU X 97  . ? 1_555  ? 
22 AC1 26 TYR A 98  ? TYR X 98  . ? 1_555  ? 
23 AC1 26 GLU A 100 ? GLU X 100 . ? 1_555  ? 
24 AC1 26 THR A 121 ? THR X 121 . ? 1_555  ? 
25 AC1 26 53T C .   ? 53T X 158 . ? 1_555  ? 
26 AC1 26 HOH D .   ? HOH X 164 . ? 1_555  ? 
27 AC2 15 LEU A 5   ? LEU X 5   . ? 1_555  ? 
28 AC2 15 VAL A 6   ? VAL X 6   . ? 1_555  ? 
29 AC2 15 ALA A 7   ? ALA X 7   . ? 1_555  ? 
30 AC2 15 ASN A 18  ? ASN X 18  . ? 1_555  ? 
31 AC2 15 LEU A 20  ? LEU X 20  . ? 1_555  ? 
32 AC2 15 ASP A 27  ? ASP X 27  . ? 1_555  ? 
33 AC2 15 LEU A 28  ? LEU X 28  . ? 1_555  ? 
34 AC2 15 VAL A 31  ? VAL X 31  . ? 1_555  ? 
35 AC2 15 THR A 46  ? THR X 46  . ? 1_555  ? 
36 AC2 15 ILE A 50  ? ILE X 50  . ? 1_555  ? 
37 AC2 15 LYS A 52  ? LYS X 52  . ? 1_555  ? 
38 AC2 15 LEU A 54  ? LEU X 54  . ? 1_555  ? 
39 AC2 15 PHE A 92  ? PHE X 92  . ? 1_555  ? 
40 AC2 15 THR A 111 ? THR X 111 . ? 1_555  ? 
41 AC2 15 NDP B .   ? NDP X 207 . ? 1_555  ? 
# 
loop_
_pdbx_validate_torsion.id 
_pdbx_validate_torsion.PDB_model_num 
_pdbx_validate_torsion.auth_comp_id 
_pdbx_validate_torsion.auth_asym_id 
_pdbx_validate_torsion.auth_seq_id 
_pdbx_validate_torsion.PDB_ins_code 
_pdbx_validate_torsion.label_alt_id 
_pdbx_validate_torsion.phi 
_pdbx_validate_torsion.psi 
1 1 HIS X 38  ? ? -119.58 -161.61 
2 1 GLU X 129 ? ? -68.25  4.42    
# 
_pdbx_validate_peptide_omega.id               1 
_pdbx_validate_peptide_omega.PDB_model_num    1 
_pdbx_validate_peptide_omega.auth_comp_id_1   ASP 
_pdbx_validate_peptide_omega.auth_asym_id_1   X 
_pdbx_validate_peptide_omega.auth_seq_id_1    106 
_pdbx_validate_peptide_omega.PDB_ins_code_1   ? 
_pdbx_validate_peptide_omega.label_alt_id_1   ? 
_pdbx_validate_peptide_omega.auth_comp_id_2   ASP 
_pdbx_validate_peptide_omega.auth_asym_id_2   X 
_pdbx_validate_peptide_omega.auth_seq_id_2    107 
_pdbx_validate_peptide_omega.PDB_ins_code_2   ? 
_pdbx_validate_peptide_omega.label_alt_id_2   ? 
_pdbx_validate_peptide_omega.omega            -143.47 
# 
loop_
_chem_comp_atom.comp_id 
_chem_comp_atom.atom_id 
_chem_comp_atom.type_symbol 
_chem_comp_atom.pdbx_aromatic_flag 
_chem_comp_atom.pdbx_stereo_config 
_chem_comp_atom.pdbx_ordinal 
53T N2   N Y N 1   
53T C8   C N N 2   
53T C10  C N N 3   
53T C11  C N N 4   
53T C12  C N S 5   
53T C13  C N N 6   
53T C1   C Y N 7   
53T C2   C N N 8   
53T C3   C Y N 9   
53T C5   C Y N 10  
53T C6   C Y N 11  
53T C26  C N N 12  
53T C21  C Y N 13  
53T C20  C Y N 14  
53T C22  C Y N 15  
53T C23  C Y N 16  
53T C27  C N N 17  
53T C24  C Y N 18  
53T C25  C Y N 19  
53T C18  C Y N 20  
53T C19  C Y N 21  
53T C17  C Y N 22  
53T C16  C Y N 23  
53T O17  O N N 24  
53T C15  C Y N 25  
53T C14  C Y N 26  
53T N4   N Y N 27  
53T N7   N N N 28  
53T N9   N N N 29  
53T H8   H N N 30  
53T H8A  H N N 31  
53T H8B  H N N 32  
53T H12  H N N 33  
53T H13  H N N 34  
53T H13A H N N 35  
53T H13B H N N 36  
53T H2   H N N 37  
53T H2A  H N N 38  
53T H2B  H N N 39  
53T H26  H N N 40  
53T H26A H N N 41  
53T H26B H N N 42  
53T H20  H N N 43  
53T H22  H N N 44  
53T H27  H N N 45  
53T H27A H N N 46  
53T H27B H N N 47  
53T H24  H N N 48  
53T H19  H N N 49  
53T H17  H N N 50  
53T H15  H N N 51  
53T HN7  H N N 52  
53T HN7A H N N 53  
53T HN9  H N N 54  
53T HN9A H N N 55  
ALA N    N N N 56  
ALA CA   C N S 57  
ALA C    C N N 58  
ALA O    O N N 59  
ALA CB   C N N 60  
ALA OXT  O N N 61  
ALA H    H N N 62  
ALA H2   H N N 63  
ALA HA   H N N 64  
ALA HB1  H N N 65  
ALA HB2  H N N 66  
ALA HB3  H N N 67  
ALA HXT  H N N 68  
ARG N    N N N 69  
ARG CA   C N S 70  
ARG C    C N N 71  
ARG O    O N N 72  
ARG CB   C N N 73  
ARG CG   C N N 74  
ARG CD   C N N 75  
ARG NE   N N N 76  
ARG CZ   C N N 77  
ARG NH1  N N N 78  
ARG NH2  N N N 79  
ARG OXT  O N N 80  
ARG H    H N N 81  
ARG H2   H N N 82  
ARG HA   H N N 83  
ARG HB2  H N N 84  
ARG HB3  H N N 85  
ARG HG2  H N N 86  
ARG HG3  H N N 87  
ARG HD2  H N N 88  
ARG HD3  H N N 89  
ARG HE   H N N 90  
ARG HH11 H N N 91  
ARG HH12 H N N 92  
ARG HH21 H N N 93  
ARG HH22 H N N 94  
ARG HXT  H N N 95  
ASN N    N N N 96  
ASN CA   C N S 97  
ASN C    C N N 98  
ASN O    O N N 99  
ASN CB   C N N 100 
ASN CG   C N N 101 
ASN OD1  O N N 102 
ASN ND2  N N N 103 
ASN OXT  O N N 104 
ASN H    H N N 105 
ASN H2   H N N 106 
ASN HA   H N N 107 
ASN HB2  H N N 108 
ASN HB3  H N N 109 
ASN HD21 H N N 110 
ASN HD22 H N N 111 
ASN HXT  H N N 112 
ASP N    N N N 113 
ASP CA   C N S 114 
ASP C    C N N 115 
ASP O    O N N 116 
ASP CB   C N N 117 
ASP CG   C N N 118 
ASP OD1  O N N 119 
ASP OD2  O N N 120 
ASP OXT  O N N 121 
ASP H    H N N 122 
ASP H2   H N N 123 
ASP HA   H N N 124 
ASP HB2  H N N 125 
ASP HB3  H N N 126 
ASP HD2  H N N 127 
ASP HXT  H N N 128 
GLN N    N N N 129 
GLN CA   C N S 130 
GLN C    C N N 131 
GLN O    O N N 132 
GLN CB   C N N 133 
GLN CG   C N N 134 
GLN CD   C N N 135 
GLN OE1  O N N 136 
GLN NE2  N N N 137 
GLN OXT  O N N 138 
GLN H    H N N 139 
GLN H2   H N N 140 
GLN HA   H N N 141 
GLN HB2  H N N 142 
GLN HB3  H N N 143 
GLN HG2  H N N 144 
GLN HG3  H N N 145 
GLN HE21 H N N 146 
GLN HE22 H N N 147 
GLN HXT  H N N 148 
GLU N    N N N 149 
GLU CA   C N S 150 
GLU C    C N N 151 
GLU O    O N N 152 
GLU CB   C N N 153 
GLU CG   C N N 154 
GLU CD   C N N 155 
GLU OE1  O N N 156 
GLU OE2  O N N 157 
GLU OXT  O N N 158 
GLU H    H N N 159 
GLU H2   H N N 160 
GLU HA   H N N 161 
GLU HB2  H N N 162 
GLU HB3  H N N 163 
GLU HG2  H N N 164 
GLU HG3  H N N 165 
GLU HE2  H N N 166 
GLU HXT  H N N 167 
GLY N    N N N 168 
GLY CA   C N N 169 
GLY C    C N N 170 
GLY O    O N N 171 
GLY OXT  O N N 172 
GLY H    H N N 173 
GLY H2   H N N 174 
GLY HA2  H N N 175 
GLY HA3  H N N 176 
GLY HXT  H N N 177 
HIS N    N N N 178 
HIS CA   C N S 179 
HIS C    C N N 180 
HIS O    O N N 181 
HIS CB   C N N 182 
HIS CG   C Y N 183 
HIS ND1  N Y N 184 
HIS CD2  C Y N 185 
HIS CE1  C Y N 186 
HIS NE2  N Y N 187 
HIS OXT  O N N 188 
HIS H    H N N 189 
HIS H2   H N N 190 
HIS HA   H N N 191 
HIS HB2  H N N 192 
HIS HB3  H N N 193 
HIS HD1  H N N 194 
HIS HD2  H N N 195 
HIS HE1  H N N 196 
HIS HE2  H N N 197 
HIS HXT  H N N 198 
HOH O    O N N 199 
HOH H1   H N N 200 
HOH H2   H N N 201 
ILE N    N N N 202 
ILE CA   C N S 203 
ILE C    C N N 204 
ILE O    O N N 205 
ILE CB   C N S 206 
ILE CG1  C N N 207 
ILE CG2  C N N 208 
ILE CD1  C N N 209 
ILE OXT  O N N 210 
ILE H    H N N 211 
ILE H2   H N N 212 
ILE HA   H N N 213 
ILE HB   H N N 214 
ILE HG12 H N N 215 
ILE HG13 H N N 216 
ILE HG21 H N N 217 
ILE HG22 H N N 218 
ILE HG23 H N N 219 
ILE HD11 H N N 220 
ILE HD12 H N N 221 
ILE HD13 H N N 222 
ILE HXT  H N N 223 
LEU N    N N N 224 
LEU CA   C N S 225 
LEU C    C N N 226 
LEU O    O N N 227 
LEU CB   C N N 228 
LEU CG   C N N 229 
LEU CD1  C N N 230 
LEU CD2  C N N 231 
LEU OXT  O N N 232 
LEU H    H N N 233 
LEU H2   H N N 234 
LEU HA   H N N 235 
LEU HB2  H N N 236 
LEU HB3  H N N 237 
LEU HG   H N N 238 
LEU HD11 H N N 239 
LEU HD12 H N N 240 
LEU HD13 H N N 241 
LEU HD21 H N N 242 
LEU HD22 H N N 243 
LEU HD23 H N N 244 
LEU HXT  H N N 245 
LYS N    N N N 246 
LYS CA   C N S 247 
LYS C    C N N 248 
LYS O    O N N 249 
LYS CB   C N N 250 
LYS CG   C N N 251 
LYS CD   C N N 252 
LYS CE   C N N 253 
LYS NZ   N N N 254 
LYS OXT  O N N 255 
LYS H    H N N 256 
LYS H2   H N N 257 
LYS HA   H N N 258 
LYS HB2  H N N 259 
LYS HB3  H N N 260 
LYS HG2  H N N 261 
LYS HG3  H N N 262 
LYS HD2  H N N 263 
LYS HD3  H N N 264 
LYS HE2  H N N 265 
LYS HE3  H N N 266 
LYS HZ1  H N N 267 
LYS HZ2  H N N 268 
LYS HZ3  H N N 269 
LYS HXT  H N N 270 
MET N    N N N 271 
MET CA   C N S 272 
MET C    C N N 273 
MET O    O N N 274 
MET CB   C N N 275 
MET CG   C N N 276 
MET SD   S N N 277 
MET CE   C N N 278 
MET OXT  O N N 279 
MET H    H N N 280 
MET H2   H N N 281 
MET HA   H N N 282 
MET HB2  H N N 283 
MET HB3  H N N 284 
MET HG2  H N N 285 
MET HG3  H N N 286 
MET HE1  H N N 287 
MET HE2  H N N 288 
MET HE3  H N N 289 
MET HXT  H N N 290 
NDP PA   P N S 291 
NDP O1A  O N N 292 
NDP O2A  O N N 293 
NDP O5B  O N N 294 
NDP C5B  C N N 295 
NDP C4B  C N R 296 
NDP O4B  O N N 297 
NDP C3B  C N R 298 
NDP O3B  O N N 299 
NDP C2B  C N R 300 
NDP O2B  O N N 301 
NDP C1B  C N R 302 
NDP N9A  N Y N 303 
NDP C8A  C Y N 304 
NDP N7A  N Y N 305 
NDP C5A  C Y N 306 
NDP C6A  C Y N 307 
NDP N6A  N N N 308 
NDP N1A  N Y N 309 
NDP C2A  C Y N 310 
NDP N3A  N Y N 311 
NDP C4A  C Y N 312 
NDP O3   O N N 313 
NDP PN   P N S 314 
NDP O1N  O N N 315 
NDP O2N  O N N 316 
NDP O5D  O N N 317 
NDP C5D  C N N 318 
NDP C4D  C N R 319 
NDP O4D  O N N 320 
NDP C3D  C N S 321 
NDP O3D  O N N 322 
NDP C2D  C N R 323 
NDP O2D  O N N 324 
NDP C1D  C N R 325 
NDP N1N  N N N 326 
NDP C2N  C N N 327 
NDP C3N  C N N 328 
NDP C7N  C N N 329 
NDP O7N  O N N 330 
NDP N7N  N N N 331 
NDP C4N  C N N 332 
NDP C5N  C N N 333 
NDP C6N  C N N 334 
NDP P2B  P N N 335 
NDP O1X  O N N 336 
NDP O2X  O N N 337 
NDP O3X  O N N 338 
NDP HOA2 H N N 339 
NDP H51A H N N 340 
NDP H52A H N N 341 
NDP H4B  H N N 342 
NDP H3B  H N N 343 
NDP HO3A H N N 344 
NDP H2B  H N N 345 
NDP H1B  H N N 346 
NDP H8A  H N N 347 
NDP H61A H N N 348 
NDP H62A H N N 349 
NDP H2A  H N N 350 
NDP H21N H N N 351 
NDP H51N H N N 352 
NDP H52N H N N 353 
NDP H4D  H N N 354 
NDP H3D  H N N 355 
NDP HO3N H N N 356 
NDP H2D  H N N 357 
NDP HO2N H N N 358 
NDP H1D  H N N 359 
NDP H2N  H N N 360 
NDP H71N H N N 361 
NDP H72N H N N 362 
NDP H41N H N N 363 
NDP H42N H N N 364 
NDP H5N  H N N 365 
NDP H6N  H N N 366 
NDP HOP2 H N N 367 
NDP HOP3 H N N 368 
PHE N    N N N 369 
PHE CA   C N S 370 
PHE C    C N N 371 
PHE O    O N N 372 
PHE CB   C N N 373 
PHE CG   C Y N 374 
PHE CD1  C Y N 375 
PHE CD2  C Y N 376 
PHE CE1  C Y N 377 
PHE CE2  C Y N 378 
PHE CZ   C Y N 379 
PHE OXT  O N N 380 
PHE H    H N N 381 
PHE H2   H N N 382 
PHE HA   H N N 383 
PHE HB2  H N N 384 
PHE HB3  H N N 385 
PHE HD1  H N N 386 
PHE HD2  H N N 387 
PHE HE1  H N N 388 
PHE HE2  H N N 389 
PHE HZ   H N N 390 
PHE HXT  H N N 391 
PRO N    N N N 392 
PRO CA   C N S 393 
PRO C    C N N 394 
PRO O    O N N 395 
PRO CB   C N N 396 
PRO CG   C N N 397 
PRO CD   C N N 398 
PRO OXT  O N N 399 
PRO H    H N N 400 
PRO HA   H N N 401 
PRO HB2  H N N 402 
PRO HB3  H N N 403 
PRO HG2  H N N 404 
PRO HG3  H N N 405 
PRO HD2  H N N 406 
PRO HD3  H N N 407 
PRO HXT  H N N 408 
SER N    N N N 409 
SER CA   C N S 410 
SER C    C N N 411 
SER O    O N N 412 
SER CB   C N N 413 
SER OG   O N N 414 
SER OXT  O N N 415 
SER H    H N N 416 
SER H2   H N N 417 
SER HA   H N N 418 
SER HB2  H N N 419 
SER HB3  H N N 420 
SER HG   H N N 421 
SER HXT  H N N 422 
THR N    N N N 423 
THR CA   C N S 424 
THR C    C N N 425 
THR O    O N N 426 
THR CB   C N R 427 
THR OG1  O N N 428 
THR CG2  C N N 429 
THR OXT  O N N 430 
THR H    H N N 431 
THR H2   H N N 432 
THR HA   H N N 433 
THR HB   H N N 434 
THR HG1  H N N 435 
THR HG21 H N N 436 
THR HG22 H N N 437 
THR HG23 H N N 438 
THR HXT  H N N 439 
TRP N    N N N 440 
TRP CA   C N S 441 
TRP C    C N N 442 
TRP O    O N N 443 
TRP CB   C N N 444 
TRP CG   C Y N 445 
TRP CD1  C Y N 446 
TRP CD2  C Y N 447 
TRP NE1  N Y N 448 
TRP CE2  C Y N 449 
TRP CE3  C Y N 450 
TRP CZ2  C Y N 451 
TRP CZ3  C Y N 452 
TRP CH2  C Y N 453 
TRP OXT  O N N 454 
TRP H    H N N 455 
TRP H2   H N N 456 
TRP HA   H N N 457 
TRP HB2  H N N 458 
TRP HB3  H N N 459 
TRP HD1  H N N 460 
TRP HE1  H N N 461 
TRP HE3  H N N 462 
TRP HZ2  H N N 463 
TRP HZ3  H N N 464 
TRP HH2  H N N 465 
TRP HXT  H N N 466 
TYR N    N N N 467 
TYR CA   C N S 468 
TYR C    C N N 469 
TYR O    O N N 470 
TYR CB   C N N 471 
TYR CG   C Y N 472 
TYR CD1  C Y N 473 
TYR CD2  C Y N 474 
TYR CE1  C Y N 475 
TYR CE2  C Y N 476 
TYR CZ   C Y N 477 
TYR OH   O N N 478 
TYR OXT  O N N 479 
TYR H    H N N 480 
TYR H2   H N N 481 
TYR HA   H N N 482 
TYR HB2  H N N 483 
TYR HB3  H N N 484 
TYR HD1  H N N 485 
TYR HD2  H N N 486 
TYR HE1  H N N 487 
TYR HE2  H N N 488 
TYR HH   H N N 489 
TYR HXT  H N N 490 
VAL N    N N N 491 
VAL CA   C N S 492 
VAL C    C N N 493 
VAL O    O N N 494 
VAL CB   C N N 495 
VAL CG1  C N N 496 
VAL CG2  C N N 497 
VAL OXT  O N N 498 
VAL H    H N N 499 
VAL H2   H N N 500 
VAL HA   H N N 501 
VAL HB   H N N 502 
VAL HG11 H N N 503 
VAL HG12 H N N 504 
VAL HG13 H N N 505 
VAL HG21 H N N 506 
VAL HG22 H N N 507 
VAL HG23 H N N 508 
VAL HXT  H N N 509 
# 
loop_
_chem_comp_bond.comp_id 
_chem_comp_bond.atom_id_1 
_chem_comp_bond.atom_id_2 
_chem_comp_bond.value_order 
_chem_comp_bond.pdbx_aromatic_flag 
_chem_comp_bond.pdbx_stereo_config 
_chem_comp_bond.pdbx_ordinal 
53T N2  C1   doub Y N 1   
53T N2  C3   sing Y N 2   
53T C8  C5   sing N N 3   
53T C10 C11  trip N N 4   
53T C10 C6   sing N N 5   
53T C11 C12  sing N N 6   
53T C12 C13  sing N N 7   
53T C12 C14  sing N N 8   
53T C1  C6   sing Y N 9   
53T C1  N9   sing N N 10  
53T C2  O17  sing N N 11  
53T C3  N4   doub Y N 12  
53T C3  N7   sing N N 13  
53T C5  C6   doub Y N 14  
53T C5  N4   sing Y N 15  
53T C26 C21  sing N N 16  
53T C21 C20  doub Y N 17  
53T C21 C22  sing Y N 18  
53T C20 C25  sing Y N 19  
53T C22 C23  doub Y N 20  
53T C23 C27  sing N N 21  
53T C23 C24  sing Y N 22  
53T C24 C25  doub Y N 23  
53T C25 C18  sing Y N 24  
53T C18 C19  doub Y N 25  
53T C18 C17  sing Y N 26  
53T C19 C14  sing Y N 27  
53T C17 C16  doub Y N 28  
53T C16 O17  sing N N 29  
53T C16 C15  sing Y N 30  
53T C15 C14  doub Y N 31  
53T C8  H8   sing N N 32  
53T C8  H8A  sing N N 33  
53T C8  H8B  sing N N 34  
53T C12 H12  sing N N 35  
53T C13 H13  sing N N 36  
53T C13 H13A sing N N 37  
53T C13 H13B sing N N 38  
53T C2  H2   sing N N 39  
53T C2  H2A  sing N N 40  
53T C2  H2B  sing N N 41  
53T C26 H26  sing N N 42  
53T C26 H26A sing N N 43  
53T C26 H26B sing N N 44  
53T C20 H20  sing N N 45  
53T C22 H22  sing N N 46  
53T C27 H27  sing N N 47  
53T C27 H27A sing N N 48  
53T C27 H27B sing N N 49  
53T C24 H24  sing N N 50  
53T C19 H19  sing N N 51  
53T C17 H17  sing N N 52  
53T C15 H15  sing N N 53  
53T N7  HN7  sing N N 54  
53T N7  HN7A sing N N 55  
53T N9  HN9  sing N N 56  
53T N9  HN9A sing N N 57  
ALA N   CA   sing N N 58  
ALA N   H    sing N N 59  
ALA N   H2   sing N N 60  
ALA CA  C    sing N N 61  
ALA CA  CB   sing N N 62  
ALA CA  HA   sing N N 63  
ALA C   O    doub N N 64  
ALA C   OXT  sing N N 65  
ALA CB  HB1  sing N N 66  
ALA CB  HB2  sing N N 67  
ALA CB  HB3  sing N N 68  
ALA OXT HXT  sing N N 69  
ARG N   CA   sing N N 70  
ARG N   H    sing N N 71  
ARG N   H2   sing N N 72  
ARG CA  C    sing N N 73  
ARG CA  CB   sing N N 74  
ARG CA  HA   sing N N 75  
ARG C   O    doub N N 76  
ARG C   OXT  sing N N 77  
ARG CB  CG   sing N N 78  
ARG CB  HB2  sing N N 79  
ARG CB  HB3  sing N N 80  
ARG CG  CD   sing N N 81  
ARG CG  HG2  sing N N 82  
ARG CG  HG3  sing N N 83  
ARG CD  NE   sing N N 84  
ARG CD  HD2  sing N N 85  
ARG CD  HD3  sing N N 86  
ARG NE  CZ   sing N N 87  
ARG NE  HE   sing N N 88  
ARG CZ  NH1  sing N N 89  
ARG CZ  NH2  doub N N 90  
ARG NH1 HH11 sing N N 91  
ARG NH1 HH12 sing N N 92  
ARG NH2 HH21 sing N N 93  
ARG NH2 HH22 sing N N 94  
ARG OXT HXT  sing N N 95  
ASN N   CA   sing N N 96  
ASN N   H    sing N N 97  
ASN N   H2   sing N N 98  
ASN CA  C    sing N N 99  
ASN CA  CB   sing N N 100 
ASN CA  HA   sing N N 101 
ASN C   O    doub N N 102 
ASN C   OXT  sing N N 103 
ASN CB  CG   sing N N 104 
ASN CB  HB2  sing N N 105 
ASN CB  HB3  sing N N 106 
ASN CG  OD1  doub N N 107 
ASN CG  ND2  sing N N 108 
ASN ND2 HD21 sing N N 109 
ASN ND2 HD22 sing N N 110 
ASN OXT HXT  sing N N 111 
ASP N   CA   sing N N 112 
ASP N   H    sing N N 113 
ASP N   H2   sing N N 114 
ASP CA  C    sing N N 115 
ASP CA  CB   sing N N 116 
ASP CA  HA   sing N N 117 
ASP C   O    doub N N 118 
ASP C   OXT  sing N N 119 
ASP CB  CG   sing N N 120 
ASP CB  HB2  sing N N 121 
ASP CB  HB3  sing N N 122 
ASP CG  OD1  doub N N 123 
ASP CG  OD2  sing N N 124 
ASP OD2 HD2  sing N N 125 
ASP OXT HXT  sing N N 126 
GLN N   CA   sing N N 127 
GLN N   H    sing N N 128 
GLN N   H2   sing N N 129 
GLN CA  C    sing N N 130 
GLN CA  CB   sing N N 131 
GLN CA  HA   sing N N 132 
GLN C   O    doub N N 133 
GLN C   OXT  sing N N 134 
GLN CB  CG   sing N N 135 
GLN CB  HB2  sing N N 136 
GLN CB  HB3  sing N N 137 
GLN CG  CD   sing N N 138 
GLN CG  HG2  sing N N 139 
GLN CG  HG3  sing N N 140 
GLN CD  OE1  doub N N 141 
GLN CD  NE2  sing N N 142 
GLN NE2 HE21 sing N N 143 
GLN NE2 HE22 sing N N 144 
GLN OXT HXT  sing N N 145 
GLU N   CA   sing N N 146 
GLU N   H    sing N N 147 
GLU N   H2   sing N N 148 
GLU CA  C    sing N N 149 
GLU CA  CB   sing N N 150 
GLU CA  HA   sing N N 151 
GLU C   O    doub N N 152 
GLU C   OXT  sing N N 153 
GLU CB  CG   sing N N 154 
GLU CB  HB2  sing N N 155 
GLU CB  HB3  sing N N 156 
GLU CG  CD   sing N N 157 
GLU CG  HG2  sing N N 158 
GLU CG  HG3  sing N N 159 
GLU CD  OE1  doub N N 160 
GLU CD  OE2  sing N N 161 
GLU OE2 HE2  sing N N 162 
GLU OXT HXT  sing N N 163 
GLY N   CA   sing N N 164 
GLY N   H    sing N N 165 
GLY N   H2   sing N N 166 
GLY CA  C    sing N N 167 
GLY CA  HA2  sing N N 168 
GLY CA  HA3  sing N N 169 
GLY C   O    doub N N 170 
GLY C   OXT  sing N N 171 
GLY OXT HXT  sing N N 172 
HIS N   CA   sing N N 173 
HIS N   H    sing N N 174 
HIS N   H2   sing N N 175 
HIS CA  C    sing N N 176 
HIS CA  CB   sing N N 177 
HIS CA  HA   sing N N 178 
HIS C   O    doub N N 179 
HIS C   OXT  sing N N 180 
HIS CB  CG   sing N N 181 
HIS CB  HB2  sing N N 182 
HIS CB  HB3  sing N N 183 
HIS CG  ND1  sing Y N 184 
HIS CG  CD2  doub Y N 185 
HIS ND1 CE1  doub Y N 186 
HIS ND1 HD1  sing N N 187 
HIS CD2 NE2  sing Y N 188 
HIS CD2 HD2  sing N N 189 
HIS CE1 NE2  sing Y N 190 
HIS CE1 HE1  sing N N 191 
HIS NE2 HE2  sing N N 192 
HIS OXT HXT  sing N N 193 
HOH O   H1   sing N N 194 
HOH O   H2   sing N N 195 
ILE N   CA   sing N N 196 
ILE N   H    sing N N 197 
ILE N   H2   sing N N 198 
ILE CA  C    sing N N 199 
ILE CA  CB   sing N N 200 
ILE CA  HA   sing N N 201 
ILE C   O    doub N N 202 
ILE C   OXT  sing N N 203 
ILE CB  CG1  sing N N 204 
ILE CB  CG2  sing N N 205 
ILE CB  HB   sing N N 206 
ILE CG1 CD1  sing N N 207 
ILE CG1 HG12 sing N N 208 
ILE CG1 HG13 sing N N 209 
ILE CG2 HG21 sing N N 210 
ILE CG2 HG22 sing N N 211 
ILE CG2 HG23 sing N N 212 
ILE CD1 HD11 sing N N 213 
ILE CD1 HD12 sing N N 214 
ILE CD1 HD13 sing N N 215 
ILE OXT HXT  sing N N 216 
LEU N   CA   sing N N 217 
LEU N   H    sing N N 218 
LEU N   H2   sing N N 219 
LEU CA  C    sing N N 220 
LEU CA  CB   sing N N 221 
LEU CA  HA   sing N N 222 
LEU C   O    doub N N 223 
LEU C   OXT  sing N N 224 
LEU CB  CG   sing N N 225 
LEU CB  HB2  sing N N 226 
LEU CB  HB3  sing N N 227 
LEU CG  CD1  sing N N 228 
LEU CG  CD2  sing N N 229 
LEU CG  HG   sing N N 230 
LEU CD1 HD11 sing N N 231 
LEU CD1 HD12 sing N N 232 
LEU CD1 HD13 sing N N 233 
LEU CD2 HD21 sing N N 234 
LEU CD2 HD22 sing N N 235 
LEU CD2 HD23 sing N N 236 
LEU OXT HXT  sing N N 237 
LYS N   CA   sing N N 238 
LYS N   H    sing N N 239 
LYS N   H2   sing N N 240 
LYS CA  C    sing N N 241 
LYS CA  CB   sing N N 242 
LYS CA  HA   sing N N 243 
LYS C   O    doub N N 244 
LYS C   OXT  sing N N 245 
LYS CB  CG   sing N N 246 
LYS CB  HB2  sing N N 247 
LYS CB  HB3  sing N N 248 
LYS CG  CD   sing N N 249 
LYS CG  HG2  sing N N 250 
LYS CG  HG3  sing N N 251 
LYS CD  CE   sing N N 252 
LYS CD  HD2  sing N N 253 
LYS CD  HD3  sing N N 254 
LYS CE  NZ   sing N N 255 
LYS CE  HE2  sing N N 256 
LYS CE  HE3  sing N N 257 
LYS NZ  HZ1  sing N N 258 
LYS NZ  HZ2  sing N N 259 
LYS NZ  HZ3  sing N N 260 
LYS OXT HXT  sing N N 261 
MET N   CA   sing N N 262 
MET N   H    sing N N 263 
MET N   H2   sing N N 264 
MET CA  C    sing N N 265 
MET CA  CB   sing N N 266 
MET CA  HA   sing N N 267 
MET C   O    doub N N 268 
MET C   OXT  sing N N 269 
MET CB  CG   sing N N 270 
MET CB  HB2  sing N N 271 
MET CB  HB3  sing N N 272 
MET CG  SD   sing N N 273 
MET CG  HG2  sing N N 274 
MET CG  HG3  sing N N 275 
MET SD  CE   sing N N 276 
MET CE  HE1  sing N N 277 
MET CE  HE2  sing N N 278 
MET CE  HE3  sing N N 279 
MET OXT HXT  sing N N 280 
NDP PA  O1A  doub N N 281 
NDP PA  O2A  sing N N 282 
NDP PA  O5B  sing N N 283 
NDP PA  O3   sing N N 284 
NDP O2A HOA2 sing N N 285 
NDP O5B C5B  sing N N 286 
NDP C5B C4B  sing N N 287 
NDP C5B H51A sing N N 288 
NDP C5B H52A sing N N 289 
NDP C4B O4B  sing N N 290 
NDP C4B C3B  sing N N 291 
NDP C4B H4B  sing N N 292 
NDP O4B C1B  sing N N 293 
NDP C3B O3B  sing N N 294 
NDP C3B C2B  sing N N 295 
NDP C3B H3B  sing N N 296 
NDP O3B HO3A sing N N 297 
NDP C2B O2B  sing N N 298 
NDP C2B C1B  sing N N 299 
NDP C2B H2B  sing N N 300 
NDP O2B P2B  sing N N 301 
NDP C1B N9A  sing N N 302 
NDP C1B H1B  sing N N 303 
NDP N9A C8A  sing Y N 304 
NDP N9A C4A  sing Y N 305 
NDP C8A N7A  doub Y N 306 
NDP C8A H8A  sing N N 307 
NDP N7A C5A  sing Y N 308 
NDP C5A C6A  sing Y N 309 
NDP C5A C4A  doub Y N 310 
NDP C6A N6A  sing N N 311 
NDP C6A N1A  doub Y N 312 
NDP N6A H61A sing N N 313 
NDP N6A H62A sing N N 314 
NDP N1A C2A  sing Y N 315 
NDP C2A N3A  doub Y N 316 
NDP C2A H2A  sing N N 317 
NDP N3A C4A  sing Y N 318 
NDP O3  PN   sing N N 319 
NDP PN  O1N  doub N N 320 
NDP PN  O2N  sing N N 321 
NDP PN  O5D  sing N N 322 
NDP O2N H21N sing N N 323 
NDP O5D C5D  sing N N 324 
NDP C5D C4D  sing N N 325 
NDP C5D H51N sing N N 326 
NDP C5D H52N sing N N 327 
NDP C4D O4D  sing N N 328 
NDP C4D C3D  sing N N 329 
NDP C4D H4D  sing N N 330 
NDP O4D C1D  sing N N 331 
NDP C3D O3D  sing N N 332 
NDP C3D C2D  sing N N 333 
NDP C3D H3D  sing N N 334 
NDP O3D HO3N sing N N 335 
NDP C2D O2D  sing N N 336 
NDP C2D C1D  sing N N 337 
NDP C2D H2D  sing N N 338 
NDP O2D HO2N sing N N 339 
NDP C1D N1N  sing N N 340 
NDP C1D H1D  sing N N 341 
NDP N1N C2N  sing N N 342 
NDP N1N C6N  sing N N 343 
NDP C2N C3N  doub N N 344 
NDP C2N H2N  sing N N 345 
NDP C3N C7N  sing N N 346 
NDP C3N C4N  sing N N 347 
NDP C7N O7N  doub N N 348 
NDP C7N N7N  sing N N 349 
NDP N7N H71N sing N N 350 
NDP N7N H72N sing N N 351 
NDP C4N C5N  sing N N 352 
NDP C4N H41N sing N N 353 
NDP C4N H42N sing N N 354 
NDP C5N C6N  doub N N 355 
NDP C5N H5N  sing N N 356 
NDP C6N H6N  sing N N 357 
NDP P2B O1X  doub N N 358 
NDP P2B O2X  sing N N 359 
NDP P2B O3X  sing N N 360 
NDP O2X HOP2 sing N N 361 
NDP O3X HOP3 sing N N 362 
PHE N   CA   sing N N 363 
PHE N   H    sing N N 364 
PHE N   H2   sing N N 365 
PHE CA  C    sing N N 366 
PHE CA  CB   sing N N 367 
PHE CA  HA   sing N N 368 
PHE C   O    doub N N 369 
PHE C   OXT  sing N N 370 
PHE CB  CG   sing N N 371 
PHE CB  HB2  sing N N 372 
PHE CB  HB3  sing N N 373 
PHE CG  CD1  doub Y N 374 
PHE CG  CD2  sing Y N 375 
PHE CD1 CE1  sing Y N 376 
PHE CD1 HD1  sing N N 377 
PHE CD2 CE2  doub Y N 378 
PHE CD2 HD2  sing N N 379 
PHE CE1 CZ   doub Y N 380 
PHE CE1 HE1  sing N N 381 
PHE CE2 CZ   sing Y N 382 
PHE CE2 HE2  sing N N 383 
PHE CZ  HZ   sing N N 384 
PHE OXT HXT  sing N N 385 
PRO N   CA   sing N N 386 
PRO N   CD   sing N N 387 
PRO N   H    sing N N 388 
PRO CA  C    sing N N 389 
PRO CA  CB   sing N N 390 
PRO CA  HA   sing N N 391 
PRO C   O    doub N N 392 
PRO C   OXT  sing N N 393 
PRO CB  CG   sing N N 394 
PRO CB  HB2  sing N N 395 
PRO CB  HB3  sing N N 396 
PRO CG  CD   sing N N 397 
PRO CG  HG2  sing N N 398 
PRO CG  HG3  sing N N 399 
PRO CD  HD2  sing N N 400 
PRO CD  HD3  sing N N 401 
PRO OXT HXT  sing N N 402 
SER N   CA   sing N N 403 
SER N   H    sing N N 404 
SER N   H2   sing N N 405 
SER CA  C    sing N N 406 
SER CA  CB   sing N N 407 
SER CA  HA   sing N N 408 
SER C   O    doub N N 409 
SER C   OXT  sing N N 410 
SER CB  OG   sing N N 411 
SER CB  HB2  sing N N 412 
SER CB  HB3  sing N N 413 
SER OG  HG   sing N N 414 
SER OXT HXT  sing N N 415 
THR N   CA   sing N N 416 
THR N   H    sing N N 417 
THR N   H2   sing N N 418 
THR CA  C    sing N N 419 
THR CA  CB   sing N N 420 
THR CA  HA   sing N N 421 
THR C   O    doub N N 422 
THR C   OXT  sing N N 423 
THR CB  OG1  sing N N 424 
THR CB  CG2  sing N N 425 
THR CB  HB   sing N N 426 
THR OG1 HG1  sing N N 427 
THR CG2 HG21 sing N N 428 
THR CG2 HG22 sing N N 429 
THR CG2 HG23 sing N N 430 
THR OXT HXT  sing N N 431 
TRP N   CA   sing N N 432 
TRP N   H    sing N N 433 
TRP N   H2   sing N N 434 
TRP CA  C    sing N N 435 
TRP CA  CB   sing N N 436 
TRP CA  HA   sing N N 437 
TRP C   O    doub N N 438 
TRP C   OXT  sing N N 439 
TRP CB  CG   sing N N 440 
TRP CB  HB2  sing N N 441 
TRP CB  HB3  sing N N 442 
TRP CG  CD1  doub Y N 443 
TRP CG  CD2  sing Y N 444 
TRP CD1 NE1  sing Y N 445 
TRP CD1 HD1  sing N N 446 
TRP CD2 CE2  doub Y N 447 
TRP CD2 CE3  sing Y N 448 
TRP NE1 CE2  sing Y N 449 
TRP NE1 HE1  sing N N 450 
TRP CE2 CZ2  sing Y N 451 
TRP CE3 CZ3  doub Y N 452 
TRP CE3 HE3  sing N N 453 
TRP CZ2 CH2  doub Y N 454 
TRP CZ2 HZ2  sing N N 455 
TRP CZ3 CH2  sing Y N 456 
TRP CZ3 HZ3  sing N N 457 
TRP CH2 HH2  sing N N 458 
TRP OXT HXT  sing N N 459 
TYR N   CA   sing N N 460 
TYR N   H    sing N N 461 
TYR N   H2   sing N N 462 
TYR CA  C    sing N N 463 
TYR CA  CB   sing N N 464 
TYR CA  HA   sing N N 465 
TYR C   O    doub N N 466 
TYR C   OXT  sing N N 467 
TYR CB  CG   sing N N 468 
TYR CB  HB2  sing N N 469 
TYR CB  HB3  sing N N 470 
TYR CG  CD1  doub Y N 471 
TYR CG  CD2  sing Y N 472 
TYR CD1 CE1  sing Y N 473 
TYR CD1 HD1  sing N N 474 
TYR CD2 CE2  doub Y N 475 
TYR CD2 HD2  sing N N 476 
TYR CE1 CZ   doub Y N 477 
TYR CE1 HE1  sing N N 478 
TYR CE2 CZ   sing Y N 479 
TYR CE2 HE2  sing N N 480 
TYR CZ  OH   sing N N 481 
TYR OH  HH   sing N N 482 
TYR OXT HXT  sing N N 483 
VAL N   CA   sing N N 484 
VAL N   H    sing N N 485 
VAL N   H2   sing N N 486 
VAL CA  C    sing N N 487 
VAL CA  CB   sing N N 488 
VAL CA  HA   sing N N 489 
VAL C   O    doub N N 490 
VAL C   OXT  sing N N 491 
VAL CB  CG1  sing N N 492 
VAL CB  CG2  sing N N 493 
VAL CB  HB   sing N N 494 
VAL CG1 HG11 sing N N 495 
VAL CG1 HG12 sing N N 496 
VAL CG1 HG13 sing N N 497 
VAL CG2 HG21 sing N N 498 
VAL CG2 HG22 sing N N 499 
VAL CG2 HG23 sing N N 500 
VAL OXT HXT  sing N N 501 
# 
_pdbx_initial_refinement_model.accession_code   ? 
_pdbx_initial_refinement_model.id               1 
_pdbx_initial_refinement_model.entity_id_list   ? 
_pdbx_initial_refinement_model.type             other 
_pdbx_initial_refinement_model.source_name      ? 
_pdbx_initial_refinement_model.details          
'Sa F98Y DHFR bound to folate and NADPH (Dale et al., J.Mol.Biol. 1997, structure not deposited in the PDB).' 
# 
_atom_sites.entry_id                    3F0X 
_atom_sites.fract_transf_matrix[1][1]   0.00292873 
_atom_sites.fract_transf_matrix[1][2]   0.01283692 
_atom_sites.fract_transf_matrix[1][3]   0.00632710 
_atom_sites.fract_transf_matrix[2][1]   -0.01080404 
_atom_sites.fract_transf_matrix[2][2]   0.00787585 
_atom_sites.fract_transf_matrix[2][3]   0.00588536 
_atom_sites.fract_transf_matrix[3][1]   0.00127991 
_atom_sites.fract_transf_matrix[3][2]   -0.00425969 
_atom_sites.fract_transf_matrix[3][3]   0.00804995 
_atom_sites.fract_transf_vector[1]      -0.400510 
_atom_sites.fract_transf_vector[2]      -0.173101 
_atom_sites.fract_transf_vector[3]      0.356725 
# 
loop_
_atom_type.symbol 
C 
N 
O 
P 
S 
# 
loop_
_atom_site.group_PDB 
_atom_site.id 
_atom_site.type_symbol 
_atom_site.label_atom_id 
_atom_site.label_alt_id 
_atom_site.label_comp_id 
_atom_site.label_asym_id 
_atom_site.label_entity_id 
_atom_site.label_seq_id 
_atom_site.pdbx_PDB_ins_code 
_atom_site.Cartn_x 
_atom_site.Cartn_y 
_atom_site.Cartn_z 
_atom_site.occupancy 
_atom_site.B_iso_or_equiv 
_atom_site.pdbx_formal_charge 
_atom_site.auth_seq_id 
_atom_site.auth_comp_id 
_atom_site.auth_asym_id 
_atom_site.auth_atom_id 
_atom_site.pdbx_PDB_model_num 
ATOM   1    N N   . THR A 1 1   ? -0.555  8.929   -12.935 1.00 17.05 ? 1   THR X N   1 
ATOM   2    C CA  . THR A 1 1   ? -0.396  9.265   -11.481 1.00 16.89 ? 1   THR X CA  1 
ATOM   3    C C   . THR A 1 1   ? 0.240   8.103   -10.708 1.00 16.35 ? 1   THR X C   1 
ATOM   4    O O   . THR A 1 1   ? -0.099  6.925   -10.907 1.00 16.16 ? 1   THR X O   1 
ATOM   5    C CB  . THR A 1 1   ? -1.746  9.641   -10.778 1.00 16.92 ? 1   THR X CB  1 
ATOM   6    O OG1 . THR A 1 1   ? -2.605  10.317  -11.695 1.00 17.78 ? 1   THR X OG1 1 
ATOM   7    C CG2 . THR A 1 1   ? -1.513  10.538  -9.545  1.00 16.77 ? 1   THR X CG2 1 
ATOM   8    N N   . LEU A 1 2   ? 1.147   8.471   -9.808  1.00 15.54 ? 2   LEU X N   1 
ATOM   9    C CA  . LEU A 1 2   ? 1.855   7.537   -8.976  1.00 14.45 ? 2   LEU X CA  1 
ATOM   10   C C   . LEU A 1 2   ? 1.532   7.850   -7.515  1.00 13.85 ? 2   LEU X C   1 
ATOM   11   O O   . LEU A 1 2   ? 1.900   8.923   -7.002  1.00 14.00 ? 2   LEU X O   1 
ATOM   12   C CB  . LEU A 1 2   ? 3.351   7.650   -9.264  1.00 14.33 ? 2   LEU X CB  1 
ATOM   13   C CG  . LEU A 1 2   ? 4.272   6.578   -8.688  1.00 14.69 ? 2   LEU X CG  1 
ATOM   14   C CD1 . LEU A 1 2   ? 3.897   5.196   -9.241  1.00 14.21 ? 2   LEU X CD1 1 
ATOM   15   C CD2 . LEU A 1 2   ? 5.727   6.927   -8.983  1.00 14.33 ? 2   LEU X CD2 1 
ATOM   16   N N   . SER A 1 3   ? 0.835   6.908   -6.870  1.00 12.90 ? 3   SER X N   1 
ATOM   17   C CA  . SER A 1 3   ? 0.412   6.999   -5.466  1.00 12.01 ? 3   SER X CA  1 
ATOM   18   C C   . SER A 1 3   ? 0.954   5.854   -4.590  1.00 11.86 ? 3   SER X C   1 
ATOM   19   O O   . SER A 1 3   ? 1.205   4.738   -5.072  1.00 12.00 ? 3   SER X O   1 
ATOM   20   C CB  . SER A 1 3   ? -1.119  6.967   -5.383  1.00 11.97 ? 3   SER X CB  1 
ATOM   21   O OG  . SER A 1 3   ? -1.715  8.084   -6.017  1.00 11.47 ? 3   SER X OG  1 
ATOM   22   N N   . ILE A 1 4   ? 1.120   6.131   -3.298  1.00 11.16 ? 4   ILE X N   1 
ATOM   23   C CA  . ILE A 1 4   ? 1.282   5.078   -2.295  1.00 10.40 ? 4   ILE X CA  1 
ATOM   24   C C   . ILE A 1 4   ? -0.101  4.659   -1.775  1.00 9.72  ? 4   ILE X C   1 
ATOM   25   O O   . ILE A 1 4   ? -0.983  5.506   -1.607  1.00 9.68  ? 4   ILE X O   1 
ATOM   26   C CB  . ILE A 1 4   ? 2.243   5.527   -1.147  1.00 10.79 ? 4   ILE X CB  1 
ATOM   27   C CG1 . ILE A 1 4   ? 3.680   5.078   -1.466  1.00 10.97 ? 4   ILE X CG1 1 
ATOM   28   C CG2 . ILE A 1 4   ? 1.820   4.970   0.234   1.00 10.84 ? 4   ILE X CG2 1 
ATOM   29   C CD1 . ILE A 1 4   ? 4.773   5.901   -0.785  1.00 10.51 ? 4   ILE X CD1 1 
ATOM   30   N N   . LEU A 1 5   ? -0.305  3.356   -1.572  1.00 8.82  ? 5   LEU X N   1 
ATOM   31   C CA  . LEU A 1 5   ? -1.493  2.869   -0.868  1.00 8.21  ? 5   LEU X CA  1 
ATOM   32   C C   . LEU A 1 5   ? -1.060  2.050   0.343   1.00 8.09  ? 5   LEU X C   1 
ATOM   33   O O   . LEU A 1 5   ? -0.458  0.989   0.198   1.00 8.27  ? 5   LEU X O   1 
ATOM   34   C CB  . LEU A 1 5   ? -2.382  2.044   -1.796  1.00 7.98  ? 5   LEU X CB  1 
ATOM   35   C CG  . LEU A 1 5   ? -3.760  1.598   -1.285  1.00 8.08  ? 5   LEU X CG  1 
ATOM   36   C CD1 . LEU A 1 5   ? -4.578  2.766   -0.718  1.00 5.98  ? 5   LEU X CD1 1 
ATOM   37   C CD2 . LEU A 1 5   ? -4.539  0.867   -2.389  1.00 7.85  ? 5   LEU X CD2 1 
ATOM   38   N N   . VAL A 1 6   ? -1.342  2.537   1.541   1.00 7.76  ? 6   VAL X N   1 
ATOM   39   C CA  . VAL A 1 6   ? -0.774  1.889   2.728   1.00 7.76  ? 6   VAL X CA  1 
ATOM   40   C C   . VAL A 1 6   ? -1.656  2.015   3.970   1.00 7.59  ? 6   VAL X C   1 
ATOM   41   O O   . VAL A 1 6   ? -2.303  3.041   4.185   1.00 7.94  ? 6   VAL X O   1 
ATOM   42   C CB  . VAL A 1 6   ? 0.685   2.406   3.011   1.00 7.84  ? 6   VAL X CB  1 
ATOM   43   C CG1 . VAL A 1 6   ? 0.677   3.858   3.497   1.00 7.53  ? 6   VAL X CG1 1 
ATOM   44   C CG2 . VAL A 1 6   ? 1.426   1.498   3.990   1.00 7.10  ? 6   VAL X CG2 1 
ATOM   45   N N   . ALA A 1 7   ? -1.685  0.963   4.774   1.00 7.12  ? 7   ALA X N   1 
ATOM   46   C CA  . ALA A 1 7   ? -2.255  1.036   6.114   1.00 7.21  ? 7   ALA X CA  1 
ATOM   47   C C   . ALA A 1 7   ? -1.107  0.856   7.116   1.00 7.40  ? 7   ALA X C   1 
ATOM   48   O O   . ALA A 1 7   ? -0.293  -0.070  7.001   1.00 7.30  ? 7   ALA X O   1 
ATOM   49   C CB  . ALA A 1 7   ? -3.338  -0.035  6.311   1.00 6.45  ? 7   ALA X CB  1 
ATOM   50   N N   . HIS A 1 8   ? -1.016  1.768   8.074   1.00 7.65  ? 8   HIS X N   1 
ATOM   51   C CA  . HIS A 1 8   ? -0.001  1.651   9.108   1.00 7.48  ? 8   HIS X CA  1 
ATOM   52   C C   . HIS A 1 8   ? -0.527  2.118   10.447  1.00 7.49  ? 8   HIS X C   1 
ATOM   53   O O   . HIS A 1 8   ? -1.445  2.946   10.497  1.00 7.38  ? 8   HIS X O   1 
ATOM   54   C CB  . HIS A 1 8   ? 1.292   2.376   8.703   1.00 7.70  ? 8   HIS X CB  1 
ATOM   55   C CG  . HIS A 1 8   ? 1.233   3.871   8.796   1.00 7.35  ? 8   HIS X CG  1 
ATOM   56   N ND1 . HIS A 1 8   ? 1.184   4.544   9.999   1.00 7.73  ? 8   HIS X ND1 1 
ATOM   57   C CD2 . HIS A 1 8   ? 1.300   4.824   7.838   1.00 7.41  ? 8   HIS X CD2 1 
ATOM   58   C CE1 . HIS A 1 8   ? 1.187   5.845   9.777   1.00 6.23  ? 8   HIS X CE1 1 
ATOM   59   N NE2 . HIS A 1 8   ? 1.258   6.042   8.473   1.00 8.02  ? 8   HIS X NE2 1 
ATOM   60   N N   . ASP A 1 9   ? 0.038   1.585   11.531  1.00 7.25  ? 9   ASP X N   1 
ATOM   61   C CA  . ASP A 1 9   ? -0.426  1.957   12.869  1.00 6.97  ? 9   ASP X CA  1 
ATOM   62   C C   . ASP A 1 9   ? 0.306   3.205   13.389  1.00 7.30  ? 9   ASP X C   1 
ATOM   63   O O   . ASP A 1 9   ? 1.003   3.869   12.612  1.00 6.46  ? 9   ASP X O   1 
ATOM   64   C CB  . ASP A 1 9   ? -0.352  0.769   13.842  1.00 6.59  ? 9   ASP X CB  1 
ATOM   65   C CG  . ASP A 1 9   ? 1.060   0.462   14.324  1.00 5.55  ? 9   ASP X CG  1 
ATOM   66   O OD1 . ASP A 1 9   ? 1.997   1.248   14.089  1.00 4.11  ? 9   ASP X OD1 1 
ATOM   67   O OD2 . ASP A 1 9   ? 1.229   -0.585  14.972  1.00 5.89  ? 9   ASP X OD2 1 
ATOM   68   N N   . LEU A 1 10  ? 0.150   3.497   14.687  1.00 7.57  ? 10  LEU X N   1 
ATOM   69   C CA  . LEU A 1 10  ? 0.726   4.692   15.321  1.00 8.47  ? 10  LEU X CA  1 
ATOM   70   C C   . LEU A 1 10  ? 2.256   4.803   15.264  1.00 8.76  ? 10  LEU X C   1 
ATOM   71   O O   . LEU A 1 10  ? 2.807   5.894   15.386  1.00 8.97  ? 10  LEU X O   1 
ATOM   72   C CB  . LEU A 1 10  ? 0.258   4.808   16.783  1.00 8.31  ? 10  LEU X CB  1 
ATOM   73   C CG  . LEU A 1 10  ? -1.238  5.091   16.997  1.00 9.89  ? 10  LEU X CG  1 
ATOM   74   C CD1 . LEU A 1 10  ? -1.628  4.964   18.483  1.00 9.76  ? 10  LEU X CD1 1 
ATOM   75   C CD2 . LEU A 1 10  ? -1.700  6.454   16.375  1.00 7.58  ? 10  LEU X CD2 1 
ATOM   76   N N   . GLN A 1 11  ? 2.936   3.674   15.099  1.00 9.20  ? 11  GLN X N   1 
ATOM   77   C CA  . GLN A 1 11  ? 4.397   3.648   15.091  1.00 9.40  ? 11  GLN X CA  1 
ATOM   78   C C   . GLN A 1 11  ? 4.903   3.214   13.727  1.00 9.01  ? 11  GLN X C   1 
ATOM   79   O O   . GLN A 1 11  ? 6.064   2.779   13.584  1.00 8.77  ? 11  GLN X O   1 
ATOM   80   C CB  . GLN A 1 11  ? 4.917   2.734   16.197  1.00 9.27  ? 11  GLN X CB  1 
ATOM   81   C CG  . GLN A 1 11  ? 5.136   3.502   17.494  1.00 11.65 ? 11  GLN X CG  1 
ATOM   82   C CD  . GLN A 1 11  ? 5.096   2.633   18.761  1.00 13.75 ? 11  GLN X CD  1 
ATOM   83   O OE1 . GLN A 1 11  ? 5.474   3.110   19.839  1.00 15.47 ? 11  GLN X OE1 1 
ATOM   84   N NE2 . GLN A 1 11  ? 4.634   1.371   18.643  1.00 10.89 ? 11  GLN X NE2 1 
ATOM   85   N N   . ARG A 1 12  ? 3.998   3.352   12.751  1.00 8.11  ? 12  ARG X N   1 
ATOM   86   C CA  . ARG A 1 12  ? 4.193   2.980   11.351  1.00 7.60  ? 12  ARG X CA  1 
ATOM   87   C C   . ARG A 1 12  ? 4.397   1.505   11.049  1.00 7.76  ? 12  ARG X C   1 
ATOM   88   O O   . ARG A 1 12  ? 5.020   1.181   10.051  1.00 7.93  ? 12  ARG X O   1 
ATOM   89   C CB  . ARG A 1 12  ? 5.301   3.803   10.723  1.00 7.27  ? 12  ARG X CB  1 
ATOM   90   C CG  . ARG A 1 12  ? 4.844   5.183   10.325  1.00 6.50  ? 12  ARG X CG  1 
ATOM   91   C CD  . ARG A 1 12  ? 6.009   6.017   9.933   1.00 2.97  ? 12  ARG X CD  1 
ATOM   92   N NE  . ARG A 1 12  ? 6.770   6.379   11.111  1.00 3.11  ? 12  ARG X NE  1 
ATOM   93   C CZ  . ARG A 1 12  ? 7.943   5.854   11.451  1.00 4.04  ? 12  ARG X CZ  1 
ATOM   94   N NH1 . ARG A 1 12  ? 8.511   4.916   10.675  1.00 2.00  ? 12  ARG X NH1 1 
ATOM   95   N NH2 . ARG A 1 12  ? 8.549   6.284   12.571  1.00 2.05  ? 12  ARG X NH2 1 
ATOM   96   N N   . VAL A 1 13  ? 3.876   0.608   11.883  1.00 8.08  ? 13  VAL X N   1 
ATOM   97   C CA  . VAL A 1 13  ? 3.904   -0.811  11.540  1.00 8.44  ? 13  VAL X CA  1 
ATOM   98   C C   . VAL A 1 13  ? 2.921   -1.047  10.401  1.00 8.70  ? 13  VAL X C   1 
ATOM   99   O O   . VAL A 1 13  ? 1.838   -0.476  10.385  1.00 9.04  ? 13  VAL X O   1 
ATOM   100  C CB  . VAL A 1 13  ? 3.584   -1.749  12.744  1.00 8.59  ? 13  VAL X CB  1 
ATOM   101  C CG1 . VAL A 1 13  ? 3.226   -3.163  12.254  1.00 8.91  ? 13  VAL X CG1 1 
ATOM   102  C CG2 . VAL A 1 13  ? 4.761   -1.834  13.714  1.00 7.32  ? 13  VAL X CG2 1 
ATOM   103  N N   . ILE A 1 14  ? 3.329   -1.871  9.443   1.00 9.00  ? 14  ILE X N   1 
ATOM   104  C CA  . ILE A 1 14  ? 2.490   -2.292  8.326   1.00 9.24  ? 14  ILE X CA  1 
ATOM   105  C C   . ILE A 1 14  ? 2.434   -3.827  8.209   1.00 9.54  ? 14  ILE X C   1 
ATOM   106  O O   . ILE A 1 14  ? 1.598   -4.368  7.481   1.00 9.47  ? 14  ILE X O   1 
ATOM   107  C CB  . ILE A 1 14  ? 2.971   -1.673  6.974   1.00 9.14  ? 14  ILE X CB  1 
ATOM   108  C CG1 . ILE A 1 14  ? 4.338   -2.253  6.552   1.00 9.54  ? 14  ILE X CG1 1 
ATOM   109  C CG2 . ILE A 1 14  ? 3.000   -0.148  7.068   1.00 9.20  ? 14  ILE X CG2 1 
ATOM   110  C CD1 . ILE A 1 14  ? 4.840   -1.829  5.154   1.00 9.32  ? 14  ILE X CD1 1 
ATOM   111  N N   . GLY A 1 15  ? 3.323   -4.522  8.925   1.00 9.82  ? 15  GLY X N   1 
ATOM   112  C CA  . GLY A 1 15  ? 3.404   -5.978  8.826   1.00 10.24 ? 15  GLY X CA  1 
ATOM   113  C C   . GLY A 1 15  ? 4.062   -6.711  9.981   1.00 10.43 ? 15  GLY X C   1 
ATOM   114  O O   . GLY A 1 15  ? 4.983   -6.200  10.628  1.00 10.24 ? 15  GLY X O   1 
ATOM   115  N N   . PHE A 1 16  ? 3.577   -7.921  10.233  1.00 10.73 ? 16  PHE X N   1 
ATOM   116  C CA  . PHE A 1 16  ? 4.205   -8.828  11.184  1.00 11.39 ? 16  PHE X CA  1 
ATOM   117  C C   . PHE A 1 16  ? 4.149   -10.248 10.640  1.00 12.24 ? 16  PHE X C   1 
ATOM   118  O O   . PHE A 1 16  ? 3.066   -10.837 10.490  1.00 11.88 ? 16  PHE X O   1 
ATOM   119  C CB  . PHE A 1 16  ? 3.577   -8.728  12.586  1.00 10.60 ? 16  PHE X CB  1 
ATOM   120  C CG  . PHE A 1 16  ? 4.292   -9.557  13.630  1.00 10.92 ? 16  PHE X CG  1 
ATOM   121  C CD1 . PHE A 1 16  ? 3.654   -10.648 14.241  1.00 10.18 ? 16  PHE X CD1 1 
ATOM   122  C CD2 . PHE A 1 16  ? 5.616   -9.268  13.996  1.00 9.44  ? 16  PHE X CD2 1 
ATOM   123  C CE1 . PHE A 1 16  ? 4.325   -11.434 15.198  1.00 8.98  ? 16  PHE X CE1 1 
ATOM   124  C CE2 . PHE A 1 16  ? 6.286   -10.049 14.952  1.00 8.41  ? 16  PHE X CE2 1 
ATOM   125  C CZ  . PHE A 1 16  ? 5.644   -11.134 15.548  1.00 8.76  ? 16  PHE X CZ  1 
ATOM   126  N N   . GLU A 1 17  ? 5.330   -10.769 10.316  1.00 13.69 ? 17  GLU X N   1 
ATOM   127  C CA  . GLU A 1 17  ? 5.489   -12.142 9.820   1.00 14.99 ? 17  GLU X CA  1 
ATOM   128  C C   . GLU A 1 17  ? 4.546   -12.478 8.675   1.00 15.81 ? 17  GLU X C   1 
ATOM   129  O O   . GLU A 1 17  ? 3.689   -13.369 8.810   1.00 16.08 ? 17  GLU X O   1 
ATOM   130  C CB  . GLU A 1 17  ? 5.279   -13.143 10.948  1.00 14.97 ? 17  GLU X CB  1 
ATOM   131  C CG  . GLU A 1 17  ? 6.263   -13.021 12.075  1.00 15.21 ? 17  GLU X CG  1 
ATOM   132  C CD  . GLU A 1 17  ? 5.922   -13.961 13.202  1.00 15.58 ? 17  GLU X CD  1 
ATOM   133  O OE1 . GLU A 1 17  ? 4.714   -14.168 13.470  1.00 15.13 ? 17  GLU X OE1 1 
ATOM   134  O OE2 . GLU A 1 17  ? 6.868   -14.490 13.816  1.00 15.75 ? 17  GLU X OE2 1 
ATOM   135  N N   . ASN A 1 18  ? 4.712   -11.751 7.564   1.00 16.89 ? 18  ASN X N   1 
ATOM   136  C CA  . ASN A 1 18  ? 3.884   -11.885 6.344   1.00 17.85 ? 18  ASN X CA  1 
ATOM   137  C C   . ASN A 1 18  ? 2.366   -11.769 6.565   1.00 18.10 ? 18  ASN X C   1 
ATOM   138  O O   . ASN A 1 18  ? 1.575   -12.425 5.893   1.00 18.48 ? 18  ASN X O   1 
ATOM   139  C CB  . ASN A 1 18  ? 4.220   -13.180 5.588   1.00 18.21 ? 18  ASN X CB  1 
ATOM   140  C CG  . ASN A 1 18  ? 5.711   -13.345 5.308   1.00 19.08 ? 18  ASN X CG  1 
ATOM   141  O OD1 . ASN A 1 18  ? 6.471   -12.369 5.198   1.00 19.08 ? 18  ASN X OD1 1 
ATOM   142  N ND2 . ASN A 1 18  ? 6.133   -14.602 5.169   1.00 20.79 ? 18  ASN X ND2 1 
ATOM   143  N N   . GLN A 1 19  ? 1.965   -10.935 7.513   1.00 18.48 ? 19  GLN X N   1 
ATOM   144  C CA  . GLN A 1 19  ? 0.556   -10.777 7.850   1.00 19.01 ? 19  GLN X CA  1 
ATOM   145  C C   . GLN A 1 19  ? 0.318   -9.322  8.217   1.00 18.83 ? 19  GLN X C   1 
ATOM   146  O O   . GLN A 1 19  ? 1.244   -8.623  8.636   1.00 18.87 ? 19  GLN X O   1 
ATOM   147  C CB  . GLN A 1 19  ? 0.158   -11.694 9.026   1.00 19.15 ? 19  GLN X CB  1 
ATOM   148  C CG  . GLN A 1 19  ? 0.046   -13.181 8.690   1.00 20.66 ? 19  GLN X CG  1 
ATOM   149  C CD  . GLN A 1 19  ? -1.098  -13.487 7.715   1.00 24.24 ? 19  GLN X CD  1 
ATOM   150  O OE1 . GLN A 1 19  ? -0.884  -14.098 6.654   1.00 25.16 ? 19  GLN X OE1 1 
ATOM   151  N NE2 . GLN A 1 19  ? -2.316  -13.045 8.062   1.00 23.41 ? 19  GLN X NE2 1 
ATOM   152  N N   . LEU A 1 20  ? -0.912  -8.859  8.030   1.00 18.35 ? 20  LEU X N   1 
ATOM   153  C CA  . LEU A 1 20  ? -1.302  -7.573  8.558   1.00 18.18 ? 20  LEU X CA  1 
ATOM   154  C C   . LEU A 1 20  ? -1.597  -7.826  10.028  1.00 18.39 ? 20  LEU X C   1 
ATOM   155  O O   . LEU A 1 20  ? -2.310  -8.780  10.352  1.00 18.51 ? 20  LEU X O   1 
ATOM   156  C CB  . LEU A 1 20  ? -2.568  -7.061  7.868   1.00 18.12 ? 20  LEU X CB  1 
ATOM   157  C CG  . LEU A 1 20  ? -2.563  -6.692  6.385   1.00 17.87 ? 20  LEU X CG  1 
ATOM   158  C CD1 . LEU A 1 20  ? -4.002  -6.803  5.816   1.00 16.86 ? 20  LEU X CD1 1 
ATOM   159  C CD2 . LEU A 1 20  ? -1.956  -5.301  6.178   1.00 15.89 ? 20  LEU X CD2 1 
ATOM   160  N N   . PRO A 1 21  ? -1.050  -6.988  10.931  1.00 18.32 ? 21  PRO X N   1 
ATOM   161  C CA  . PRO A 1 21  ? -1.294  -7.171  12.367  1.00 18.19 ? 21  PRO X CA  1 
ATOM   162  C C   . PRO A 1 21  ? -2.776  -7.112  12.771  1.00 18.05 ? 21  PRO X C   1 
ATOM   163  O O   . PRO A 1 21  ? -3.167  -7.749  13.757  1.00 18.21 ? 21  PRO X O   1 
ATOM   164  C CB  . PRO A 1 21  ? -0.514  -6.013  13.005  1.00 18.08 ? 21  PRO X CB  1 
ATOM   165  C CG  . PRO A 1 21  ? 0.519   -5.655  11.995  1.00 18.31 ? 21  PRO X CG  1 
ATOM   166  C CD  . PRO A 1 21  ? -0.154  -5.846  10.672  1.00 18.30 ? 21  PRO X CD  1 
ATOM   167  N N   . TRP A 1 22  ? -3.580  -6.377  11.999  1.00 17.80 ? 22  TRP X N   1 
ATOM   168  C CA  . TRP A 1 22  ? -4.974  -6.068  12.339  1.00 17.65 ? 22  TRP X CA  1 
ATOM   169  C C   . TRP A 1 22  ? -5.925  -6.604  11.267  1.00 18.28 ? 22  TRP X C   1 
ATOM   170  O O   . TRP A 1 22  ? -5.513  -6.859  10.125  1.00 17.82 ? 22  TRP X O   1 
ATOM   171  C CB  . TRP A 1 22  ? -5.145  -4.554  12.469  1.00 16.74 ? 22  TRP X CB  1 
ATOM   172  C CG  . TRP A 1 22  ? -4.576  -3.848  11.283  1.00 16.50 ? 22  TRP X CG  1 
ATOM   173  C CD1 . TRP A 1 22  ? -5.171  -3.688  10.057  1.00 15.39 ? 22  TRP X CD1 1 
ATOM   174  C CD2 . TRP A 1 22  ? -3.272  -3.263  11.174  1.00 16.42 ? 22  TRP X CD2 1 
ATOM   175  N NE1 . TRP A 1 22  ? -4.329  -3.026  9.204   1.00 15.70 ? 22  TRP X NE1 1 
ATOM   176  C CE2 . TRP A 1 22  ? -3.155  -2.752  9.856   1.00 15.49 ? 22  TRP X CE2 1 
ATOM   177  C CE3 . TRP A 1 22  ? -2.190  -3.113  12.063  1.00 15.88 ? 22  TRP X CE3 1 
ATOM   178  C CZ2 . TRP A 1 22  ? -2.009  -2.095  9.408   1.00 14.92 ? 22  TRP X CZ2 1 
ATOM   179  C CZ3 . TRP A 1 22  ? -1.051  -2.459  11.618  1.00 15.45 ? 22  TRP X CZ3 1 
ATOM   180  C CH2 . TRP A 1 22  ? -0.968  -1.960  10.298  1.00 15.92 ? 22  TRP X CH2 1 
ATOM   181  N N   . HIS A 1 23  ? -7.194  -6.764  11.651  1.00 19.42 ? 23  HIS X N   1 
ATOM   182  C CA  . HIS A 1 23  ? -8.263  -7.242  10.760  1.00 20.31 ? 23  HIS X CA  1 
ATOM   183  C C   . HIS A 1 23  ? -9.276  -6.130  10.606  1.00 19.53 ? 23  HIS X C   1 
ATOM   184  O O   . HIS A 1 23  ? -10.079 -5.889  11.523  1.00 19.95 ? 23  HIS X O   1 
ATOM   185  C CB  . HIS A 1 23  ? -8.970  -8.470  11.342  1.00 21.06 ? 23  HIS X CB  1 
ATOM   186  C CG  . HIS A 1 23  ? -8.044  -9.590  11.700  1.00 25.66 ? 23  HIS X CG  1 
ATOM   187  N ND1 . HIS A 1 23  ? -7.537  -9.762  12.975  1.00 29.25 ? 23  HIS X ND1 1 
ATOM   188  C CD2 . HIS A 1 23  ? -7.528  -10.595 10.949  1.00 29.27 ? 23  HIS X CD2 1 
ATOM   189  C CE1 . HIS A 1 23  ? -6.750  -10.825 12.994  1.00 31.37 ? 23  HIS X CE1 1 
ATOM   190  N NE2 . HIS A 1 23  ? -6.731  -11.351 11.779  1.00 31.96 ? 23  HIS X NE2 1 
ATOM   191  N N   . LEU A 1 24  ? -9.242  -5.460  9.456   1.00 18.54 ? 24  LEU X N   1 
ATOM   192  C CA  . LEU A 1 24  ? -10.032 -4.248  9.259   1.00 17.82 ? 24  LEU X CA  1 
ATOM   193  C C   . LEU A 1 24  ? -10.789 -4.241  7.930   1.00 17.64 ? 24  LEU X C   1 
ATOM   194  O O   . LEU A 1 24  ? -10.341 -3.618  6.965   1.00 17.79 ? 24  LEU X O   1 
ATOM   195  C CB  . LEU A 1 24  ? -9.123  -3.028  9.369   1.00 17.37 ? 24  LEU X CB  1 
ATOM   196  C CG  . LEU A 1 24  ? -9.707  -1.745  9.946   1.00 17.11 ? 24  LEU X CG  1 
ATOM   197  C CD1 . LEU A 1 24  ? -10.563 -2.025  11.179  1.00 15.24 ? 24  LEU X CD1 1 
ATOM   198  C CD2 . LEU A 1 24  ? -8.568  -0.794  10.263  1.00 16.15 ? 24  LEU X CD2 1 
ATOM   199  N N   . PRO A 1 25  ? -11.937 -4.947  7.869   1.00 17.48 ? 25  PRO X N   1 
ATOM   200  C CA  . PRO A 1 25  ? -12.706 -5.065  6.623   1.00 17.11 ? 25  PRO X CA  1 
ATOM   201  C C   . PRO A 1 25  ? -12.981 -3.747  5.893   1.00 16.72 ? 25  PRO X C   1 
ATOM   202  O O   . PRO A 1 25  ? -12.984 -3.743  4.657   1.00 16.74 ? 25  PRO X O   1 
ATOM   203  C CB  . PRO A 1 25  ? -13.997 -5.735  7.083   1.00 17.15 ? 25  PRO X CB  1 
ATOM   204  C CG  . PRO A 1 25  ? -13.539 -6.617  8.215   1.00 17.38 ? 25  PRO X CG  1 
ATOM   205  C CD  . PRO A 1 25  ? -12.562 -5.727  8.958   1.00 17.52 ? 25  PRO X CD  1 
ATOM   206  N N   . ASN A 1 26  ? -13.187 -2.657  6.643   1.00 16.10 ? 26  ASN X N   1 
ATOM   207  C CA  . ASN A 1 26  ? -13.407 -1.313  6.073   1.00 15.90 ? 26  ASN X CA  1 
ATOM   208  C C   . ASN A 1 26  ? -12.243 -0.792  5.231   1.00 15.78 ? 26  ASN X C   1 
ATOM   209  O O   . ASN A 1 26  ? -12.452 -0.104  4.218   1.00 15.65 ? 26  ASN X O   1 
ATOM   210  C CB  . ASN A 1 26  ? -13.709 -0.276  7.168   1.00 15.88 ? 26  ASN X CB  1 
ATOM   211  C CG  . ASN A 1 26  ? -15.164 -0.302  7.630   1.00 16.25 ? 26  ASN X CG  1 
ATOM   212  O OD1 . ASN A 1 26  ? -15.968 -1.123  7.171   1.00 15.29 ? 26  ASN X OD1 1 
ATOM   213  N ND2 . ASN A 1 26  ? -15.500 0.591   8.565   1.00 17.04 ? 26  ASN X ND2 1 
ATOM   214  N N   . ASP A 1 27  ? -11.025 -1.105  5.668   1.00 15.22 ? 27  ASP X N   1 
ATOM   215  C CA  . ASP A 1 27  ? -9.845  -0.689  4.949   1.00 15.17 ? 27  ASP X CA  1 
ATOM   216  C C   . ASP A 1 27  ? -9.660  -1.498  3.660   1.00 15.58 ? 27  ASP X C   1 
ATOM   217  O O   . ASP A 1 27  ? -9.110  -0.994  2.683   1.00 15.36 ? 27  ASP X O   1 
ATOM   218  C CB  . ASP A 1 27  ? -8.610  -0.747  5.843   1.00 14.66 ? 27  ASP X CB  1 
ATOM   219  C CG  . ASP A 1 27  ? -7.328  -0.463  5.081   1.00 14.25 ? 27  ASP X CG  1 
ATOM   220  O OD1 . ASP A 1 27  ? -6.583  -1.433  4.839   1.00 13.55 ? 27  ASP X OD1 1 
ATOM   221  O OD2 . ASP A 1 27  ? -7.082  0.702   4.695   1.00 11.63 ? 27  ASP X OD2 1 
ATOM   222  N N   . LEU A 1 28  ? -10.138 -2.736  3.646   1.00 16.29 ? 28  LEU X N   1 
ATOM   223  C CA  . LEU A 1 28  ? -10.089 -3.543  2.429   1.00 17.33 ? 28  LEU X CA  1 
ATOM   224  C C   . LEU A 1 28  ? -11.151 -3.134  1.389   1.00 18.03 ? 28  LEU X C   1 
ATOM   225  O O   . LEU A 1 28  ? -10.930 -3.319  0.195   1.00 18.37 ? 28  LEU X O   1 
ATOM   226  C CB  . LEU A 1 28  ? -10.158 -5.044  2.756   1.00 17.43 ? 28  LEU X CB  1 
ATOM   227  C CG  . LEU A 1 28  ? -9.165  -5.588  3.816   1.00 18.53 ? 28  LEU X CG  1 
ATOM   228  C CD1 . LEU A 1 28  ? -9.567  -6.992  4.325   1.00 19.10 ? 28  LEU X CD1 1 
ATOM   229  C CD2 . LEU A 1 28  ? -7.698  -5.583  3.350   1.00 16.28 ? 28  LEU X CD2 1 
ATOM   230  N N   . LYS A 1 29  ? -12.292 -2.591  1.832   1.00 18.73 ? 29  LYS X N   1 
ATOM   231  C CA  . LYS A 1 29  ? -13.285 -2.016  0.908   1.00 19.57 ? 29  LYS X CA  1 
ATOM   232  C C   . LYS A 1 29  ? -12.652 -0.800  0.263   1.00 19.52 ? 29  LYS X C   1 
ATOM   233  O O   . LYS A 1 29  ? -12.758 -0.585  -0.944  1.00 19.98 ? 29  LYS X O   1 
ATOM   234  C CB  . LYS A 1 29  ? -14.546 -1.522  1.641   1.00 20.00 ? 29  LYS X CB  1 
ATOM   235  C CG  . LYS A 1 29  ? -15.315 -2.536  2.478   1.00 22.88 ? 29  LYS X CG  1 
ATOM   236  C CD  . LYS A 1 29  ? -16.462 -3.194  1.698   1.00 27.10 ? 29  LYS X CD  1 
ATOM   237  C CE  . LYS A 1 29  ? -17.624 -3.587  2.637   1.00 29.55 ? 29  LYS X CE  1 
ATOM   238  N NZ  . LYS A 1 29  ? -17.200 -4.397  3.841   1.00 30.41 ? 29  LYS X NZ  1 
ATOM   239  N N   . HIS A 1 30  ? -12.003 -0.004  1.102   1.00 19.15 ? 30  HIS X N   1 
ATOM   240  C CA  . HIS A 1 30  ? -11.344 1.209   0.704   1.00 18.96 ? 30  HIS X CA  1 
ATOM   241  C C   . HIS A 1 30  ? -10.268 0.914   -0.345  1.00 19.36 ? 30  HIS X C   1 
ATOM   242  O O   . HIS A 1 30  ? -10.114 1.667   -1.306  1.00 19.66 ? 30  HIS X O   1 
ATOM   243  C CB  . HIS A 1 30  ? -10.754 1.850   1.955   1.00 18.77 ? 30  HIS X CB  1 
ATOM   244  C CG  . HIS A 1 30  ? -9.809  2.976   1.687   1.00 18.23 ? 30  HIS X CG  1 
ATOM   245  N ND1 . HIS A 1 30  ? -10.236 4.255   1.404   1.00 17.82 ? 30  HIS X ND1 1 
ATOM   246  C CD2 . HIS A 1 30  ? -8.457  3.023   1.693   1.00 17.37 ? 30  HIS X CD2 1 
ATOM   247  C CE1 . HIS A 1 30  ? -9.188  5.042   1.243   1.00 16.93 ? 30  HIS X CE1 1 
ATOM   248  N NE2 . HIS A 1 30  ? -8.097  4.321   1.422   1.00 17.85 ? 30  HIS X NE2 1 
ATOM   249  N N   . VAL A 1 31  ? -9.541  -0.186  -0.165  1.00 19.50 ? 31  VAL X N   1 
ATOM   250  C CA  . VAL A 1 31  ? -8.518  -0.598  -1.116  1.00 19.77 ? 31  VAL X CA  1 
ATOM   251  C C   . VAL A 1 31  ? -9.145  -1.015  -2.448  1.00 20.51 ? 31  VAL X C   1 
ATOM   252  O O   . VAL A 1 31  ? -8.636  -0.640  -3.509  1.00 20.59 ? 31  VAL X O   1 
ATOM   253  C CB  . VAL A 1 31  ? -7.609  -1.727  -0.552  1.00 19.56 ? 31  VAL X CB  1 
ATOM   254  C CG1 . VAL A 1 31  ? -6.782  -2.354  -1.659  1.00 19.71 ? 31  VAL X CG1 1 
ATOM   255  C CG2 . VAL A 1 31  ? -6.691  -1.186  0.499   1.00 18.35 ? 31  VAL X CG2 1 
ATOM   256  N N   . LYS A 1 32  ? -10.241 -1.779  -2.379  1.00 21.27 ? 32  LYS X N   1 
ATOM   257  C CA  . LYS A 1 32  ? -10.990 -2.220  -3.560  1.00 22.33 ? 32  LYS X CA  1 
ATOM   258  C C   . LYS A 1 32  ? -11.561 -1.050  -4.343  1.00 21.81 ? 32  LYS X C   1 
ATOM   259  O O   . LYS A 1 32  ? -11.345 -0.943  -5.549  1.00 21.83 ? 32  LYS X O   1 
ATOM   260  C CB  . LYS A 1 32  ? -12.097 -3.224  -3.194  1.00 22.64 ? 32  LYS X CB  1 
ATOM   261  C CG  . LYS A 1 32  ? -11.602 -4.685  -3.122  1.00 24.62 ? 32  LYS X CG  1 
ATOM   262  C CD  . LYS A 1 32  ? -12.705 -5.655  -2.634  1.00 24.63 ? 32  LYS X CD  1 
ATOM   263  C CE  . LYS A 1 32  ? -12.151 -7.082  -2.332  1.00 26.64 ? 32  LYS X CE  1 
ATOM   264  N NZ  . LYS A 1 32  ? -12.055 -7.974  -3.549  1.00 26.75 ? 32  LYS X NZ  1 
ATOM   265  N N   . LYS A 1 33  ? -12.269 -0.163  -3.649  1.00 21.67 ? 33  LYS X N   1 
ATOM   266  C CA  . LYS A 1 33  ? -12.879 1.005   -4.278  1.00 21.61 ? 33  LYS X CA  1 
ATOM   267  C C   . LYS A 1 33  ? -11.817 1.869   -4.961  1.00 20.65 ? 33  LYS X C   1 
ATOM   268  O O   . LYS A 1 33  ? -11.997 2.335   -6.081  1.00 20.68 ? 33  LYS X O   1 
ATOM   269  C CB  . LYS A 1 33  ? -13.654 1.824   -3.243  1.00 21.68 ? 33  LYS X CB  1 
ATOM   270  C CG  . LYS A 1 33  ? -14.700 2.756   -3.851  1.00 23.09 ? 33  LYS X CG  1 
ATOM   271  C CD  . LYS A 1 33  ? -15.350 3.677   -2.806  1.00 23.16 ? 33  LYS X CD  1 
ATOM   272  C CE  . LYS A 1 33  ? -16.702 4.222   -3.318  1.00 25.82 ? 33  LYS X CE  1 
ATOM   273  N NZ  . LYS A 1 33  ? -17.349 5.169   -2.349  1.00 26.85 ? 33  LYS X NZ  1 
ATOM   274  N N   . LEU A 1 34  ? -10.697 2.052   -4.282  1.00 19.78 ? 34  LEU X N   1 
ATOM   275  C CA  . LEU A 1 34  ? -9.659  2.942   -4.746  1.00 18.99 ? 34  LEU X CA  1 
ATOM   276  C C   . LEU A 1 34  ? -8.883  2.404   -5.957  1.00 18.57 ? 34  LEU X C   1 
ATOM   277  O O   . LEU A 1 34  ? -8.475  3.178   -6.828  1.00 18.49 ? 34  LEU X O   1 
ATOM   278  C CB  . LEU A 1 34  ? -8.709  3.213   -3.583  1.00 19.04 ? 34  LEU X CB  1 
ATOM   279  C CG  . LEU A 1 34  ? -8.036  4.565   -3.371  1.00 19.48 ? 34  LEU X CG  1 
ATOM   280  C CD1 . LEU A 1 34  ? -9.000  5.744   -3.561  1.00 19.66 ? 34  LEU X CD1 1 
ATOM   281  C CD2 . LEU A 1 34  ? -7.432  4.590   -1.973  1.00 18.79 ? 34  LEU X CD2 1 
ATOM   282  N N   . SER A 1 35  ? -8.674  1.085   -6.013  1.00 17.77 ? 35  SER X N   1 
ATOM   283  C CA  . SER A 1 35  ? -7.714  0.523   -6.972  1.00 16.95 ? 35  SER X CA  1 
ATOM   284  C C   . SER A 1 35  ? -8.313  -0.347  -8.075  1.00 16.91 ? 35  SER X C   1 
ATOM   285  O O   . SER A 1 35  ? -7.590  -0.774  -8.986  1.00 17.04 ? 35  SER X O   1 
ATOM   286  C CB  . SER A 1 35  ? -6.568  -0.203  -6.252  1.00 16.79 ? 35  SER X CB  1 
ATOM   287  O OG  . SER A 1 35  ? -7.005  -1.309  -5.478  1.00 15.95 ? 35  SER X OG  1 
ATOM   288  N N   . THR A 1 36  ? -9.618  -0.601  -8.002  1.00 16.64 ? 36  THR X N   1 
ATOM   289  C CA  . THR A 1 36  ? -10.332 -1.305  -9.072  1.00 16.44 ? 36  THR X CA  1 
ATOM   290  C C   . THR A 1 36  ? -10.238 -0.558  -10.396 1.00 15.90 ? 36  THR X C   1 
ATOM   291  O O   . THR A 1 36  ? -10.583 0.624   -10.482 1.00 15.68 ? 36  THR X O   1 
ATOM   292  C CB  . THR A 1 36  ? -11.805 -1.568  -8.703  1.00 16.57 ? 36  THR X CB  1 
ATOM   293  O OG1 . THR A 1 36  ? -11.842 -2.501  -7.614  1.00 18.05 ? 36  THR X OG1 1 
ATOM   294  C CG2 . THR A 1 36  ? -12.571 -2.171  -9.882  1.00 16.09 ? 36  THR X CG2 1 
ATOM   295  N N   . GLY A 1 37  ? -9.744  -1.269  -11.409 1.00 15.60 ? 37  GLY X N   1 
ATOM   296  C CA  . GLY A 1 37  ? -9.569  -0.741  -12.751 1.00 14.98 ? 37  GLY X CA  1 
ATOM   297  C C   . GLY A 1 37  ? -8.219  -0.083  -12.924 1.00 15.21 ? 37  GLY X C   1 
ATOM   298  O O   . GLY A 1 37  ? -7.933  0.476   -13.983 1.00 15.48 ? 37  GLY X O   1 
ATOM   299  N N   . HIS A 1 38  ? -7.379  -0.145  -11.890 1.00 15.15 ? 38  HIS X N   1 
ATOM   300  C CA  . HIS A 1 38  ? -6.071  0.519   -11.924 1.00 14.98 ? 38  HIS X CA  1 
ATOM   301  C C   . HIS A 1 38  ? -4.911  -0.471  -11.763 1.00 14.80 ? 38  HIS X C   1 
ATOM   302  O O   . HIS A 1 38  ? -5.084  -1.673  -11.981 1.00 14.58 ? 38  HIS X O   1 
ATOM   303  C CB  . HIS A 1 38  ? -6.033  1.675   -10.913 1.00 14.82 ? 38  HIS X CB  1 
ATOM   304  C CG  . HIS A 1 38  ? -7.049  2.739   -11.199 1.00 15.75 ? 38  HIS X CG  1 
ATOM   305  N ND1 . HIS A 1 38  ? -8.133  2.977   -10.382 1.00 15.95 ? 38  HIS X ND1 1 
ATOM   306  C CD2 . HIS A 1 38  ? -7.173  3.594   -12.248 1.00 16.12 ? 38  HIS X CD2 1 
ATOM   307  C CE1 . HIS A 1 38  ? -8.865  3.953   -10.896 1.00 15.50 ? 38  HIS X CE1 1 
ATOM   308  N NE2 . HIS A 1 38  ? -8.306  4.343   -12.027 1.00 15.59 ? 38  HIS X NE2 1 
ATOM   309  N N   . THR A 1 39  ? -3.732  0.027   -11.406 1.00 14.48 ? 39  THR X N   1 
ATOM   310  C CA  . THR A 1 39  ? -2.583  -0.844  -11.219 1.00 14.30 ? 39  THR X CA  1 
ATOM   311  C C   . THR A 1 39  ? -2.099  -0.836  -9.766  1.00 14.15 ? 39  THR X C   1 
ATOM   312  O O   . THR A 1 39  ? -2.056  0.220   -9.111  1.00 13.96 ? 39  THR X O   1 
ATOM   313  C CB  . THR A 1 39  ? -1.425  -0.458  -12.192 1.00 14.85 ? 39  THR X CB  1 
ATOM   314  O OG1 . THR A 1 39  ? -1.879  -0.537  -13.557 1.00 14.45 ? 39  THR X OG1 1 
ATOM   315  C CG2 . THR A 1 39  ? -0.193  -1.358  -11.998 1.00 14.44 ? 39  THR X CG2 1 
ATOM   316  N N   . LEU A 1 40  ? -1.757  -2.029  -9.270  1.00 13.77 ? 40  LEU X N   1 
ATOM   317  C CA  . LEU A 1 40  ? -1.083  -2.200  -7.974  1.00 12.84 ? 40  LEU X CA  1 
ATOM   318  C C   . LEU A 1 40  ? 0.296   -2.768  -8.246  1.00 12.78 ? 40  LEU X C   1 
ATOM   319  O O   . LEU A 1 40  ? 0.435   -3.776  -8.963  1.00 12.55 ? 40  LEU X O   1 
ATOM   320  C CB  . LEU A 1 40  ? -1.837  -3.162  -7.049  1.00 12.57 ? 40  LEU X CB  1 
ATOM   321  C CG  . LEU A 1 40  ? -3.253  -2.871  -6.549  1.00 11.46 ? 40  LEU X CG  1 
ATOM   322  C CD1 . LEU A 1 40  ? -3.718  -3.984  -5.615  1.00 10.08 ? 40  LEU X CD1 1 
ATOM   323  C CD2 . LEU A 1 40  ? -3.304  -1.544  -5.839  1.00 10.93 ? 40  LEU X CD2 1 
ATOM   324  N N   . VAL A 1 41  ? 1.306   -2.108  -7.674  1.00 12.36 ? 41  VAL X N   1 
ATOM   325  C CA  . VAL A 1 41  ? 2.695   -2.512  -7.797  1.00 11.70 ? 41  VAL X CA  1 
ATOM   326  C C   . VAL A 1 41  ? 3.190   -2.913  -6.420  1.00 11.77 ? 41  VAL X C   1 
ATOM   327  O O   . VAL A 1 41  ? 3.102   -2.152  -5.460  1.00 11.63 ? 41  VAL X O   1 
ATOM   328  C CB  . VAL A 1 41  ? 3.589   -1.384  -8.388  1.00 11.67 ? 41  VAL X CB  1 
ATOM   329  C CG1 . VAL A 1 41  ? 5.049   -1.808  -8.387  1.00 11.23 ? 41  VAL X CG1 1 
ATOM   330  C CG2 . VAL A 1 41  ? 3.183   -1.069  -9.802  1.00 10.82 ? 41  VAL X CG2 1 
ATOM   331  N N   . MET A 1 42  ? 3.719   -4.119  -6.322  1.00 12.10 ? 42  MET X N   1 
ATOM   332  C CA  . MET A 1 42  ? 4.164   -4.634  -5.032  1.00 12.38 ? 42  MET X CA  1 
ATOM   333  C C   . MET A 1 42  ? 5.496   -5.368  -5.179  1.00 11.75 ? 42  MET X C   1 
ATOM   334  O O   . MET A 1 42  ? 5.789   -5.907  -6.246  1.00 11.75 ? 42  MET X O   1 
ATOM   335  C CB  . MET A 1 42  ? 3.074   -5.540  -4.410  1.00 12.13 ? 42  MET X CB  1 
ATOM   336  C CG  . MET A 1 42  ? 2.734   -6.773  -5.240  1.00 12.04 ? 42  MET X CG  1 
ATOM   337  S SD  . MET A 1 42  ? 1.077   -7.452  -4.981  1.00 13.81 ? 42  MET X SD  1 
ATOM   338  C CE  . MET A 1 42  ? 0.022   -6.252  -5.819  1.00 13.24 ? 42  MET X CE  1 
ATOM   339  N N   . GLY A 1 43  ? 6.303   -5.367  -4.116  1.00 11.26 ? 43  GLY X N   1 
ATOM   340  C CA  . GLY A 1 43  ? 7.496   -6.211  -4.060  1.00 10.23 ? 43  GLY X CA  1 
ATOM   341  C C   . GLY A 1 43  ? 7.104   -7.679  -3.984  1.00 9.96  ? 43  GLY X C   1 
ATOM   342  O O   . GLY A 1 43  ? 5.969   -8.023  -3.623  1.00 9.55  ? 43  GLY X O   1 
ATOM   343  N N   . ARG A 1 44  ? 8.052   -8.546  -4.314  1.00 9.67  ? 44  ARG X N   1 
ATOM   344  C CA  . ARG A 1 44  ? 7.830   -9.983  -4.342  1.00 9.48  ? 44  ARG X CA  1 
ATOM   345  C C   . ARG A 1 44  ? 7.335   -10.579 -3.022  1.00 9.91  ? 44  ARG X C   1 
ATOM   346  O O   . ARG A 1 44  ? 6.557   -11.536 -3.025  1.00 10.19 ? 44  ARG X O   1 
ATOM   347  C CB  . ARG A 1 44  ? 9.112   -10.665 -4.804  1.00 9.45  ? 44  ARG X CB  1 
ATOM   348  C CG  . ARG A 1 44  ? 8.989   -12.136 -5.132  1.00 9.26  ? 44  ARG X CG  1 
ATOM   349  C CD  . ARG A 1 44  ? 9.457   -12.984 -3.960  1.00 7.17  ? 44  ARG X CD  1 
ATOM   350  N NE  . ARG A 1 44  ? 10.725  -12.506 -3.425  1.00 6.47  ? 44  ARG X NE  1 
ATOM   351  C CZ  . ARG A 1 44  ? 11.261  -12.914 -2.277  1.00 4.84  ? 44  ARG X CZ  1 
ATOM   352  N NH1 . ARG A 1 44  ? 10.619  -13.805 -1.533  1.00 3.39  ? 44  ARG X NH1 1 
ATOM   353  N NH2 . ARG A 1 44  ? 12.429  -12.418 -1.873  1.00 2.00  ? 44  ARG X NH2 1 
ATOM   354  N N   . LYS A 1 45  ? 7.782   -10.033 -1.895  1.00 10.59 ? 45  LYS X N   1 
ATOM   355  C CA  . LYS A 1 45  ? 7.389   -10.570 -0.584  1.00 10.96 ? 45  LYS X CA  1 
ATOM   356  C C   . LYS A 1 45  ? 5.949   -10.198 -0.247  1.00 11.65 ? 45  LYS X C   1 
ATOM   357  O O   . LYS A 1 45  ? 5.218   -10.974 0.379   1.00 11.65 ? 45  LYS X O   1 
ATOM   358  C CB  . LYS A 1 45  ? 8.338   -10.094 0.518   1.00 10.76 ? 45  LYS X CB  1 
ATOM   359  C CG  . LYS A 1 45  ? 9.762   -10.611 0.372   1.00 9.93  ? 45  LYS X CG  1 
ATOM   360  C CD  . LYS A 1 45  ? 10.576  -10.339 1.619   1.00 9.63  ? 45  LYS X CD  1 
ATOM   361  C CE  . LYS A 1 45  ? 11.955  -10.999 1.533   1.00 10.12 ? 45  LYS X CE  1 
ATOM   362  N NZ  . LYS A 1 45  ? 12.958  -10.422 2.493   1.00 9.23  ? 45  LYS X NZ  1 
ATOM   363  N N   . THR A 1 46  ? 5.550   -8.998  -0.662  1.00 12.54 ? 46  THR X N   1 
ATOM   364  C CA  . THR A 1 46  ? 4.172   -8.551  -0.502  1.00 13.15 ? 46  THR X CA  1 
ATOM   365  C C   . THR A 1 46  ? 3.261   -9.440  -1.325  1.00 13.98 ? 46  THR X C   1 
ATOM   366  O O   . THR A 1 46  ? 2.288   -9.989  -0.799  1.00 13.87 ? 46  THR X O   1 
ATOM   367  C CB  . THR A 1 46  ? 4.006   -7.081  -0.900  1.00 12.98 ? 46  THR X CB  1 
ATOM   368  O OG1 . THR A 1 46  ? 4.800   -6.276  -0.019  1.00 12.86 ? 46  THR X OG1 1 
ATOM   369  C CG2 . THR A 1 46  ? 2.575   -6.655  -0.777  1.00 11.95 ? 46  THR X CG2 1 
ATOM   370  N N   . PHE A 1 47  ? 3.582   -9.612  -2.608  1.00 15.06 ? 47  PHE X N   1 
ATOM   371  C CA  . PHE A 1 47  ? 2.805   -10.542 -3.411  1.00 15.94 ? 47  PHE X CA  1 
ATOM   372  C C   . PHE A 1 47  ? 2.687   -11.920 -2.750  1.00 16.46 ? 47  PHE X C   1 
ATOM   373  O O   . PHE A 1 47  ? 1.611   -12.512 -2.713  1.00 16.33 ? 47  PHE X O   1 
ATOM   374  C CB  . PHE A 1 47  ? 3.327   -10.715 -4.835  1.00 15.84 ? 47  PHE X CB  1 
ATOM   375  C CG  . PHE A 1 47  ? 2.554   -11.757 -5.595  1.00 16.98 ? 47  PHE X CG  1 
ATOM   376  C CD1 . PHE A 1 47  ? 3.098   -13.015 -5.833  1.00 17.10 ? 47  PHE X CD1 1 
ATOM   377  C CD2 . PHE A 1 47  ? 1.230   -11.511 -5.975  1.00 17.12 ? 47  PHE X CD2 1 
ATOM   378  C CE1 . PHE A 1 47  ? 2.364   -13.990 -6.484  1.00 17.59 ? 47  PHE X CE1 1 
ATOM   379  C CE2 . PHE A 1 47  ? 0.488   -12.477 -6.625  1.00 17.65 ? 47  PHE X CE2 1 
ATOM   380  C CZ  . PHE A 1 47  ? 1.056   -13.726 -6.880  1.00 17.42 ? 47  PHE X CZ  1 
ATOM   381  N N   . GLU A 1 48  ? 3.787   -12.430 -2.218  1.00 17.40 ? 48  GLU X N   1 
ATOM   382  C CA  . GLU A 1 48  ? 3.743   -13.760 -1.661  1.00 18.44 ? 48  GLU X CA  1 
ATOM   383  C C   . GLU A 1 48  ? 3.006   -13.947 -0.376  1.00 18.82 ? 48  GLU X C   1 
ATOM   384  O O   . GLU A 1 48  ? 2.486   -15.029 -0.133  1.00 19.21 ? 48  GLU X O   1 
ATOM   385  C CB  . GLU A 1 48  ? 5.104   -14.406 -1.622  1.00 18.80 ? 48  GLU X CB  1 
ATOM   386  C CG  . GLU A 1 48  ? 5.115   -15.517 -2.635  1.00 21.93 ? 48  GLU X CG  1 
ATOM   387  C CD  . GLU A 1 48  ? 6.269   -15.431 -3.594  1.00 25.36 ? 48  GLU X CD  1 
ATOM   388  O OE1 . GLU A 1 48  ? 7.406   -15.163 -3.114  1.00 26.47 ? 48  GLU X OE1 1 
ATOM   389  O OE2 . GLU A 1 48  ? 6.025   -15.652 -4.813  1.00 25.86 ? 48  GLU X OE2 1 
ATOM   390  N N   . SER A 1 49  ? 2.915   -12.895 0.432   1.00 19.38 ? 49  SER X N   1 
ATOM   391  C CA  . SER A 1 49  ? 2.057   -12.929 1.605   1.00 19.89 ? 49  SER X CA  1 
ATOM   392  C C   . SER A 1 49  ? 0.586   -13.032 1.202   1.00 20.32 ? 49  SER X C   1 
ATOM   393  O O   . SER A 1 49  ? -0.196  -13.706 1.874   1.00 20.43 ? 49  SER X O   1 
ATOM   394  C CB  . SER A 1 49  ? 2.294   -11.707 2.477   1.00 20.00 ? 49  SER X CB  1 
ATOM   395  O OG  . SER A 1 49  ? 2.146   -10.529 1.715   1.00 21.12 ? 49  SER X OG  1 
ATOM   396  N N   . ILE A 1 50  ? 0.210   -12.384 0.099   1.00 20.99 ? 50  ILE X N   1 
ATOM   397  C CA  . ILE A 1 50  ? -1.155  -12.511 -0.420  1.00 21.46 ? 50  ILE X CA  1 
ATOM   398  C C   . ILE A 1 50  ? -1.366  -13.864 -1.092  1.00 21.75 ? 50  ILE X C   1 
ATOM   399  O O   . ILE A 1 50  ? -2.324  -14.566 -0.772  1.00 22.54 ? 50  ILE X O   1 
ATOM   400  C CB  . ILE A 1 50  ? -1.549  -11.397 -1.418  1.00 21.65 ? 50  ILE X CB  1 
ATOM   401  C CG1 . ILE A 1 50  ? -1.321  -9.994  -0.826  1.00 21.60 ? 50  ILE X CG1 1 
ATOM   402  C CG2 . ILE A 1 50  ? -3.001  -11.581 -1.851  1.00 21.43 ? 50  ILE X CG2 1 
ATOM   403  C CD1 . ILE A 1 50  ? -1.493  -8.858  -1.866  1.00 21.51 ? 50  ILE X CD1 1 
ATOM   404  N N   . GLY A 1 51  ? -0.496  -14.227 -2.029  1.00 21.61 ? 51  GLY X N   1 
ATOM   405  C CA  . GLY A 1 51  ? -0.591  -15.539 -2.667  1.00 21.87 ? 51  GLY X CA  1 
ATOM   406  C C   . GLY A 1 51  ? -1.292  -15.614 -4.014  1.00 22.13 ? 51  GLY X C   1 
ATOM   407  O O   . GLY A 1 51  ? -0.941  -16.445 -4.838  1.00 22.38 ? 51  GLY X O   1 
ATOM   408  N N   . LYS A 1 52  ? -2.307  -14.790 -4.240  1.00 22.49 ? 52  LYS X N   1 
ATOM   409  C CA  . LYS A 1 52  ? -2.901  -14.661 -5.588  1.00 23.01 ? 52  LYS X CA  1 
ATOM   410  C C   . LYS A 1 52  ? -2.992  -13.187 -5.993  1.00 22.43 ? 52  LYS X C   1 
ATOM   411  O O   . LYS A 1 52  ? -2.967  -12.322 -5.128  1.00 22.88 ? 52  LYS X O   1 
ATOM   412  C CB  . LYS A 1 52  ? -4.271  -15.381 -5.746  1.00 23.33 ? 52  LYS X CB  1 
ATOM   413  C CG  . LYS A 1 52  ? -5.238  -15.513 -4.519  1.00 26.05 ? 52  LYS X CG  1 
ATOM   414  C CD  . LYS A 1 52  ? -5.321  -14.271 -3.575  1.00 29.50 ? 52  LYS X CD  1 
ATOM   415  C CE  . LYS A 1 52  ? -6.148  -13.095 -4.142  1.00 30.80 ? 52  LYS X CE  1 
ATOM   416  N NZ  . LYS A 1 52  ? -5.888  -11.788 -3.431  1.00 28.93 ? 52  LYS X NZ  1 
ATOM   417  N N   . PRO A 1 53  ? -3.077  -12.893 -7.304  1.00 21.70 ? 53  PRO X N   1 
ATOM   418  C CA  . PRO A 1 53  ? -3.417  -11.518 -7.715  1.00 21.03 ? 53  PRO X CA  1 
ATOM   419  C C   . PRO A 1 53  ? -4.834  -11.104 -7.289  1.00 20.37 ? 53  PRO X C   1 
ATOM   420  O O   . PRO A 1 53  ? -5.734  -11.944 -7.253  1.00 19.85 ? 53  PRO X O   1 
ATOM   421  C CB  . PRO A 1 53  ? -3.333  -11.574 -9.246  1.00 21.23 ? 53  PRO X CB  1 
ATOM   422  C CG  . PRO A 1 53  ? -3.468  -13.028 -9.600  1.00 21.42 ? 53  PRO X CG  1 
ATOM   423  C CD  . PRO A 1 53  ? -2.849  -13.782 -8.460  1.00 21.63 ? 53  PRO X CD  1 
ATOM   424  N N   . LEU A 1 54  ? -5.027  -9.822  -6.971  1.00 19.95 ? 54  LEU X N   1 
ATOM   425  C CA  . LEU A 1 54  ? -6.368  -9.304  -6.653  1.00 19.34 ? 54  LEU X CA  1 
ATOM   426  C C   . LEU A 1 54  ? -7.155  -9.075  -7.946  1.00 18.76 ? 54  LEU X C   1 
ATOM   427  O O   . LEU A 1 54  ? -6.646  -8.426  -8.864  1.00 18.83 ? 54  LEU X O   1 
ATOM   428  C CB  . LEU A 1 54  ? -6.321  -8.000  -5.846  1.00 19.24 ? 54  LEU X CB  1 
ATOM   429  C CG  . LEU A 1 54  ? -5.355  -7.636  -4.708  1.00 20.02 ? 54  LEU X CG  1 
ATOM   430  C CD1 . LEU A 1 54  ? -6.133  -6.892  -3.608  1.00 20.38 ? 54  LEU X CD1 1 
ATOM   431  C CD2 . LEU A 1 54  ? -4.602  -8.814  -4.103  1.00 21.19 ? 54  LEU X CD2 1 
ATOM   432  N N   . PRO A 1 55  ? -8.401  -9.587  -8.019  1.00 18.18 ? 55  PRO X N   1 
ATOM   433  C CA  . PRO A 1 55  ? -9.163  -9.489  -9.275  1.00 17.68 ? 55  PRO X CA  1 
ATOM   434  C C   . PRO A 1 55  ? -9.474  -8.039  -9.654  1.00 17.08 ? 55  PRO X C   1 
ATOM   435  O O   . PRO A 1 55  ? -9.484  -7.163  -8.785  1.00 16.56 ? 55  PRO X O   1 
ATOM   436  C CB  . PRO A 1 55  ? -10.477 -10.231 -8.971  1.00 17.61 ? 55  PRO X CB  1 
ATOM   437  C CG  . PRO A 1 55  ? -10.247 -10.990 -7.684  1.00 18.12 ? 55  PRO X CG  1 
ATOM   438  C CD  . PRO A 1 55  ? -9.172  -10.245 -6.940  1.00 18.35 ? 55  PRO X CD  1 
ATOM   439  N N   . ASN A 1 56  ? -9.695  -7.807  -10.953 1.00 16.57 ? 56  ASN X N   1 
ATOM   440  C CA  . ASN A 1 56  ? -10.240 -6.544  -11.494 1.00 15.86 ? 56  ASN X CA  1 
ATOM   441  C C   . ASN A 1 56  ? -9.317  -5.338  -11.401 1.00 15.23 ? 56  ASN X C   1 
ATOM   442  O O   . ASN A 1 56  ? -9.782  -4.206  -11.242 1.00 15.28 ? 56  ASN X O   1 
ATOM   443  C CB  . ASN A 1 56  ? -11.621 -6.226  -10.892 1.00 15.85 ? 56  ASN X CB  1 
ATOM   444  C CG  . ASN A 1 56  ? -12.591 -7.387  -11.015 1.00 16.05 ? 56  ASN X CG  1 
ATOM   445  O OD1 . ASN A 1 56  ? -13.378 -7.640  -10.105 1.00 17.06 ? 56  ASN X OD1 1 
ATOM   446  N ND2 . ASN A 1 56  ? -12.530 -8.106  -12.135 1.00 14.96 ? 56  ASN X ND2 1 
ATOM   447  N N   . ARG A 1 57  ? -8.015  -5.603  -11.494 1.00 14.60 ? 57  ARG X N   1 
ATOM   448  C CA  . ARG A 1 57  ? -6.970  -4.575  -11.577 1.00 13.72 ? 57  ARG X CA  1 
ATOM   449  C C   . ARG A 1 57  ? -5.644  -5.211  -12.016 1.00 13.04 ? 57  ARG X C   1 
ATOM   450  O O   . ARG A 1 57  ? -5.452  -6.426  -11.875 1.00 12.38 ? 57  ARG X O   1 
ATOM   451  C CB  . ARG A 1 57  ? -6.805  -3.843  -10.233 1.00 13.98 ? 57  ARG X CB  1 
ATOM   452  C CG  . ARG A 1 57  ? -6.043  -4.611  -9.166  1.00 14.06 ? 57  ARG X CG  1 
ATOM   453  C CD  . ARG A 1 57  ? -6.620  -4.356  -7.815  1.00 16.79 ? 57  ARG X CD  1 
ATOM   454  N NE  . ARG A 1 57  ? -8.037  -4.683  -7.828  1.00 20.86 ? 57  ARG X NE  1 
ATOM   455  C CZ  . ARG A 1 57  ? -8.751  -5.012  -6.760  1.00 22.02 ? 57  ARG X CZ  1 
ATOM   456  N NH1 . ARG A 1 57  ? -8.186  -5.060  -5.561  1.00 23.37 ? 57  ARG X NH1 1 
ATOM   457  N NH2 . ARG A 1 57  ? -10.040 -5.283  -6.898  1.00 23.10 ? 57  ARG X NH2 1 
ATOM   458  N N   . ARG A 1 58  ? -4.745  -4.392  -12.554 1.00 12.57 ? 58  ARG X N   1 
ATOM   459  C CA  . ARG A 1 58  ? -3.390  -4.837  -12.876 1.00 12.51 ? 58  ARG X CA  1 
ATOM   460  C C   . ARG A 1 58  ? -2.607  -5.104  -11.602 1.00 12.45 ? 58  ARG X C   1 
ATOM   461  O O   . ARG A 1 58  ? -2.498  -4.235  -10.724 1.00 12.42 ? 58  ARG X O   1 
ATOM   462  C CB  . ARG A 1 58  ? -2.644  -3.801  -13.718 1.00 12.33 ? 58  ARG X CB  1 
ATOM   463  C CG  . ARG A 1 58  ? -2.399  -4.235  -15.129 1.00 12.42 ? 58  ARG X CG  1 
ATOM   464  C CD  . ARG A 1 58  ? -0.925  -4.464  -15.409 1.00 11.55 ? 58  ARG X CD  1 
ATOM   465  N NE  . ARG A 1 58  ? -0.292  -3.289  -16.017 1.00 12.23 ? 58  ARG X NE  1 
ATOM   466  C CZ  . ARG A 1 58  ? 0.683   -3.326  -16.926 1.00 10.86 ? 58  ARG X CZ  1 
ATOM   467  N NH1 . ARG A 1 58  ? 1.148   -4.486  -17.373 1.00 10.25 ? 58  ARG X NH1 1 
ATOM   468  N NH2 . ARG A 1 58  ? 1.183   -2.196  -17.403 1.00 9.39  ? 58  ARG X NH2 1 
ATOM   469  N N   . ASN A 1 59  ? -2.082  -6.321  -11.518 1.00 12.32 ? 59  ASN X N   1 
ATOM   470  C CA  . ASN A 1 59  ? -1.170  -6.719  -10.474 1.00 12.23 ? 59  ASN X CA  1 
ATOM   471  C C   . ASN A 1 59  ? 0.228   -6.767  -11.072 1.00 11.87 ? 59  ASN X C   1 
ATOM   472  O O   . ASN A 1 59  ? 0.497   -7.603  -11.937 1.00 11.78 ? 59  ASN X O   1 
ATOM   473  C CB  . ASN A 1 59  ? -1.564  -8.094  -9.937  1.00 12.60 ? 59  ASN X CB  1 
ATOM   474  C CG  . ASN A 1 59  ? -2.877  -8.070  -9.159  1.00 13.24 ? 59  ASN X CG  1 
ATOM   475  O OD1 . ASN A 1 59  ? -2.878  -8.164  -7.931  1.00 13.17 ? 59  ASN X OD1 1 
ATOM   476  N ND2 . ASN A 1 59  ? -3.996  -7.957  -9.870  1.00 13.08 ? 59  ASN X ND2 1 
ATOM   477  N N   . VAL A 1 60  ? 1.096   -5.850  -10.631 1.00 11.28 ? 60  VAL X N   1 
ATOM   478  C CA  . VAL A 1 60  ? 2.496   -5.793  -11.074 1.00 10.43 ? 60  VAL X CA  1 
ATOM   479  C C   . VAL A 1 60  ? 3.443   -6.101  -9.903  1.00 10.66 ? 60  VAL X C   1 
ATOM   480  O O   . VAL A 1 60  ? 3.404   -5.441  -8.853  1.00 10.22 ? 60  VAL X O   1 
ATOM   481  C CB  . VAL A 1 60  ? 2.850   -4.425  -11.707 1.00 10.05 ? 60  VAL X CB  1 
ATOM   482  C CG1 . VAL A 1 60  ? 4.348   -4.309  -11.947 1.00 9.80  ? 60  VAL X CG1 1 
ATOM   483  C CG2 . VAL A 1 60  ? 2.092   -4.218  -13.011 1.00 9.53  ? 60  VAL X CG2 1 
ATOM   484  N N   . VAL A 1 61  ? 4.291   -7.109  -10.085 1.00 10.77 ? 61  VAL X N   1 
ATOM   485  C CA  . VAL A 1 61  ? 5.213   -7.511  -9.031  1.00 10.99 ? 61  VAL X CA  1 
ATOM   486  C C   . VAL A 1 61  ? 6.658   -7.243  -9.429  1.00 11.66 ? 61  VAL X C   1 
ATOM   487  O O   . VAL A 1 61  ? 7.116   -7.685  -10.490 1.00 11.56 ? 61  VAL X O   1 
ATOM   488  C CB  . VAL A 1 61  ? 5.008   -8.987  -8.604  1.00 10.86 ? 61  VAL X CB  1 
ATOM   489  C CG1 . VAL A 1 61  ? 6.120   -9.448  -7.683  1.00 9.73  ? 61  VAL X CG1 1 
ATOM   490  C CG2 . VAL A 1 61  ? 3.657   -9.152  -7.929  1.00 10.17 ? 61  VAL X CG2 1 
ATOM   491  N N   . LEU A 1 62  ? 7.360   -6.514  -8.563  1.00 12.15 ? 62  LEU X N   1 
ATOM   492  C CA  . LEU A 1 62  ? 8.761   -6.211  -8.759  1.00 13.03 ? 62  LEU X CA  1 
ATOM   493  C C   . LEU A 1 62  ? 9.627   -7.261  -8.085  1.00 13.64 ? 62  LEU X C   1 
ATOM   494  O O   . LEU A 1 62  ? 9.459   -7.548  -6.892  1.00 14.30 ? 62  LEU X O   1 
ATOM   495  C CB  . LEU A 1 62  ? 9.089   -4.814  -8.226  1.00 13.00 ? 62  LEU X CB  1 
ATOM   496  C CG  . LEU A 1 62  ? 10.569  -4.425  -8.182  1.00 13.18 ? 62  LEU X CG  1 
ATOM   497  C CD1 . LEU A 1 62  ? 11.174  -4.380  -9.576  1.00 12.60 ? 62  LEU X CD1 1 
ATOM   498  C CD2 . LEU A 1 62  ? 10.746  -3.083  -7.486  1.00 13.19 ? 62  LEU X CD2 1 
ATOM   499  N N   . THR A 1 63  ? 10.544  -7.837  -8.861  1.00 14.31 ? 63  THR X N   1 
ATOM   500  C CA  . THR A 1 63  ? 11.446  -8.890  -8.387  1.00 14.66 ? 63  THR X CA  1 
ATOM   501  C C   . THR A 1 63  ? 12.692  -8.971  -9.273  1.00 15.07 ? 63  THR X C   1 
ATOM   502  O O   . THR A 1 63  ? 12.696  -8.452  -10.386 1.00 15.33 ? 63  THR X O   1 
ATOM   503  C CB  . THR A 1 63  ? 10.732  -10.259 -8.361  1.00 14.65 ? 63  THR X CB  1 
ATOM   504  O OG1 . THR A 1 63  ? 11.656  -11.278 -7.962  1.00 15.11 ? 63  THR X OG1 1 
ATOM   505  C CG2 . THR A 1 63  ? 10.166  -10.596 -9.730  1.00 14.06 ? 63  THR X CG2 1 
ATOM   506  N N   . SER A 1 64  ? 13.748  -9.610  -8.780  1.00 15.37 ? 64  SER X N   1 
ATOM   507  C CA  . SER A 1 64  ? 14.941  -9.834  -9.591  1.00 15.36 ? 64  SER X CA  1 
ATOM   508  C C   . SER A 1 64  ? 14.954  -11.241 -10.191 1.00 15.70 ? 64  SER X C   1 
ATOM   509  O O   . SER A 1 64  ? 15.809  -11.562 -11.022 1.00 15.56 ? 64  SER X O   1 
ATOM   510  C CB  . SER A 1 64  ? 16.201  -9.597  -8.771  1.00 15.26 ? 64  SER X CB  1 
ATOM   511  O OG  . SER A 1 64  ? 16.216  -10.465 -7.665  1.00 14.76 ? 64  SER X OG  1 
ATOM   512  N N   . ASP A 1 65  ? 13.986  -12.056 -9.777  1.00 16.17 ? 65  ASP X N   1 
ATOM   513  C CA  . ASP A 1 65  ? 13.850  -13.445 -10.209 1.00 16.83 ? 65  ASP X CA  1 
ATOM   514  C C   . ASP A 1 65  ? 13.388  -13.532 -11.675 1.00 17.16 ? 65  ASP X C   1 
ATOM   515  O O   . ASP A 1 65  ? 12.246  -13.191 -11.996 1.00 17.29 ? 65  ASP X O   1 
ATOM   516  C CB  . ASP A 1 65  ? 12.844  -14.137 -9.275  1.00 16.98 ? 65  ASP X CB  1 
ATOM   517  C CG  . ASP A 1 65  ? 12.834  -15.653 -9.415  1.00 17.36 ? 65  ASP X CG  1 
ATOM   518  O OD1 . ASP A 1 65  ? 12.440  -16.328 -8.438  1.00 18.62 ? 65  ASP X OD1 1 
ATOM   519  O OD2 . ASP A 1 65  ? 13.197  -16.179 -10.485 1.00 17.41 ? 65  ASP X OD2 1 
ATOM   520  N N   . THR A 1 66  ? 14.265  -13.993 -12.562 1.00 17.59 ? 66  THR X N   1 
ATOM   521  C CA  . THR A 1 66  ? 13.917  -14.070 -13.988 1.00 18.52 ? 66  THR X CA  1 
ATOM   522  C C   . THR A 1 66  ? 12.993  -15.266 -14.302 1.00 19.00 ? 66  THR X C   1 
ATOM   523  O O   . THR A 1 66  ? 12.397  -15.337 -15.385 1.00 18.81 ? 66  THR X O   1 
ATOM   524  C CB  . THR A 1 66  ? 15.156  -14.065 -14.928 1.00 18.53 ? 66  THR X CB  1 
ATOM   525  O OG1 . THR A 1 66  ? 15.664  -15.394 -15.071 1.00 20.05 ? 66  THR X OG1 1 
ATOM   526  C CG2 . THR A 1 66  ? 16.272  -13.132 -14.412 1.00 18.53 ? 66  THR X CG2 1 
ATOM   527  N N   . SER A 1 67  ? 12.887  -16.191 -13.341 1.00 19.47 ? 67  SER X N   1 
ATOM   528  C CA  . SER A 1 67  ? 11.994  -17.339 -13.422 1.00 19.66 ? 67  SER X CA  1 
ATOM   529  C C   . SER A 1 67  ? 10.597  -16.977 -12.981 1.00 20.17 ? 67  SER X C   1 
ATOM   530  O O   . SER A 1 67  ? 9.648   -17.675 -13.316 1.00 20.68 ? 67  SER X O   1 
ATOM   531  C CB  . SER A 1 67  ? 12.497  -18.464 -12.523 1.00 19.49 ? 67  SER X CB  1 
ATOM   532  O OG  . SER A 1 67  ? 13.666  -19.058 -13.054 1.00 19.86 ? 67  SER X OG  1 
ATOM   533  N N   . PHE A 1 68  ? 10.465  -15.897 -12.219 1.00 20.79 ? 68  PHE X N   1 
ATOM   534  C CA  . PHE A 1 68  ? 9.197   -15.565 -11.595 1.00 21.44 ? 68  PHE X CA  1 
ATOM   535  C C   . PHE A 1 68  ? 8.110   -15.395 -12.632 1.00 22.13 ? 68  PHE X C   1 
ATOM   536  O O   . PHE A 1 68  ? 8.180   -14.496 -13.470 1.00 22.15 ? 68  PHE X O   1 
ATOM   537  C CB  . PHE A 1 68  ? 9.302   -14.303 -10.731 1.00 21.63 ? 68  PHE X CB  1 
ATOM   538  C CG  . PHE A 1 68  ? 8.061   -14.023 -9.906  1.00 21.06 ? 68  PHE X CG  1 
ATOM   539  C CD1 . PHE A 1 68  ? 7.988   -14.434 -8.579  1.00 21.44 ? 68  PHE X CD1 1 
ATOM   540  C CD2 . PHE A 1 68  ? 6.975   -13.360 -10.460 1.00 19.71 ? 68  PHE X CD2 1 
ATOM   541  C CE1 . PHE A 1 68  ? 6.849   -14.177 -7.819  1.00 21.43 ? 68  PHE X CE1 1 
ATOM   542  C CE2 . PHE A 1 68  ? 5.843   -13.099 -9.712  1.00 20.10 ? 68  PHE X CE2 1 
ATOM   543  C CZ  . PHE A 1 68  ? 5.775   -13.508 -8.390  1.00 20.56 ? 68  PHE X CZ  1 
ATOM   544  N N   . ASN A 1 69  ? 7.110   -16.270 -12.561 1.00 22.99 ? 69  ASN X N   1 
ATOM   545  C CA  . ASN A 1 69  ? 5.965   -16.211 -13.455 1.00 24.03 ? 69  ASN X CA  1 
ATOM   546  C C   . ASN A 1 69  ? 4.691   -16.703 -12.752 1.00 24.26 ? 69  ASN X C   1 
ATOM   547  O O   . ASN A 1 69  ? 4.683   -17.807 -12.182 1.00 24.68 ? 69  ASN X O   1 
ATOM   548  C CB  . ASN A 1 69  ? 6.254   -17.011 -14.727 1.00 24.17 ? 69  ASN X CB  1 
ATOM   549  C CG  . ASN A 1 69  ? 5.136   -16.917 -15.742 1.00 25.67 ? 69  ASN X CG  1 
ATOM   550  O OD1 . ASN A 1 69  ? 4.154   -17.655 -15.660 1.00 26.83 ? 69  ASN X OD1 1 
ATOM   551  N ND2 . ASN A 1 69  ? 5.281   -16.012 -16.718 1.00 26.24 ? 69  ASN X ND2 1 
ATOM   552  N N   . VAL A 1 70  ? 3.639   -15.872 -12.774 1.00 24.08 ? 70  VAL X N   1 
ATOM   553  C CA  . VAL A 1 70  ? 2.346   -16.200 -12.173 1.00 24.06 ? 70  VAL X CA  1 
ATOM   554  C C   . VAL A 1 70  ? 1.192   -15.743 -13.079 1.00 24.55 ? 70  VAL X C   1 
ATOM   555  O O   . VAL A 1 70  ? 1.181   -14.603 -13.549 1.00 24.92 ? 70  VAL X O   1 
ATOM   556  C CB  . VAL A 1 70  ? 2.164   -15.558 -10.754 1.00 24.20 ? 70  VAL X CB  1 
ATOM   557  C CG1 . VAL A 1 70  ? 0.879   -16.064 -10.083 1.00 23.86 ? 70  VAL X CG1 1 
ATOM   558  C CG2 . VAL A 1 70  ? 3.358   -15.823 -9.841  1.00 23.49 ? 70  VAL X CG2 1 
ATOM   559  N N   . GLU A 1 71  ? 0.226   -16.633 -13.317 1.00 24.88 ? 71  GLU X N   1 
ATOM   560  C CA  . GLU A 1 71  ? -1.000  -16.289 -14.052 1.00 25.06 ? 71  GLU X CA  1 
ATOM   561  C C   . GLU A 1 71  ? -1.695  -15.071 -13.440 1.00 24.19 ? 71  GLU X C   1 
ATOM   562  O O   . GLU A 1 71  ? -2.061  -15.090 -12.250 1.00 24.28 ? 71  GLU X O   1 
ATOM   563  C CB  . GLU A 1 71  ? -1.984  -17.473 -14.067 1.00 25.68 ? 71  GLU X CB  1 
ATOM   564  C CG  . GLU A 1 71  ? -1.666  -18.568 -15.109 1.00 29.14 ? 71  GLU X CG  1 
ATOM   565  C CD  . GLU A 1 71  ? -1.551  -18.022 -16.543 1.00 32.68 ? 71  GLU X CD  1 
ATOM   566  O OE1 . GLU A 1 71  ? -2.462  -17.255 -16.961 1.00 34.29 ? 71  GLU X OE1 1 
ATOM   567  O OE2 . GLU A 1 71  ? -0.556  -18.362 -17.237 1.00 32.01 ? 71  GLU X OE2 1 
ATOM   568  N N   . GLY A 1 72  ? -1.858  -14.020 -14.249 1.00 22.89 ? 72  GLY X N   1 
ATOM   569  C CA  . GLY A 1 72  ? -2.587  -12.809 -13.844 1.00 21.55 ? 72  GLY X CA  1 
ATOM   570  C C   . GLY A 1 72  ? -1.731  -11.767 -13.139 1.00 20.63 ? 72  GLY X C   1 
ATOM   571  O O   . GLY A 1 72  ? -2.247  -10.879 -12.451 1.00 20.67 ? 72  GLY X O   1 
ATOM   572  N N   . VAL A 1 73  ? -0.416  -11.893 -13.307 1.00 19.51 ? 73  VAL X N   1 
ATOM   573  C CA  . VAL A 1 73  ? 0.564   -11.030 -12.677 1.00 17.91 ? 73  VAL X CA  1 
ATOM   574  C C   . VAL A 1 73  ? 1.596   -10.681 -13.740 1.00 17.67 ? 73  VAL X C   1 
ATOM   575  O O   . VAL A 1 73  ? 2.223   -11.566 -14.318 1.00 17.82 ? 73  VAL X O   1 
ATOM   576  C CB  . VAL A 1 73  ? 1.285   -11.743 -11.499 1.00 17.47 ? 73  VAL X CB  1 
ATOM   577  C CG1 . VAL A 1 73  ? 2.452   -10.908 -10.993 1.00 16.95 ? 73  VAL X CG1 1 
ATOM   578  C CG2 . VAL A 1 73  ? 0.323   -12.059 -10.369 1.00 16.30 ? 73  VAL X CG2 1 
ATOM   579  N N   . ASP A 1 74  ? 1.754   -9.393  -13.999 1.00 17.21 ? 74  ASP X N   1 
ATOM   580  C CA  . ASP A 1 74  ? 2.861   -8.875  -14.794 1.00 16.88 ? 74  ASP X CA  1 
ATOM   581  C C   . ASP A 1 74  ? 4.073   -8.659  -13.892 1.00 16.65 ? 74  ASP X C   1 
ATOM   582  O O   . ASP A 1 74  ? 3.923   -8.321  -12.713 1.00 16.59 ? 74  ASP X O   1 
ATOM   583  C CB  . ASP A 1 74  ? 2.454   -7.549  -15.448 1.00 16.96 ? 74  ASP X CB  1 
ATOM   584  C CG  . ASP A 1 74  ? 1.155   -7.659  -16.225 1.00 16.62 ? 74  ASP X CG  1 
ATOM   585  O OD1 . ASP A 1 74  ? 0.826   -8.764  -16.699 1.00 17.68 ? 74  ASP X OD1 1 
ATOM   586  O OD2 . ASP A 1 74  ? 0.453   -6.646  -16.359 1.00 16.07 ? 74  ASP X OD2 1 
ATOM   587  N N   . VAL A 1 75  ? 5.266   -8.836  -14.455 1.00 16.35 ? 75  VAL X N   1 
ATOM   588  C CA  . VAL A 1 75  ? 6.515   -8.788  -13.698 1.00 16.30 ? 75  VAL X CA  1 
ATOM   589  C C   . VAL A 1 75  ? 7.374   -7.626  -14.182 1.00 16.61 ? 75  VAL X C   1 
ATOM   590  O O   . VAL A 1 75  ? 7.486   -7.389  -15.384 1.00 16.92 ? 75  VAL X O   1 
ATOM   591  C CB  . VAL A 1 75  ? 7.314   -10.137 -13.829 1.00 16.09 ? 75  VAL X CB  1 
ATOM   592  C CG1 . VAL A 1 75  ? 8.629   -10.091 -13.083 1.00 15.74 ? 75  VAL X CG1 1 
ATOM   593  C CG2 . VAL A 1 75  ? 6.491   -11.312 -13.323 1.00 16.15 ? 75  VAL X CG2 1 
ATOM   594  N N   . ILE A 1 76  ? 7.975   -6.897  -13.252 1.00 16.81 ? 76  ILE X N   1 
ATOM   595  C CA  . ILE A 1 76  ? 9.001   -5.935  -13.615 1.00 17.35 ? 76  ILE X CA  1 
ATOM   596  C C   . ILE A 1 76  ? 10.273  -6.234  -12.826 1.00 18.08 ? 76  ILE X C   1 
ATOM   597  O O   . ILE A 1 76  ? 10.222  -6.936  -11.811 1.00 18.04 ? 76  ILE X O   1 
ATOM   598  C CB  . ILE A 1 76  ? 8.529   -4.456  -13.482 1.00 17.42 ? 76  ILE X CB  1 
ATOM   599  C CG1 . ILE A 1 76  ? 8.186   -4.099  -12.023 1.00 17.90 ? 76  ILE X CG1 1 
ATOM   600  C CG2 . ILE A 1 76  ? 7.353   -4.188  -14.441 1.00 16.59 ? 76  ILE X CG2 1 
ATOM   601  C CD1 . ILE A 1 76  ? 7.801   -2.640  -11.796 1.00 17.01 ? 76  ILE X CD1 1 
ATOM   602  N N   . HIS A 1 77  ? 11.407  -5.724  -13.308 1.00 18.74 ? 77  HIS X N   1 
ATOM   603  C CA  . HIS A 1 77  ? 12.712  -6.098  -12.754 1.00 19.28 ? 77  HIS X CA  1 
ATOM   604  C C   . HIS A 1 77  ? 13.557  -4.940  -12.237 1.00 19.60 ? 77  HIS X C   1 
ATOM   605  O O   . HIS A 1 77  ? 14.576  -5.165  -11.573 1.00 19.16 ? 77  HIS X O   1 
ATOM   606  C CB  . HIS A 1 77  ? 13.511  -6.941  -13.762 1.00 19.25 ? 77  HIS X CB  1 
ATOM   607  C CG  . HIS A 1 77  ? 12.903  -8.276  -14.034 1.00 19.77 ? 77  HIS X CG  1 
ATOM   608  N ND1 . HIS A 1 77  ? 12.685  -9.209  -13.042 1.00 21.04 ? 77  HIS X ND1 1 
ATOM   609  C CD2 . HIS A 1 77  ? 12.451  -8.832  -15.182 1.00 20.67 ? 77  HIS X CD2 1 
ATOM   610  C CE1 . HIS A 1 77  ? 12.128  -10.286 -13.567 1.00 21.67 ? 77  HIS X CE1 1 
ATOM   611  N NE2 . HIS A 1 77  ? 11.974  -10.083 -14.864 1.00 22.18 ? 77  HIS X NE2 1 
ATOM   612  N N   . SER A 1 78  ? 13.138  -3.714  -12.534 1.00 20.37 ? 78  SER X N   1 
ATOM   613  C CA  . SER A 1 78  ? 13.762  -2.539  -11.932 1.00 21.60 ? 78  SER X CA  1 
ATOM   614  C C   . SER A 1 78  ? 12.729  -1.511  -11.501 1.00 22.00 ? 78  SER X C   1 
ATOM   615  O O   . SER A 1 78  ? 11.601  -1.491  -12.004 1.00 22.15 ? 78  SER X O   1 
ATOM   616  C CB  . SER A 1 78  ? 14.795  -1.907  -12.872 1.00 21.66 ? 78  SER X CB  1 
ATOM   617  O OG  . SER A 1 78  ? 14.155  -1.270  -13.965 1.00 23.22 ? 78  SER X OG  1 
ATOM   618  N N   . ILE A 1 79  ? 13.134  -0.658  -10.564 1.00 22.78 ? 79  ILE X N   1 
ATOM   619  C CA  . ILE A 1 79  ? 12.309  0.432   -10.069 1.00 23.55 ? 79  ILE X CA  1 
ATOM   620  C C   . ILE A 1 79  ? 11.846  1.333   -11.226 1.00 24.07 ? 79  ILE X C   1 
ATOM   621  O O   . ILE A 1 79  ? 10.755  1.897   -11.171 1.00 23.87 ? 79  ILE X O   1 
ATOM   622  C CB  . ILE A 1 79  ? 13.075  1.236   -8.956  1.00 23.61 ? 79  ILE X CB  1 
ATOM   623  C CG1 . ILE A 1 79  ? 12.147  1.671   -7.820  1.00 23.84 ? 79  ILE X CG1 1 
ATOM   624  C CG2 . ILE A 1 79  ? 13.846  2.424   -9.523  1.00 24.03 ? 79  ILE X CG2 1 
ATOM   625  C CD1 . ILE A 1 79  ? 11.798  0.557   -6.858  1.00 22.62 ? 79  ILE X CD1 1 
ATOM   626  N N   . GLU A 1 80  ? 12.667  1.413   -12.281 1.00 24.95 ? 80  GLU X N   1 
ATOM   627  C CA  . GLU A 1 80  ? 12.452  2.321   -13.423 1.00 25.90 ? 80  GLU X CA  1 
ATOM   628  C C   . GLU A 1 80  ? 11.284  1.904   -14.308 1.00 25.63 ? 80  GLU X C   1 
ATOM   629  O O   . GLU A 1 80  ? 10.693  2.741   -14.994 1.00 25.52 ? 80  GLU X O   1 
ATOM   630  C CB  . GLU A 1 80  ? 13.716  2.450   -14.294 1.00 26.30 ? 80  GLU X CB  1 
ATOM   631  C CG  . GLU A 1 80  ? 15.066  2.353   -13.553 1.00 29.68 ? 80  GLU X CG  1 
ATOM   632  C CD  . GLU A 1 80  ? 15.345  3.509   -12.564 1.00 34.36 ? 80  GLU X CD  1 
ATOM   633  O OE1 . GLU A 1 80  ? 16.167  3.296   -11.632 1.00 35.78 ? 80  GLU X OE1 1 
ATOM   634  O OE2 . GLU A 1 80  ? 14.762  4.618   -12.707 1.00 35.47 ? 80  GLU X OE2 1 
ATOM   635  N N   . ASP A 1 81  ? 10.957  0.612   -14.297 1.00 25.58 ? 81  ASP X N   1 
ATOM   636  C CA  . ASP A 1 81  ? 9.844   0.096   -15.093 1.00 25.32 ? 81  ASP X CA  1 
ATOM   637  C C   . ASP A 1 81  ? 8.503   0.596   -14.597 1.00 24.82 ? 81  ASP X C   1 
ATOM   638  O O   . ASP A 1 81  ? 7.537   0.603   -15.366 1.00 24.75 ? 81  ASP X O   1 
ATOM   639  C CB  . ASP A 1 81  ? 9.848   -1.432  -15.137 1.00 25.53 ? 81  ASP X CB  1 
ATOM   640  C CG  . ASP A 1 81  ? 11.134  -1.995  -15.707 1.00 26.87 ? 81  ASP X CG  1 
ATOM   641  O OD1 . ASP A 1 81  ? 11.574  -1.532  -16.782 1.00 28.36 ? 81  ASP X OD1 1 
ATOM   642  O OD2 . ASP A 1 81  ? 11.711  -2.904  -15.074 1.00 28.76 ? 81  ASP X OD2 1 
ATOM   643  N N   . ILE A 1 82  ? 8.453   1.003   -13.322 1.00 24.51 ? 82  ILE X N   1 
ATOM   644  C CA  . ILE A 1 82  ? 7.233   1.537   -12.690 1.00 24.38 ? 82  ILE X CA  1 
ATOM   645  C C   . ILE A 1 82  ? 6.726   2.761   -13.458 1.00 24.67 ? 82  ILE X C   1 
ATOM   646  O O   . ILE A 1 82  ? 5.538   2.845   -13.772 1.00 24.78 ? 82  ILE X O   1 
ATOM   647  C CB  . ILE A 1 82  ? 7.415   1.881   -11.167 1.00 24.32 ? 82  ILE X CB  1 
ATOM   648  C CG1 . ILE A 1 82  ? 7.591   0.613   -10.324 1.00 24.26 ? 82  ILE X CG1 1 
ATOM   649  C CG2 . ILE A 1 82  ? 6.209   2.647   -10.636 1.00 23.71 ? 82  ILE X CG2 1 
ATOM   650  C CD1 . ILE A 1 82  ? 8.383   0.792   -9.033  1.00 23.83 ? 82  ILE X CD1 1 
ATOM   651  N N   . TYR A 1 83  ? 7.645   3.675   -13.783 1.00 24.79 ? 83  TYR X N   1 
ATOM   652  C CA  . TYR A 1 83  ? 7.336   4.906   -14.519 1.00 24.89 ? 83  TYR X CA  1 
ATOM   653  C C   . TYR A 1 83  ? 6.823   4.660   -15.950 1.00 25.04 ? 83  TYR X C   1 
ATOM   654  O O   . TYR A 1 83  ? 6.221   5.548   -16.555 1.00 24.96 ? 83  TYR X O   1 
ATOM   655  C CB  . TYR A 1 83  ? 8.561   5.823   -14.549 1.00 24.87 ? 83  TYR X CB  1 
ATOM   656  C CG  . TYR A 1 83  ? 9.231   6.012   -13.210 1.00 24.62 ? 83  TYR X CG  1 
ATOM   657  C CD1 . TYR A 1 83  ? 8.584   6.689   -12.180 1.00 25.61 ? 83  TYR X CD1 1 
ATOM   658  C CD2 . TYR A 1 83  ? 10.519  5.531   -12.976 1.00 24.47 ? 83  TYR X CD2 1 
ATOM   659  C CE1 . TYR A 1 83  ? 9.195   6.873   -10.928 1.00 25.56 ? 83  TYR X CE1 1 
ATOM   660  C CE2 . TYR A 1 83  ? 11.145  5.716   -11.732 1.00 25.35 ? 83  TYR X CE2 1 
ATOM   661  C CZ  . TYR A 1 83  ? 10.469  6.388   -10.710 1.00 25.16 ? 83  TYR X CZ  1 
ATOM   662  O OH  . TYR A 1 83  ? 11.054  6.581   -9.474  1.00 24.90 ? 83  TYR X OH  1 
ATOM   663  N N   . GLN A 1 84  ? 7.056   3.454   -16.471 1.00 25.12 ? 84  GLN X N   1 
ATOM   664  C CA  . GLN A 1 84  ? 6.565   3.044   -17.791 1.00 25.45 ? 84  GLN X CA  1 
ATOM   665  C C   . GLN A 1 84  ? 5.157   2.445   -17.757 1.00 25.18 ? 84  GLN X C   1 
ATOM   666  O O   . GLN A 1 84  ? 4.602   2.073   -18.798 1.00 25.39 ? 84  GLN X O   1 
ATOM   667  C CB  . GLN A 1 84  ? 7.535   2.039   -18.433 1.00 25.65 ? 84  GLN X CB  1 
ATOM   668  C CG  . GLN A 1 84  ? 8.351   2.573   -19.599 1.00 27.30 ? 84  GLN X CG  1 
ATOM   669  C CD  . GLN A 1 84  ? 8.824   4.009   -19.395 1.00 29.90 ? 84  GLN X CD  1 
ATOM   670  O OE1 . GLN A 1 84  ? 9.558   4.316   -18.444 1.00 30.22 ? 84  GLN X OE1 1 
ATOM   671  N NE2 . GLN A 1 84  ? 8.401   4.900   -20.297 1.00 30.13 ? 84  GLN X NE2 1 
ATOM   672  N N   . LEU A 1 85  ? 4.578   2.325   -16.568 1.00 24.47 ? 85  LEU X N   1 
ATOM   673  C CA  . LEU A 1 85  ? 3.242   1.742   -16.471 1.00 23.78 ? 85  LEU X CA  1 
ATOM   674  C C   . LEU A 1 85  ? 2.173   2.811   -16.740 1.00 23.25 ? 85  LEU X C   1 
ATOM   675  O O   . LEU A 1 85  ? 2.195   3.874   -16.120 1.00 23.29 ? 85  LEU X O   1 
ATOM   676  C CB  . LEU A 1 85  ? 3.028   1.070   -15.103 1.00 23.67 ? 85  LEU X CB  1 
ATOM   677  C CG  . LEU A 1 85  ? 4.047   0.030   -14.624 1.00 22.81 ? 85  LEU X CG  1 
ATOM   678  C CD1 . LEU A 1 85  ? 3.902   -0.181  -13.135 1.00 21.81 ? 85  LEU X CD1 1 
ATOM   679  C CD2 . LEU A 1 85  ? 3.923   -1.285  -15.365 1.00 21.43 ? 85  LEU X CD2 1 
ATOM   680  N N   . PRO A 1 86  ? 1.249   2.543   -17.681 1.00 22.66 ? 86  PRO X N   1 
ATOM   681  C CA  . PRO A 1 86  ? 0.139   3.482   -17.918 1.00 22.13 ? 86  PRO X CA  1 
ATOM   682  C C   . PRO A 1 86  ? -0.876  3.563   -16.762 1.00 21.37 ? 86  PRO X C   1 
ATOM   683  O O   . PRO A 1 86  ? -1.107  2.562   -16.062 1.00 21.64 ? 86  PRO X O   1 
ATOM   684  C CB  . PRO A 1 86  ? -0.546  2.904   -19.171 1.00 21.92 ? 86  PRO X CB  1 
ATOM   685  C CG  . PRO A 1 86  ? -0.192  1.461   -19.164 1.00 22.03 ? 86  PRO X CG  1 
ATOM   686  C CD  . PRO A 1 86  ? 1.197   1.388   -18.599 1.00 22.58 ? 86  PRO X CD  1 
ATOM   687  N N   . GLY A 1 87  ? -1.471  4.740   -16.577 1.00 19.95 ? 87  GLY X N   1 
ATOM   688  C CA  . GLY A 1 87  ? -2.645  4.874   -15.723 1.00 18.64 ? 87  GLY X CA  1 
ATOM   689  C C   . GLY A 1 87  ? -2.357  5.386   -14.330 1.00 17.92 ? 87  GLY X C   1 
ATOM   690  O O   . GLY A 1 87  ? -1.319  6.019   -14.086 1.00 17.85 ? 87  GLY X O   1 
ATOM   691  N N   . HIS A 1 88  ? -3.298  5.135   -13.418 1.00 17.02 ? 88  HIS X N   1 
ATOM   692  C CA  . HIS A 1 88  ? -3.093  5.424   -12.006 1.00 15.79 ? 88  HIS X CA  1 
ATOM   693  C C   . HIS A 1 88  ? -2.431  4.216   -11.370 1.00 15.24 ? 88  HIS X C   1 
ATOM   694  O O   . HIS A 1 88  ? -3.000  3.114   -11.367 1.00 15.36 ? 88  HIS X O   1 
ATOM   695  C CB  . HIS A 1 88  ? -4.412  5.717   -11.301 1.00 15.67 ? 88  HIS X CB  1 
ATOM   696  C CG  . HIS A 1 88  ? -4.241  6.390   -9.974  1.00 15.65 ? 88  HIS X CG  1 
ATOM   697  N ND1 . HIS A 1 88  ? -5.293  6.951   -9.281  1.00 15.77 ? 88  HIS X ND1 1 
ATOM   698  C CD2 . HIS A 1 88  ? -3.133  6.623   -9.229  1.00 15.12 ? 88  HIS X CD2 1 
ATOM   699  C CE1 . HIS A 1 88  ? -4.841  7.486   -8.159  1.00 16.26 ? 88  HIS X CE1 1 
ATOM   700  N NE2 . HIS A 1 88  ? -3.533  7.304   -8.105  1.00 14.91 ? 88  HIS X NE2 1 
ATOM   701  N N   . VAL A 1 89  ? -1.234  4.425   -10.831 1.00 14.40 ? 89  VAL X N   1 
ATOM   702  C CA  . VAL A 1 89  ? -0.429  3.343   -10.268 1.00 13.33 ? 89  VAL X CA  1 
ATOM   703  C C   . VAL A 1 89  ? -0.287  3.508   -8.744  1.00 12.82 ? 89  VAL X C   1 
ATOM   704  O O   . VAL A 1 89  ? 0.242   4.524   -8.273  1.00 12.49 ? 89  VAL X O   1 
ATOM   705  C CB  . VAL A 1 89  ? 0.955   3.291   -10.954 1.00 13.31 ? 89  VAL X CB  1 
ATOM   706  C CG1 . VAL A 1 89  ? 1.835   2.205   -10.357 1.00 13.02 ? 89  VAL X CG1 1 
ATOM   707  C CG2 . VAL A 1 89  ? 0.790   3.053   -12.451 1.00 13.88 ? 89  VAL X CG2 1 
ATOM   708  N N   . PHE A 1 90  ? -0.760  2.506   -7.990  1.00 11.82 ? 90  PHE X N   1 
ATOM   709  C CA  . PHE A 1 90  ? -0.632  2.483   -6.521  1.00 11.20 ? 90  PHE X CA  1 
ATOM   710  C C   . PHE A 1 90  ? 0.508   1.578   -6.037  1.00 10.89 ? 90  PHE X C   1 
ATOM   711  O O   . PHE A 1 90  ? 0.492   0.377   -6.295  1.00 10.97 ? 90  PHE X O   1 
ATOM   712  C CB  . PHE A 1 90  ? -1.948  2.030   -5.866  1.00 10.86 ? 90  PHE X CB  1 
ATOM   713  C CG  . PHE A 1 90  ? -3.117  2.924   -6.168  1.00 10.53 ? 90  PHE X CG  1 
ATOM   714  C CD1 . PHE A 1 90  ? -3.468  3.954   -5.289  1.00 9.98  ? 90  PHE X CD1 1 
ATOM   715  C CD2 . PHE A 1 90  ? -3.860  2.757   -7.343  1.00 9.94  ? 90  PHE X CD2 1 
ATOM   716  C CE1 . PHE A 1 90  ? -4.541  4.805   -5.569  1.00 8.65  ? 90  PHE X CE1 1 
ATOM   717  C CE2 . PHE A 1 90  ? -4.938  3.592   -7.632  1.00 9.60  ? 90  PHE X CE2 1 
ATOM   718  C CZ  . PHE A 1 90  ? -5.279  4.620   -6.737  1.00 10.21 ? 90  PHE X CZ  1 
ATOM   719  N N   . ILE A 1 91  ? 1.491   2.153   -5.340  1.00 10.60 ? 91  ILE X N   1 
ATOM   720  C CA  . ILE A 1 91  ? 2.516   1.360   -4.640  1.00 9.88  ? 91  ILE X CA  1 
ATOM   721  C C   . ILE A 1 91  ? 1.886   0.715   -3.404  1.00 9.61  ? 91  ILE X C   1 
ATOM   722  O O   . ILE A 1 91  ? 1.482   1.399   -2.454  1.00 9.94  ? 91  ILE X O   1 
ATOM   723  C CB  . ILE A 1 91  ? 3.723   2.210   -4.228  1.00 10.03 ? 91  ILE X CB  1 
ATOM   724  C CG1 . ILE A 1 91  ? 4.185   3.131   -5.384  1.00 10.29 ? 91  ILE X CG1 1 
ATOM   725  C CG2 . ILE A 1 91  ? 4.842   1.320   -3.682  1.00 9.77  ? 91  ILE X CG2 1 
ATOM   726  C CD1 . ILE A 1 91  ? 4.794   2.420   -6.610  1.00 10.12 ? 91  ILE X CD1 1 
ATOM   727  N N   . PHE A 1 92  ? 1.802   -0.609  -3.430  1.00 9.02  ? 92  PHE X N   1 
ATOM   728  C CA  . PHE A 1 92  ? 0.938   -1.349  -2.527  1.00 8.55  ? 92  PHE X CA  1 
ATOM   729  C C   . PHE A 1 92  ? 1.728   -2.052  -1.427  1.00 8.79  ? 92  PHE X C   1 
ATOM   730  O O   . PHE A 1 92  ? 1.125   -2.671  -0.537  1.00 8.90  ? 92  PHE X O   1 
ATOM   731  C CB  . PHE A 1 92  ? 0.134   -2.363  -3.346  1.00 8.11  ? 92  PHE X CB  1 
ATOM   732  C CG  . PHE A 1 92  ? -1.140  -2.830  -2.691  1.00 8.21  ? 92  PHE X CG  1 
ATOM   733  C CD1 . PHE A 1 92  ? -1.390  -4.194  -2.523  1.00 8.24  ? 92  PHE X CD1 1 
ATOM   734  C CD2 . PHE A 1 92  ? -2.118  -1.921  -2.278  1.00 7.72  ? 92  PHE X CD2 1 
ATOM   735  C CE1 . PHE A 1 92  ? -2.588  -4.650  -1.919  1.00 7.81  ? 92  PHE X CE1 1 
ATOM   736  C CE2 . PHE A 1 92  ? -3.322  -2.380  -1.672  1.00 7.95  ? 92  PHE X CE2 1 
ATOM   737  C CZ  . PHE A 1 92  ? -3.553  -3.741  -1.498  1.00 6.27  ? 92  PHE X CZ  1 
ATOM   738  N N   . GLY A 1 93  ? 3.060   -1.960  -1.497  1.00 8.59  ? 93  GLY X N   1 
ATOM   739  C CA  . GLY A 1 93  ? 3.950   -2.624  -0.549  1.00 9.15  ? 93  GLY X CA  1 
ATOM   740  C C   . GLY A 1 93  ? 5.184   -3.291  -1.150  1.00 9.95  ? 93  GLY X C   1 
ATOM   741  O O   . GLY A 1 93  ? 5.226   -3.554  -2.363  1.00 9.94  ? 93  GLY X O   1 
ATOM   742  N N   . GLY A 1 94  ? 6.184   -3.613  -0.314  1.00 10.20 ? 94  GLY X N   1 
ATOM   743  C CA  . GLY A 1 94  ? 6.121   -3.452  1.145   1.00 10.14 ? 94  GLY X CA  1 
ATOM   744  C C   . GLY A 1 94  ? 7.130   -2.429  1.615   1.00 10.47 ? 94  GLY X C   1 
ATOM   745  O O   . GLY A 1 94  ? 7.305   -1.398  0.963   1.00 10.81 ? 94  GLY X O   1 
ATOM   746  N N   . GLN A 1 95  ? 7.807   -2.713  2.732   1.00 10.32 ? 95  GLN X N   1 
ATOM   747  C CA  . GLN A 1 95  ? 8.688   -1.738  3.377   1.00 10.20 ? 95  GLN X CA  1 
ATOM   748  C C   . GLN A 1 95  ? 9.770   -1.224  2.438   1.00 10.79 ? 95  GLN X C   1 
ATOM   749  O O   . GLN A 1 95  ? 9.969   -0.005  2.335   1.00 10.65 ? 95  GLN X O   1 
ATOM   750  C CB  . GLN A 1 95  ? 9.306   -2.303  4.672   1.00 10.02 ? 95  GLN X CB  1 
ATOM   751  C CG  . GLN A 1 95  ? 10.610  -1.608  5.108   1.00 9.59  ? 95  GLN X CG  1 
ATOM   752  C CD  . GLN A 1 95  ? 11.013  -1.845  6.560   1.00 9.94  ? 95  GLN X CD  1 
ATOM   753  O OE1 . GLN A 1 95  ? 12.048  -1.366  7.003   1.00 8.86  ? 95  GLN X OE1 1 
ATOM   754  N NE2 . GLN A 1 95  ? 10.199  -2.568  7.301   1.00 10.70 ? 95  GLN X NE2 1 
ATOM   755  N N   . THR A 1 96  ? 10.463  -2.146  1.764   1.00 11.54 ? 96  THR X N   1 
ATOM   756  C CA  . THR A 1 96  ? 11.588  -1.787  0.893   1.00 12.61 ? 96  THR X CA  1 
ATOM   757  C C   . THR A 1 96  ? 11.114  -0.972  -0.318  1.00 12.88 ? 96  THR X C   1 
ATOM   758  O O   . THR A 1 96  ? 11.755  0.014   -0.697  1.00 13.25 ? 96  THR X O   1 
ATOM   759  C CB  . THR A 1 96  ? 12.395  -3.009  0.420   1.00 12.52 ? 96  THR X CB  1 
ATOM   760  O OG1 . THR A 1 96  ? 11.505  -3.942  -0.183  1.00 15.04 ? 96  THR X OG1 1 
ATOM   761  C CG2 . THR A 1 96  ? 13.088  -3.686  1.585   1.00 12.92 ? 96  THR X CG2 1 
ATOM   762  N N   . LEU A 1 97  ? 9.986   -1.359  -0.908  1.00 12.90 ? 97  LEU X N   1 
ATOM   763  C CA  . LEU A 1 97  ? 9.436   -0.590  -2.024  1.00 13.21 ? 97  LEU X CA  1 
ATOM   764  C C   . LEU A 1 97  ? 9.040   0.846   -1.623  1.00 13.05 ? 97  LEU X C   1 
ATOM   765  O O   . LEU A 1 97  ? 9.409   1.815   -2.303  1.00 13.01 ? 97  LEU X O   1 
ATOM   766  C CB  . LEU A 1 97  ? 8.278   -1.338  -2.687  1.00 13.29 ? 97  LEU X CB  1 
ATOM   767  C CG  . LEU A 1 97  ? 7.828   -0.831  -4.057  1.00 13.70 ? 97  LEU X CG  1 
ATOM   768  C CD1 . LEU A 1 97  ? 9.012   -0.591  -4.985  1.00 13.95 ? 97  LEU X CD1 1 
ATOM   769  C CD2 . LEU A 1 97  ? 6.838   -1.808  -4.669  1.00 13.62 ? 97  LEU X CD2 1 
ATOM   770  N N   . TYR A 1 98  ? 8.315   0.984   -0.510  1.00 12.69 ? 98  TYR X N   1 
ATOM   771  C CA  . TYR A 1 98  ? 7.991   2.300   0.033   1.00 12.19 ? 98  TYR X CA  1 
ATOM   772  C C   . TYR A 1 98  ? 9.249   3.131   0.277   1.00 12.51 ? 98  TYR X C   1 
ATOM   773  O O   . TYR A 1 98  ? 9.275   4.331   0.007   1.00 12.74 ? 98  TYR X O   1 
ATOM   774  C CB  . TYR A 1 98  ? 7.228   2.167   1.339   1.00 11.47 ? 98  TYR X CB  1 
ATOM   775  C CG  . TYR A 1 98  ? 5.840   1.599   1.211   1.00 10.50 ? 98  TYR X CG  1 
ATOM   776  C CD1 . TYR A 1 98  ? 4.975   2.014   0.200   1.00 10.78 ? 98  TYR X CD1 1 
ATOM   777  C CD2 . TYR A 1 98  ? 5.374   0.680   2.124   1.00 9.52  ? 98  TYR X CD2 1 
ATOM   778  C CE1 . TYR A 1 98  ? 3.685   1.500   0.099   1.00 9.66  ? 98  TYR X CE1 1 
ATOM   779  C CE2 . TYR A 1 98  ? 4.097   0.161   2.026   1.00 10.52 ? 98  TYR X CE2 1 
ATOM   780  C CZ  . TYR A 1 98  ? 3.262   0.577   1.017   1.00 9.42  ? 98  TYR X CZ  1 
ATOM   781  O OH  . TYR A 1 98  ? 2.011   0.053   0.947   1.00 10.08 ? 98  TYR X OH  1 
ATOM   782  N N   . GLU A 1 99  ? 10.291  2.482   0.790   1.00 12.59 ? 99  GLU X N   1 
ATOM   783  C CA  . GLU A 1 99  ? 11.558  3.139   1.061   1.00 12.60 ? 99  GLU X CA  1 
ATOM   784  C C   . GLU A 1 99  ? 12.160  3.689   -0.236  1.00 12.72 ? 99  GLU X C   1 
ATOM   785  O O   . GLU A 1 99  ? 12.720  4.782   -0.262  1.00 12.78 ? 99  GLU X O   1 
ATOM   786  C CB  . GLU A 1 99  ? 12.495  2.138   1.713   1.00 12.54 ? 99  GLU X CB  1 
ATOM   787  C CG  . GLU A 1 99  ? 12.994  2.538   3.079   1.00 13.05 ? 99  GLU X CG  1 
ATOM   788  C CD  . GLU A 1 99  ? 13.113  1.345   4.011   1.00 14.03 ? 99  GLU X CD  1 
ATOM   789  O OE1 . GLU A 1 99  ? 12.516  1.368   5.106   1.00 13.73 ? 99  GLU X OE1 1 
ATOM   790  O OE2 . GLU A 1 99  ? 13.783  0.363   3.638   1.00 15.78 ? 99  GLU X OE2 1 
ATOM   791  N N   . GLU A 1 100 ? 11.992  2.938   -1.320  1.00 13.22 ? 100 GLU X N   1 
ATOM   792  C CA  . GLU A 1 100 ? 12.486  3.323   -2.646  1.00 13.46 ? 100 GLU X CA  1 
ATOM   793  C C   . GLU A 1 100 ? 11.595  4.347   -3.327  1.00 13.75 ? 100 GLU X C   1 
ATOM   794  O O   . GLU A 1 100 ? 12.080  5.169   -4.104  1.00 14.18 ? 100 GLU X O   1 
ATOM   795  C CB  . GLU A 1 100 ? 12.609  2.095   -3.542  1.00 13.02 ? 100 GLU X CB  1 
ATOM   796  C CG  . GLU A 1 100 ? 13.605  1.067   -3.063  1.00 13.66 ? 100 GLU X CG  1 
ATOM   797  C CD  . GLU A 1 100 ? 13.539  -0.209  -3.865  1.00 15.75 ? 100 GLU X CD  1 
ATOM   798  O OE1 . GLU A 1 100 ? 12.552  -0.974  -3.723  1.00 15.42 ? 100 GLU X OE1 1 
ATOM   799  O OE2 . GLU A 1 100 ? 14.486  -0.448  -4.649  1.00 16.42 ? 100 GLU X OE2 1 
ATOM   800  N N   . MET A 1 101 ? 10.296  4.297   -3.040  1.00 14.21 ? 101 MET X N   1 
ATOM   801  C CA  . MET A 1 101 ? 9.322   5.108   -3.762  1.00 14.56 ? 101 MET X CA  1 
ATOM   802  C C   . MET A 1 101 ? 8.878   6.389   -3.058  1.00 14.92 ? 101 MET X C   1 
ATOM   803  O O   . MET A 1 101 ? 8.456   7.334   -3.721  1.00 15.44 ? 101 MET X O   1 
ATOM   804  C CB  . MET A 1 101 ? 8.103   4.267   -4.166  1.00 14.42 ? 101 MET X CB  1 
ATOM   805  C CG  . MET A 1 101 ? 8.360   3.175   -5.245  1.00 15.64 ? 101 MET X CG  1 
ATOM   806  S SD  . MET A 1 101 ? 9.352   3.632   -6.711  1.00 17.81 ? 101 MET X SD  1 
ATOM   807  C CE  . MET A 1 101 ? 8.341   4.922   -7.438  1.00 16.11 ? 101 MET X CE  1 
ATOM   808  N N   . ILE A 1 102 ? 8.963   6.441   -1.730  1.00 15.49 ? 102 ILE X N   1 
ATOM   809  C CA  . ILE A 1 102 ? 8.365   7.562   -0.975  1.00 15.82 ? 102 ILE X CA  1 
ATOM   810  C C   . ILE A 1 102 ? 8.780   8.962   -1.479  1.00 16.39 ? 102 ILE X C   1 
ATOM   811  O O   . ILE A 1 102 ? 7.967   9.881   -1.453  1.00 16.27 ? 102 ILE X O   1 
ATOM   812  C CB  . ILE A 1 102 ? 8.545   7.431   0.589   1.00 16.00 ? 102 ILE X CB  1 
ATOM   813  C CG1 . ILE A 1 102 ? 7.480   8.274   1.330   1.00 15.90 ? 102 ILE X CG1 1 
ATOM   814  C CG2 . ILE A 1 102 ? 10.007  7.725   1.028   1.00 14.91 ? 102 ILE X CG2 1 
ATOM   815  C CD1 . ILE A 1 102 ? 7.458   8.117   2.845   1.00 15.35 ? 102 ILE X CD1 1 
ATOM   816  N N   . ASP A 1 103 ? 10.022  9.112   -1.941  1.00 17.11 ? 103 ASP X N   1 
ATOM   817  C CA  . ASP A 1 103 ? 10.498  10.409  -2.443  1.00 18.01 ? 103 ASP X CA  1 
ATOM   818  C C   . ASP A 1 103 ? 10.010  10.731  -3.849  1.00 18.02 ? 103 ASP X C   1 
ATOM   819  O O   . ASP A 1 103 ? 10.113  11.869  -4.273  1.00 18.34 ? 103 ASP X O   1 
ATOM   820  C CB  . ASP A 1 103 ? 12.031  10.505  -2.422  1.00 18.26 ? 103 ASP X CB  1 
ATOM   821  C CG  . ASP A 1 103 ? 12.615  10.562  -1.007  1.00 19.50 ? 103 ASP X CG  1 
ATOM   822  O OD1 . ASP A 1 103 ? 11.874  10.810  -0.029  1.00 18.56 ? 103 ASP X OD1 1 
ATOM   823  O OD2 . ASP A 1 103 ? 13.850  10.353  -0.880  1.00 22.32 ? 103 ASP X OD2 1 
ATOM   824  N N   . LYS A 1 104 ? 9.498   9.734   -4.567  1.00 18.19 ? 104 LYS X N   1 
ATOM   825  C CA  . LYS A 1 104 ? 9.104   9.900   -5.969  1.00 18.31 ? 104 LYS X CA  1 
ATOM   826  C C   . LYS A 1 104 ? 7.599   9.984   -6.169  1.00 18.17 ? 104 LYS X C   1 
ATOM   827  O O   . LYS A 1 104 ? 7.151   10.337  -7.251  1.00 18.45 ? 104 LYS X O   1 
ATOM   828  C CB  . LYS A 1 104 ? 9.638   8.753   -6.841  1.00 18.47 ? 104 LYS X CB  1 
ATOM   829  C CG  . LYS A 1 104 ? 11.070  8.328   -6.558  1.00 20.04 ? 104 LYS X CG  1 
ATOM   830  C CD  . LYS A 1 104 ? 12.119  9.198   -7.265  1.00 21.88 ? 104 LYS X CD  1 
ATOM   831  C CE  . LYS A 1 104 ? 13.504  8.975   -6.651  1.00 22.67 ? 104 LYS X CE  1 
ATOM   832  N NZ  . LYS A 1 104 ? 13.736  7.514   -6.357  1.00 24.45 ? 104 LYS X NZ  1 
ATOM   833  N N   . VAL A 1 105 ? 6.807   9.641   -5.155  1.00 18.02 ? 105 VAL X N   1 
ATOM   834  C CA  . VAL A 1 105 ? 5.349   9.628   -5.346  1.00 17.72 ? 105 VAL X CA  1 
ATOM   835  C C   . VAL A 1 105 ? 4.718   11.031  -5.334  1.00 17.76 ? 105 VAL X C   1 
ATOM   836  O O   . VAL A 1 105 ? 5.184   11.939  -4.622  1.00 17.45 ? 105 VAL X O   1 
ATOM   837  C CB  . VAL A 1 105 ? 4.597   8.663   -4.368  1.00 17.52 ? 105 VAL X CB  1 
ATOM   838  C CG1 . VAL A 1 105 ? 5.101   7.234   -4.533  1.00 17.18 ? 105 VAL X CG1 1 
ATOM   839  C CG2 . VAL A 1 105 ? 4.686   9.142   -2.912  1.00 16.90 ? 105 VAL X CG2 1 
ATOM   840  N N   . ASP A 1 106 ? 3.654   11.180  -6.130  1.00 17.71 ? 106 ASP X N   1 
ATOM   841  C CA  . ASP A 1 106 ? 2.854   12.409  -6.178  1.00 17.43 ? 106 ASP X CA  1 
ATOM   842  C C   . ASP A 1 106 ? 2.022   12.545  -4.901  1.00 17.12 ? 106 ASP X C   1 
ATOM   843  O O   . ASP A 1 106 ? 1.830   13.646  -4.364  1.00 17.19 ? 106 ASP X O   1 
ATOM   844  C CB  . ASP A 1 106 ? 1.873   12.357  -7.368  1.00 17.68 ? 106 ASP X CB  1 
ATOM   845  C CG  . ASP A 1 106 ? 2.563   12.132  -8.726  1.00 17.67 ? 106 ASP X CG  1 
ATOM   846  O OD1 . ASP A 1 106 ? 3.555   12.839  -9.013  1.00 17.19 ? 106 ASP X OD1 1 
ATOM   847  O OD2 . ASP A 1 106 ? 2.078   11.276  -9.517  1.00 16.31 ? 106 ASP X OD2 1 
ATOM   848  N N   . ASP A 1 107 ? 1.601   11.384  -4.400  1.00 16.38 ? 107 ASP X N   1 
ATOM   849  C CA  . ASP A 1 107 ? 0.311   11.199  -3.770  1.00 15.43 ? 107 ASP X CA  1 
ATOM   850  C C   . ASP A 1 107 ? 0.414   10.090  -2.729  1.00 14.81 ? 107 ASP X C   1 
ATOM   851  O O   . ASP A 1 107 ? 1.072   9.070   -2.962  1.00 14.80 ? 107 ASP X O   1 
ATOM   852  C CB  . ASP A 1 107 ? -0.634  10.708  -4.878  1.00 15.40 ? 107 ASP X CB  1 
ATOM   853  C CG  . ASP A 1 107 ? -2.037  11.162  -4.681  1.00 15.87 ? 107 ASP X CG  1 
ATOM   854  O OD1 . ASP A 1 107 ? -2.227  12.033  -3.819  1.00 18.11 ? 107 ASP X OD1 1 
ATOM   855  O OD2 . ASP A 1 107 ? -2.950  10.666  -5.378  1.00 17.06 ? 107 ASP X OD2 1 
ATOM   856  N N   . MET A 1 108 ? -0.247  10.246  -1.591  1.00 13.90 ? 108 MET X N   1 
ATOM   857  C CA  . MET A 1 108 ? -0.296  9.132   -0.625  1.00 12.46 ? 108 MET X CA  1 
ATOM   858  C C   . MET A 1 108 ? -1.693  8.873   -0.104  1.00 11.94 ? 108 MET X C   1 
ATOM   859  O O   . MET A 1 108 ? -2.408  9.803   0.264   1.00 11.91 ? 108 MET X O   1 
ATOM   860  C CB  . MET A 1 108 ? 0.676   9.342   0.541   1.00 12.32 ? 108 MET X CB  1 
ATOM   861  C CG  . MET A 1 108 ? 2.132   9.423   0.119   1.00 11.84 ? 108 MET X CG  1 
ATOM   862  S SD  . MET A 1 108 ? 3.267   9.044   1.449   1.00 11.35 ? 108 MET X SD  1 
ATOM   863  C CE  . MET A 1 108 ? 2.820   10.295  2.650   1.00 11.19 ? 108 MET X CE  1 
ATOM   864  N N   . TYR A 1 109 ? -2.071  7.601   -0.083  1.00 11.37 ? 109 TYR X N   1 
ATOM   865  C CA  . TYR A 1 109 ? -3.346  7.183   0.489   1.00 10.79 ? 109 TYR X CA  1 
ATOM   866  C C   . TYR A 1 109 ? -3.095  6.319   1.707   1.00 9.94  ? 109 TYR X C   1 
ATOM   867  O O   . TYR A 1 109 ? -2.810  5.117   1.600   1.00 9.82  ? 109 TYR X O   1 
ATOM   868  C CB  . TYR A 1 109 ? -4.178  6.427   -0.542  1.00 11.06 ? 109 TYR X CB  1 
ATOM   869  C CG  . TYR A 1 109 ? -4.787  7.307   -1.597  1.00 12.30 ? 109 TYR X CG  1 
ATOM   870  C CD1 . TYR A 1 109 ? -4.111  7.576   -2.799  1.00 11.86 ? 109 TYR X CD1 1 
ATOM   871  C CD2 . TYR A 1 109 ? -6.051  7.867   -1.406  1.00 12.91 ? 109 TYR X CD2 1 
ATOM   872  C CE1 . TYR A 1 109 ? -4.684  8.385   -3.774  1.00 11.55 ? 109 TYR X CE1 1 
ATOM   873  C CE2 . TYR A 1 109 ? -6.633  8.672   -2.375  1.00 12.73 ? 109 TYR X CE2 1 
ATOM   874  C CZ  . TYR A 1 109 ? -5.949  8.930   -3.551  1.00 12.62 ? 109 TYR X CZ  1 
ATOM   875  O OH  . TYR A 1 109 ? -6.555  9.729   -4.499  1.00 12.85 ? 109 TYR X OH  1 
ATOM   876  N N   . ILE A 1 110 ? -3.218  6.939   2.873   1.00 9.36  ? 110 ILE X N   1 
ATOM   877  C CA  . ILE A 1 110 ? -2.830  6.301   4.134   1.00 8.42  ? 110 ILE X CA  1 
ATOM   878  C C   . ILE A 1 110 ? -4.014  6.017   5.043   1.00 8.30  ? 110 ILE X C   1 
ATOM   879  O O   . ILE A 1 110 ? -4.800  6.913   5.331   1.00 8.72  ? 110 ILE X O   1 
ATOM   880  C CB  . ILE A 1 110 ? -1.788  7.167   4.875   1.00 8.00  ? 110 ILE X CB  1 
ATOM   881  C CG1 . ILE A 1 110 ? -0.571  7.392   3.976   1.00 5.79  ? 110 ILE X CG1 1 
ATOM   882  C CG2 . ILE A 1 110 ? -1.393  6.522   6.206   1.00 8.22  ? 110 ILE X CG2 1 
ATOM   883  C CD1 . ILE A 1 110 ? 0.413   8.327   4.525   1.00 3.93  ? 110 ILE X CD1 1 
ATOM   884  N N   . THR A 1 111 ? -4.149  4.765   5.476   1.00 8.02  ? 111 THR X N   1 
ATOM   885  C CA  . THR A 1 111 ? -5.040  4.432   6.575   1.00 7.78  ? 111 THR X CA  1 
ATOM   886  C C   . THR A 1 111 ? -4.212  4.373   7.859   1.00 8.05  ? 111 THR X C   1 
ATOM   887  O O   . THR A 1 111 ? -3.419  3.450   8.043   1.00 8.54  ? 111 THR X O   1 
ATOM   888  C CB  . THR A 1 111 ? -5.723  3.070   6.359   1.00 7.78  ? 111 THR X CB  1 
ATOM   889  O OG1 . THR A 1 111 ? -6.386  3.061   5.092   1.00 7.50  ? 111 THR X OG1 1 
ATOM   890  C CG2 . THR A 1 111 ? -6.749  2.779   7.478   1.00 7.22  ? 111 THR X CG2 1 
ATOM   891  N N   . VAL A 1 112 ? -4.376  5.361   8.731   1.00 8.04  ? 112 VAL X N   1 
ATOM   892  C CA  . VAL A 1 112 ? -3.777  5.320   10.066  1.00 8.37  ? 112 VAL X CA  1 
ATOM   893  C C   . VAL A 1 112 ? -4.634  4.483   11.049  1.00 8.93  ? 112 VAL X C   1 
ATOM   894  O O   . VAL A 1 112 ? -5.756  4.868   11.406  1.00 9.02  ? 112 VAL X O   1 
ATOM   895  C CB  . VAL A 1 112 ? -3.543  6.753   10.632  1.00 8.42  ? 112 VAL X CB  1 
ATOM   896  C CG1 . VAL A 1 112 ? -2.871  6.697   12.003  1.00 7.86  ? 112 VAL X CG1 1 
ATOM   897  C CG2 . VAL A 1 112 ? -2.704  7.597   9.664   1.00 8.01  ? 112 VAL X CG2 1 
ATOM   898  N N   . ILE A 1 113 ? -4.105  3.334   11.470  1.00 9.53  ? 113 ILE X N   1 
ATOM   899  C CA  . ILE A 1 113 ? -4.727  2.502   12.513  1.00 9.71  ? 113 ILE X CA  1 
ATOM   900  C C   . ILE A 1 113 ? -4.314  3.098   13.867  1.00 10.46 ? 113 ILE X C   1 
ATOM   901  O O   . ILE A 1 113 ? -3.132  3.032   14.224  1.00 10.50 ? 113 ILE X O   1 
ATOM   902  C CB  . ILE A 1 113 ? -4.216  1.010   12.448  1.00 9.75  ? 113 ILE X CB  1 
ATOM   903  C CG1 . ILE A 1 113 ? -4.086  0.480   10.995  1.00 8.88  ? 113 ILE X CG1 1 
ATOM   904  C CG2 . ILE A 1 113 ? -5.014  0.093   13.369  1.00 8.69  ? 113 ILE X CG2 1 
ATOM   905  C CD1 . ILE A 1 113 ? -5.358  0.270   10.229  1.00 7.14  ? 113 ILE X CD1 1 
ATOM   906  N N   . GLU A 1 114 ? -5.258  3.688   14.610  1.00 11.11 ? 114 GLU X N   1 
ATOM   907  C CA  . GLU A 1 114 ? -4.935  4.313   15.907  1.00 11.86 ? 114 GLU X CA  1 
ATOM   908  C C   . GLU A 1 114 ? -4.693  3.250   16.998  1.00 11.87 ? 114 GLU X C   1 
ATOM   909  O O   . GLU A 1 114 ? -5.447  3.166   17.981  1.00 11.85 ? 114 GLU X O   1 
ATOM   910  C CB  . GLU A 1 114 ? -6.020  5.305   16.367  1.00 12.19 ? 114 GLU X CB  1 
ATOM   911  C CG  . GLU A 1 114 ? -6.694  6.157   15.283  1.00 14.77 ? 114 GLU X CG  1 
ATOM   912  C CD  . GLU A 1 114 ? -5.832  7.319   14.751  1.00 19.06 ? 114 GLU X CD  1 
ATOM   913  O OE1 . GLU A 1 114 ? -4.909  7.804   15.469  1.00 18.61 ? 114 GLU X OE1 1 
ATOM   914  O OE2 . GLU A 1 114 ? -6.106  7.753   13.592  1.00 20.54 ? 114 GLU X OE2 1 
ATOM   915  N N   . GLY A 1 115 ? -3.642  2.444   16.800  1.00 11.84 ? 115 GLY X N   1 
ATOM   916  C CA  . GLY A 1 115 ? -3.248  1.348   17.699  1.00 11.42 ? 115 GLY X CA  1 
ATOM   917  C C   . GLY A 1 115 ? -1.744  1.121   17.634  1.00 11.26 ? 115 GLY X C   1 
ATOM   918  O O   . GLY A 1 115 ? -1.063  1.736   16.816  1.00 11.51 ? 115 GLY X O   1 
ATOM   919  N N   . LYS A 1 116 ? -1.229  0.259   18.510  1.00 10.86 ? 116 LYS X N   1 
ATOM   920  C CA  . LYS A 1 116 ? 0.204   -0.046  18.607  1.00 10.52 ? 116 LYS X CA  1 
ATOM   921  C C   . LYS A 1 116 ? 0.405   -1.542  18.590  1.00 10.22 ? 116 LYS X C   1 
ATOM   922  O O   . LYS A 1 116 ? 0.165   -2.226  19.584  1.00 10.18 ? 116 LYS X O   1 
ATOM   923  C CB  . LYS A 1 116 ? 0.824   0.542   19.879  1.00 10.27 ? 116 LYS X CB  1 
ATOM   924  C CG  . LYS A 1 116 ? 1.343   1.935   19.692  1.00 11.27 ? 116 LYS X CG  1 
ATOM   925  C CD  . LYS A 1 116 ? 1.642   2.628   21.012  1.00 13.08 ? 116 LYS X CD  1 
ATOM   926  C CE  . LYS A 1 116 ? 2.062   4.070   20.739  1.00 13.64 ? 116 LYS X CE  1 
ATOM   927  N NZ  . LYS A 1 116 ? 2.312   4.856   21.976  1.00 16.01 ? 116 LYS X NZ  1 
ATOM   928  N N   . PHE A 1 117 ? 0.840   -2.047  17.446  1.00 10.10 ? 117 PHE X N   1 
ATOM   929  C CA  . PHE A 1 117 ? 0.956   -3.483  17.230  1.00 9.75  ? 117 PHE X CA  1 
ATOM   930  C C   . PHE A 1 117 ? 2.432   -3.849  17.242  1.00 9.90  ? 117 PHE X C   1 
ATOM   931  O O   . PHE A 1 117 ? 3.274   -3.001  16.967  1.00 9.84  ? 117 PHE X O   1 
ATOM   932  C CB  . PHE A 1 117 ? 0.316   -3.869  15.887  1.00 8.95  ? 117 PHE X CB  1 
ATOM   933  C CG  . PHE A 1 117 ? -1.181  -3.603  15.813  1.00 8.39  ? 117 PHE X CG  1 
ATOM   934  C CD1 . PHE A 1 117 ? -2.098  -4.655  15.862  1.00 8.46  ? 117 PHE X CD1 1 
ATOM   935  C CD2 . PHE A 1 117 ? -1.677  -2.306  15.664  1.00 7.52  ? 117 PHE X CD2 1 
ATOM   936  C CE1 . PHE A 1 117 ? -3.490  -4.411  15.791  1.00 7.60  ? 117 PHE X CE1 1 
ATOM   937  C CE2 . PHE A 1 117 ? -3.071  -2.054  15.595  1.00 5.81  ? 117 PHE X CE2 1 
ATOM   938  C CZ  . PHE A 1 117 ? -3.969  -3.104  15.655  1.00 5.93  ? 117 PHE X CZ  1 
ATOM   939  N N   . ARG A 1 118 ? 2.743   -5.097  17.589  1.00 10.22 ? 118 ARG X N   1 
ATOM   940  C CA  . ARG A 1 118 ? 4.077   -5.651  17.338  1.00 10.31 ? 118 ARG X CA  1 
ATOM   941  C C   . ARG A 1 118 ? 4.262   -5.882  15.824  1.00 9.92  ? 118 ARG X C   1 
ATOM   942  O O   . ARG A 1 118 ? 3.404   -6.488  15.159  1.00 10.15 ? 118 ARG X O   1 
ATOM   943  C CB  . ARG A 1 118 ? 4.286   -6.949  18.147  1.00 10.41 ? 118 ARG X CB  1 
ATOM   944  C CG  . ARG A 1 118 ? 5.135   -8.046  17.456  1.00 12.26 ? 118 ARG X CG  1 
ATOM   945  C CD  . ARG A 1 118 ? 6.231   -8.655  18.357  1.00 15.76 ? 118 ARG X CD  1 
ATOM   946  N NE  . ARG A 1 118 ? 5.830   -8.597  19.760  1.00 18.47 ? 118 ARG X NE  1 
ATOM   947  C CZ  . ARG A 1 118 ? 4.991   -9.447  20.337  1.00 17.66 ? 118 ARG X CZ  1 
ATOM   948  N NH1 . ARG A 1 118 ? 4.491   -10.459 19.635  1.00 16.92 ? 118 ARG X NH1 1 
ATOM   949  N NH2 . ARG A 1 118 ? 4.666   -9.280  21.616  1.00 16.20 ? 118 ARG X NH2 1 
ATOM   950  N N   . GLY A 1 119 ? 5.370   -5.406  15.277  1.00 9.47  ? 119 GLY X N   1 
ATOM   951  C CA  . GLY A 1 119 ? 5.644   -5.626  13.864  1.00 9.22  ? 119 GLY X CA  1 
ATOM   952  C C   . GLY A 1 119 ? 7.109   -5.775  13.516  1.00 8.95  ? 119 GLY X C   1 
ATOM   953  O O   . GLY A 1 119 ? 7.983   -5.491  14.327  1.00 8.68  ? 119 GLY X O   1 
ATOM   954  N N   . ASP A 1 120 ? 7.366   -6.236  12.298  1.00 8.96  ? 120 ASP X N   1 
ATOM   955  C CA  . ASP A 1 120 ? 8.729   -6.378  11.806  1.00 9.16  ? 120 ASP X CA  1 
ATOM   956  C C   . ASP A 1 120 ? 8.932   -5.569  10.521  1.00 9.23  ? 120 ASP X C   1 
ATOM   957  O O   . ASP A 1 120 ? 10.075  -5.359  10.076  1.00 8.99  ? 120 ASP X O   1 
ATOM   958  C CB  . ASP A 1 120 ? 9.160   -7.861  11.655  1.00 8.82  ? 120 ASP X CB  1 
ATOM   959  C CG  . ASP A 1 120 ? 8.132   -8.723  10.945  1.00 9.19  ? 120 ASP X CG  1 
ATOM   960  O OD1 . ASP A 1 120 ? 8.155   -9.950  11.134  1.00 10.14 ? 120 ASP X OD1 1 
ATOM   961  O OD2 . ASP A 1 120 ? 7.291   -8.196  10.196  1.00 11.86 ? 120 ASP X OD2 1 
ATOM   962  N N   . THR A 1 121 ? 7.819   -5.105  9.951   1.00 9.46  ? 121 THR X N   1 
ATOM   963  C CA  . THR A 1 121 ? 7.843   -4.217  8.786   1.00 9.79  ? 121 THR X CA  1 
ATOM   964  C C   . THR A 1 121 ? 7.210   -2.861  9.025   1.00 10.07 ? 121 THR X C   1 
ATOM   965  O O   . THR A 1 121 ? 6.151   -2.756  9.643   1.00 10.47 ? 121 THR X O   1 
ATOM   966  C CB  . THR A 1 121 ? 7.257   -4.859  7.518   1.00 9.86  ? 121 THR X CB  1 
ATOM   967  O OG1 . THR A 1 121 ? 6.693   -6.134  7.829   1.00 9.68  ? 121 THR X OG1 1 
ATOM   968  C CG2 . THR A 1 121 ? 8.358   -5.081  6.539   1.00 9.89  ? 121 THR X CG2 1 
ATOM   969  N N   . PHE A 1 122 ? 7.871   -1.828  8.508   1.00 10.39 ? 122 PHE X N   1 
ATOM   970  C CA  . PHE A 1 122 ? 7.547   -0.436  8.803   1.00 10.66 ? 122 PHE X CA  1 
ATOM   971  C C   . PHE A 1 122 ? 7.446   0.468   7.574   1.00 11.42 ? 122 PHE X C   1 
ATOM   972  O O   . PHE A 1 122 ? 8.168   0.292   6.578   1.00 11.74 ? 122 PHE X O   1 
ATOM   973  C CB  . PHE A 1 122 ? 8.607   0.144   9.745   1.00 9.96  ? 122 PHE X CB  1 
ATOM   974  C CG  . PHE A 1 122 ? 8.444   -0.278  11.161  1.00 9.23  ? 122 PHE X CG  1 
ATOM   975  C CD1 . PHE A 1 122 ? 7.849   0.576   12.084  1.00 8.56  ? 122 PHE X CD1 1 
ATOM   976  C CD2 . PHE A 1 122 ? 8.876   -1.536  11.586  1.00 7.82  ? 122 PHE X CD2 1 
ATOM   977  C CE1 . PHE A 1 122 ? 7.690   0.185   13.415  1.00 7.68  ? 122 PHE X CE1 1 
ATOM   978  C CE2 . PHE A 1 122 ? 8.726   -1.928  12.915  1.00 7.15  ? 122 PHE X CE2 1 
ATOM   979  C CZ  . PHE A 1 122 ? 8.128   -1.072  13.826  1.00 7.28  ? 122 PHE X CZ  1 
ATOM   980  N N   . PHE A 1 123 ? 6.559   1.452   7.661   1.00 11.88 ? 123 PHE X N   1 
ATOM   981  C CA  . PHE A 1 123 ? 6.477   2.493   6.655   1.00 12.76 ? 123 PHE X CA  1 
ATOM   982  C C   . PHE A 1 123 ? 7.551   3.540   6.996   1.00 13.22 ? 123 PHE X C   1 
ATOM   983  O O   . PHE A 1 123 ? 7.768   3.807   8.172   1.00 13.84 ? 123 PHE X O   1 
ATOM   984  C CB  . PHE A 1 123 ? 5.065   3.092   6.648   1.00 12.39 ? 123 PHE X CB  1 
ATOM   985  C CG  . PHE A 1 123 ? 4.793   4.006   5.491   1.00 12.49 ? 123 PHE X CG  1 
ATOM   986  C CD1 . PHE A 1 123 ? 4.420   3.494   4.255   1.00 12.48 ? 123 PHE X CD1 1 
ATOM   987  C CD2 . PHE A 1 123 ? 4.892   5.386   5.639   1.00 12.52 ? 123 PHE X CD2 1 
ATOM   988  C CE1 . PHE A 1 123 ? 4.161   4.345   3.175   1.00 11.48 ? 123 PHE X CE1 1 
ATOM   989  C CE2 . PHE A 1 123 ? 4.630   6.234   4.564   1.00 11.35 ? 123 PHE X CE2 1 
ATOM   990  C CZ  . PHE A 1 123 ? 4.267   5.711   3.337   1.00 10.66 ? 123 PHE X CZ  1 
ATOM   991  N N   . PRO A 1 124 ? 8.250   4.110   5.981   1.00 13.63 ? 124 PRO X N   1 
ATOM   992  C CA  . PRO A 1 124 ? 9.297   5.093   6.292   1.00 13.94 ? 124 PRO X CA  1 
ATOM   993  C C   . PRO A 1 124 ? 8.769   6.350   6.991   1.00 14.60 ? 124 PRO X C   1 
ATOM   994  O O   . PRO A 1 124 ? 7.613   6.733   6.764   1.00 14.72 ? 124 PRO X O   1 
ATOM   995  C CB  . PRO A 1 124 ? 9.877   5.453   4.916   1.00 13.72 ? 124 PRO X CB  1 
ATOM   996  C CG  . PRO A 1 124 ? 8.891   5.002   3.927   1.00 13.60 ? 124 PRO X CG  1 
ATOM   997  C CD  . PRO A 1 124 ? 8.133   3.872   4.528   1.00 13.57 ? 124 PRO X CD  1 
ATOM   998  N N   . PRO A 1 125 ? 9.594   6.971   7.859   1.00 14.97 ? 125 PRO X N   1 
ATOM   999  C CA  . PRO A 1 125 ? 9.294   8.278   8.448   1.00 15.43 ? 125 PRO X CA  1 
ATOM   1000 C C   . PRO A 1 125 ? 8.932   9.335   7.411   1.00 16.01 ? 125 PRO X C   1 
ATOM   1001 O O   . PRO A 1 125 ? 9.506   9.344   6.321   1.00 16.31 ? 125 PRO X O   1 
ATOM   1002 C CB  . PRO A 1 125 ? 10.609  8.659   9.133   1.00 15.30 ? 125 PRO X CB  1 
ATOM   1003 C CG  . PRO A 1 125 ? 11.209  7.357   9.508   1.00 15.20 ? 125 PRO X CG  1 
ATOM   1004 C CD  . PRO A 1 125 ? 10.867  6.429   8.369   1.00 14.95 ? 125 PRO X CD  1 
ATOM   1005 N N   . TYR A 1 126 ? 7.973   10.197  7.759   1.00 16.79 ? 126 TYR X N   1 
ATOM   1006 C CA  . TYR A 1 126 ? 7.565   11.354  6.952   1.00 17.38 ? 126 TYR X CA  1 
ATOM   1007 C C   . TYR A 1 126 ? 6.960   12.469  7.823   1.00 18.52 ? 126 TYR X C   1 
ATOM   1008 O O   . TYR A 1 126 ? 6.388   12.200  8.881   1.00 18.17 ? 126 TYR X O   1 
ATOM   1009 C CB  . TYR A 1 126 ? 6.578   10.929  5.860   1.00 16.84 ? 126 TYR X CB  1 
ATOM   1010 C CG  . TYR A 1 126 ? 5.244   10.413  6.372   1.00 16.12 ? 126 TYR X CG  1 
ATOM   1011 C CD1 . TYR A 1 126 ? 4.139   11.264  6.475   1.00 14.01 ? 126 TYR X CD1 1 
ATOM   1012 C CD2 . TYR A 1 126 ? 5.088   9.072   6.740   1.00 15.26 ? 126 TYR X CD2 1 
ATOM   1013 C CE1 . TYR A 1 126 ? 2.917   10.803  6.937   1.00 13.75 ? 126 TYR X CE1 1 
ATOM   1014 C CE2 . TYR A 1 126 ? 3.873   8.597   7.201   1.00 15.24 ? 126 TYR X CE2 1 
ATOM   1015 C CZ  . TYR A 1 126 ? 2.788   9.468   7.301   1.00 15.69 ? 126 TYR X CZ  1 
ATOM   1016 O OH  . TYR A 1 126 ? 1.579   8.994   7.767   1.00 15.50 ? 126 TYR X OH  1 
ATOM   1017 N N   . THR A 1 127 ? 7.085   13.717  7.369   1.00 20.28 ? 127 THR X N   1 
ATOM   1018 C CA  . THR A 1 127 ? 6.533   14.873  8.089   1.00 21.92 ? 127 THR X CA  1 
ATOM   1019 C C   . THR A 1 127 ? 5.376   15.479  7.330   1.00 23.03 ? 127 THR X C   1 
ATOM   1020 O O   . THR A 1 127 ? 5.365   15.460  6.099   1.00 23.56 ? 127 THR X O   1 
ATOM   1021 C CB  . THR A 1 127 ? 7.560   16.008  8.228   1.00 21.87 ? 127 THR X CB  1 
ATOM   1022 O OG1 . THR A 1 127 ? 8.873   15.517  7.933   1.00 22.21 ? 127 THR X OG1 1 
ATOM   1023 C CG2 . THR A 1 127 ? 7.510   16.617  9.639   1.00 22.25 ? 127 THR X CG2 1 
ATOM   1024 N N   . PHE A 1 128 ? 4.424   16.057  8.058   1.00 24.36 ? 128 PHE X N   1 
ATOM   1025 C CA  . PHE A 1 128 ? 3.352   16.831  7.437   1.00 25.33 ? 128 PHE X CA  1 
ATOM   1026 C C   . PHE A 1 128 ? 3.859   18.152  6.853   1.00 25.84 ? 128 PHE X C   1 
ATOM   1027 O O   . PHE A 1 128 ? 3.179   18.781  6.050   1.00 26.50 ? 128 PHE X O   1 
ATOM   1028 C CB  . PHE A 1 128 ? 2.186   17.021  8.411   1.00 25.59 ? 128 PHE X CB  1 
ATOM   1029 C CG  . PHE A 1 128 ? 1.453   15.736  8.716   1.00 26.89 ? 128 PHE X CG  1 
ATOM   1030 C CD1 . PHE A 1 128 ? 0.343   15.357  7.966   1.00 27.18 ? 128 PHE X CD1 1 
ATOM   1031 C CD2 . PHE A 1 128 ? 1.899   14.879  9.731   1.00 28.55 ? 128 PHE X CD2 1 
ATOM   1032 C CE1 . PHE A 1 128 ? -0.331  14.151  8.230   1.00 27.11 ? 128 PHE X CE1 1 
ATOM   1033 C CE2 . PHE A 1 128 ? 1.232   13.668  10.001  1.00 27.58 ? 128 PHE X CE2 1 
ATOM   1034 C CZ  . PHE A 1 128 ? 0.116   13.309  9.246   1.00 26.97 ? 128 PHE X CZ  1 
ATOM   1035 N N   . GLU A 1 129 ? 5.065   18.563  7.226   1.00 26.27 ? 129 GLU X N   1 
ATOM   1036 C CA  . GLU A 1 129 ? 5.724   19.698  6.556   1.00 26.82 ? 129 GLU X CA  1 
ATOM   1037 C C   . GLU A 1 129 ? 6.132   19.402  5.100   1.00 25.79 ? 129 GLU X C   1 
ATOM   1038 O O   . GLU A 1 129 ? 6.797   20.232  4.467   1.00 26.23 ? 129 GLU X O   1 
ATOM   1039 C CB  . GLU A 1 129 ? 6.975   20.147  7.325   1.00 26.90 ? 129 GLU X CB  1 
ATOM   1040 C CG  . GLU A 1 129 ? 6.760   20.486  8.802   1.00 28.88 ? 129 GLU X CG  1 
ATOM   1041 C CD  . GLU A 1 129 ? 8.070   20.427  9.616   1.00 29.23 ? 129 GLU X CD  1 
ATOM   1042 O OE1 . GLU A 1 129 ? 8.121   21.073  10.698  1.00 31.33 ? 129 GLU X OE1 1 
ATOM   1043 O OE2 . GLU A 1 129 ? 9.035   19.736  9.176   1.00 30.94 ? 129 GLU X OE2 1 
ATOM   1044 N N   . ASP A 1 130 ? 5.776   18.225  4.585   1.00 24.36 ? 130 ASP X N   1 
ATOM   1045 C CA  . ASP A 1 130 ? 6.045   17.884  3.183   1.00 23.18 ? 130 ASP X CA  1 
ATOM   1046 C C   . ASP A 1 130 ? 4.772   17.536  2.437   1.00 22.20 ? 130 ASP X C   1 
ATOM   1047 O O   . ASP A 1 130 ? 4.805   17.355  1.210   1.00 22.27 ? 130 ASP X O   1 
ATOM   1048 C CB  . ASP A 1 130 ? 6.974   16.677  3.079   1.00 23.44 ? 130 ASP X CB  1 
ATOM   1049 C CG  . ASP A 1 130 ? 8.424   17.034  3.245   1.00 23.58 ? 130 ASP X CG  1 
ATOM   1050 O OD1 . ASP A 1 130 ? 9.263   16.142  2.988   1.00 22.39 ? 130 ASP X OD1 1 
ATOM   1051 O OD2 . ASP A 1 130 ? 8.721   18.193  3.622   1.00 23.96 ? 130 ASP X OD2 1 
ATOM   1052 N N   . TRP A 1 131 ? 3.670   17.416  3.186   1.00 20.58 ? 131 TRP X N   1 
ATOM   1053 C CA  . TRP A 1 131 ? 2.407   16.882  2.672   1.00 19.06 ? 131 TRP X CA  1 
ATOM   1054 C C   . TRP A 1 131 ? 1.216   17.717  3.130   1.00 19.10 ? 131 TRP X C   1 
ATOM   1055 O O   . TRP A 1 131 ? 1.069   18.024  4.321   1.00 19.48 ? 131 TRP X O   1 
ATOM   1056 C CB  . TRP A 1 131 ? 2.220   15.420  3.112   1.00 17.87 ? 131 TRP X CB  1 
ATOM   1057 C CG  . TRP A 1 131 ? 3.367   14.534  2.729   1.00 16.14 ? 131 TRP X CG  1 
ATOM   1058 C CD1 . TRP A 1 131 ? 4.454   14.238  3.486   1.00 14.68 ? 131 TRP X CD1 1 
ATOM   1059 C CD2 . TRP A 1 131 ? 3.549   13.852  1.483   1.00 15.25 ? 131 TRP X CD2 1 
ATOM   1060 N NE1 . TRP A 1 131 ? 5.308   13.414  2.793   1.00 13.98 ? 131 TRP X NE1 1 
ATOM   1061 C CE2 . TRP A 1 131 ? 4.772   13.160  1.562   1.00 14.69 ? 131 TRP X CE2 1 
ATOM   1062 C CE3 . TRP A 1 131 ? 2.795   13.759  0.302   1.00 14.96 ? 131 TRP X CE3 1 
ATOM   1063 C CZ2 . TRP A 1 131 ? 5.257   12.388  0.514   1.00 15.92 ? 131 TRP X CZ2 1 
ATOM   1064 C CZ3 . TRP A 1 131 ? 3.277   13.000  -0.735  1.00 14.49 ? 131 TRP X CZ3 1 
ATOM   1065 C CH2 . TRP A 1 131 ? 4.494   12.320  -0.625  1.00 15.84 ? 131 TRP X CH2 1 
ATOM   1066 N N   . GLU A 1 132 ? 0.369   18.094  2.176   1.00 18.64 ? 132 GLU X N   1 
ATOM   1067 C CA  . GLU A 1 132 ? -0.886  18.736  2.499   1.00 18.04 ? 132 GLU X CA  1 
ATOM   1068 C C   . GLU A 1 132 ? -1.939  17.657  2.708   1.00 17.15 ? 132 GLU X C   1 
ATOM   1069 O O   . GLU A 1 132 ? -1.927  16.615  2.030   1.00 16.98 ? 132 GLU X O   1 
ATOM   1070 C CB  . GLU A 1 132 ? -1.320  19.675  1.379   1.00 18.65 ? 132 GLU X CB  1 
ATOM   1071 C CG  . GLU A 1 132 ? -2.046  20.919  1.892   1.00 21.22 ? 132 GLU X CG  1 
ATOM   1072 C CD  . GLU A 1 132 ? -2.896  21.591  0.832   1.00 24.45 ? 132 GLU X CD  1 
ATOM   1073 O OE1 . GLU A 1 132 ? -2.460  21.645  -0.341  1.00 25.42 ? 132 GLU X OE1 1 
ATOM   1074 O OE2 . GLU A 1 132 ? -4.005  22.066  1.175   1.00 26.80 ? 132 GLU X OE2 1 
ATOM   1075 N N   . VAL A 1 133 ? -2.840  17.906  3.658   1.00 15.77 ? 133 VAL X N   1 
ATOM   1076 C CA  . VAL A 1 133 ? -3.955  17.011  3.926   1.00 14.28 ? 133 VAL X CA  1 
ATOM   1077 C C   . VAL A 1 133 ? -5.100  17.330  2.954   1.00 13.98 ? 133 VAL X C   1 
ATOM   1078 O O   . VAL A 1 133 ? -5.860  18.296  3.139   1.00 13.80 ? 133 VAL X O   1 
ATOM   1079 C CB  . VAL A 1 133 ? -4.392  17.092  5.409   1.00 14.40 ? 133 VAL X CB  1 
ATOM   1080 C CG1 . VAL A 1 133 ? -5.559  16.147  5.700   1.00 13.73 ? 133 VAL X CG1 1 
ATOM   1081 C CG2 . VAL A 1 133 ? -3.204  16.784  6.327   1.00 13.33 ? 133 VAL X CG2 1 
ATOM   1082 N N   . ALA A 1 134 ? -5.184  16.532  1.891   1.00 13.23 ? 134 ALA X N   1 
ATOM   1083 C CA  . ALA A 1 134 ? -6.251  16.656  0.912   1.00 12.87 ? 134 ALA X CA  1 
ATOM   1084 C C   . ALA A 1 134 ? -7.585  16.277  1.549   1.00 12.68 ? 134 ALA X C   1 
ATOM   1085 O O   . ALA A 1 134 ? -8.626  16.901  1.280   1.00 12.87 ? 134 ALA X O   1 
ATOM   1086 C CB  . ALA A 1 134 ? -5.962  15.782  -0.300  1.00 12.77 ? 134 ALA X CB  1 
ATOM   1087 N N   . SER A 1 135 ? -7.544  15.249  2.397   1.00 11.95 ? 135 SER X N   1 
ATOM   1088 C CA  . SER A 1 135 ? -8.702  14.848  3.184   1.00 11.44 ? 135 SER X CA  1 
ATOM   1089 C C   . SER A 1 135 ? -8.315  13.934  4.338   1.00 11.12 ? 135 SER X C   1 
ATOM   1090 O O   . SER A 1 135 ? -7.338  13.196  4.271   1.00 11.10 ? 135 SER X O   1 
ATOM   1091 C CB  . SER A 1 135 ? -9.768  14.184  2.302   1.00 11.20 ? 135 SER X CB  1 
ATOM   1092 O OG  . SER A 1 135 ? -9.218  13.137  1.529   1.00 11.22 ? 135 SER X OG  1 
ATOM   1093 N N   . SER A 1 136 ? -9.089  14.013  5.405   1.00 10.92 ? 136 SER X N   1 
ATOM   1094 C CA  . SER A 1 136 ? -8.966  13.119  6.534   1.00 10.73 ? 136 SER X CA  1 
ATOM   1095 C C   . SER A 1 136 ? -10.398 12.726  6.881   1.00 11.00 ? 136 SER X C   1 
ATOM   1096 O O   . SER A 1 136 ? -11.247 13.582  7.116   1.00 10.81 ? 136 SER X O   1 
ATOM   1097 C CB  . SER A 1 136 ? -8.278  13.827  7.698   1.00 10.58 ? 136 SER X CB  1 
ATOM   1098 O OG  . SER A 1 136 ? -8.407  13.098  8.909   1.00 10.76 ? 136 SER X OG  1 
ATOM   1099 N N   . VAL A 1 137 ? -10.677 11.428  6.851   1.00 11.33 ? 137 VAL X N   1 
ATOM   1100 C CA  . VAL A 1 137 ? -12.000 10.911  7.141   1.00 11.57 ? 137 VAL X CA  1 
ATOM   1101 C C   . VAL A 1 137 ? -11.818 9.793   8.144   1.00 12.43 ? 137 VAL X C   1 
ATOM   1102 O O   . VAL A 1 137 ? -11.067 8.853   7.892   1.00 12.56 ? 137 VAL X O   1 
ATOM   1103 C CB  . VAL A 1 137 ? -12.689 10.331  5.875   1.00 11.48 ? 137 VAL X CB  1 
ATOM   1104 C CG1 . VAL A 1 137 ? -14.031 9.695   6.231   1.00 10.46 ? 137 VAL X CG1 1 
ATOM   1105 C CG2 . VAL A 1 137 ? -12.866 11.399  4.806   1.00 10.57 ? 137 VAL X CG2 1 
ATOM   1106 N N   . GLU A 1 138 ? -12.503 9.902   9.282   1.00 13.59 ? 138 GLU X N   1 
ATOM   1107 C CA  . GLU A 1 138 ? -12.554 8.834   10.275  1.00 14.28 ? 138 GLU X CA  1 
ATOM   1108 C C   . GLU A 1 138 ? -13.346 7.658   9.780   1.00 14.79 ? 138 GLU X C   1 
ATOM   1109 O O   . GLU A 1 138 ? -14.476 7.822   9.329   1.00 14.88 ? 138 GLU X O   1 
ATOM   1110 C CB  . GLU A 1 138 ? -13.231 9.323   11.527  1.00 14.19 ? 138 GLU X CB  1 
ATOM   1111 C CG  . GLU A 1 138 ? -12.330 9.966   12.528  1.00 15.60 ? 138 GLU X CG  1 
ATOM   1112 C CD  . GLU A 1 138 ? -13.124 10.337  13.761  1.00 18.05 ? 138 GLU X CD  1 
ATOM   1113 O OE1 . GLU A 1 138 ? -13.068 11.523  14.158  1.00 18.24 ? 138 GLU X OE1 1 
ATOM   1114 O OE2 . GLU A 1 138 ? -13.848 9.451   14.297  1.00 17.55 ? 138 GLU X OE2 1 
ATOM   1115 N N   . GLY A 1 139 ? -12.751 6.473   9.879   1.00 16.03 ? 139 GLY X N   1 
ATOM   1116 C CA  . GLY A 1 139 ? -13.448 5.221   9.610   1.00 17.56 ? 139 GLY X CA  1 
ATOM   1117 C C   . GLY A 1 139 ? -14.473 4.975   10.692  1.00 18.76 ? 139 GLY X C   1 
ATOM   1118 O O   . GLY A 1 139 ? -14.336 5.463   11.806  1.00 18.00 ? 139 GLY X O   1 
ATOM   1119 N N   . LYS A 1 140 ? -15.515 4.229   10.362  1.00 21.00 ? 140 LYS X N   1 
ATOM   1120 C CA  . LYS A 1 140 ? -16.545 3.928   11.351  1.00 23.59 ? 140 LYS X CA  1 
ATOM   1121 C C   . LYS A 1 140 ? -16.268 2.631   12.137  1.00 24.23 ? 140 LYS X C   1 
ATOM   1122 O O   . LYS A 1 140 ? -15.950 1.581   11.548  1.00 23.71 ? 140 LYS X O   1 
ATOM   1123 C CB  . LYS A 1 140 ? -17.944 3.919   10.714  1.00 23.89 ? 140 LYS X CB  1 
ATOM   1124 C CG  . LYS A 1 140 ? -19.068 3.774   11.739  1.00 25.21 ? 140 LYS X CG  1 
ATOM   1125 C CD  . LYS A 1 140 ? -20.460 4.136   11.191  1.00 25.18 ? 140 LYS X CD  1 
ATOM   1126 C CE  . LYS A 1 140 ? -21.490 4.193   12.346  1.00 26.13 ? 140 LYS X CE  1 
ATOM   1127 N NZ  . LYS A 1 140 ? -21.438 2.958   13.229  1.00 25.85 ? 140 LYS X NZ  1 
ATOM   1128 N N   . LEU A 1 141 ? -16.370 2.738   13.467  1.00 25.72 ? 141 LEU X N   1 
ATOM   1129 C CA  . LEU A 1 141 ? -16.270 1.590   14.382  1.00 27.03 ? 141 LEU X CA  1 
ATOM   1130 C C   . LEU A 1 141 ? -17.475 0.660   14.277  1.00 27.86 ? 141 LEU X C   1 
ATOM   1131 O O   . LEU A 1 141 ? -18.560 1.067   13.840  1.00 28.11 ? 141 LEU X O   1 
ATOM   1132 C CB  . LEU A 1 141 ? -16.110 2.048   15.827  1.00 27.10 ? 141 LEU X CB  1 
ATOM   1133 C CG  . LEU A 1 141 ? -14.768 2.627   16.257  1.00 27.18 ? 141 LEU X CG  1 
ATOM   1134 C CD1 . LEU A 1 141 ? -14.677 2.572   17.778  1.00 28.08 ? 141 LEU X CD1 1 
ATOM   1135 C CD2 . LEU A 1 141 ? -13.645 1.848   15.634  1.00 27.99 ? 141 LEU X CD2 1 
ATOM   1136 N N   . ASP A 1 142 ? -17.280 -0.579  14.715  1.00 28.72 ? 142 ASP X N   1 
ATOM   1137 C CA  . ASP A 1 142 ? -18.134 -1.683  14.310  1.00 29.61 ? 142 ASP X CA  1 
ATOM   1138 C C   . ASP A 1 142 ? -17.955 -2.908  15.172  1.00 30.15 ? 142 ASP X C   1 
ATOM   1139 O O   . ASP A 1 142 ? -17.009 -3.004  15.974  1.00 30.19 ? 142 ASP X O   1 
ATOM   1140 C CB  . ASP A 1 142 ? -17.729 -2.120  12.903  1.00 29.92 ? 142 ASP X CB  1 
ATOM   1141 C CG  . ASP A 1 142 ? -18.789 -1.880  11.894  1.00 30.24 ? 142 ASP X CG  1 
ATOM   1142 O OD1 . ASP A 1 142 ? -19.570 -0.932  12.068  1.00 30.54 ? 142 ASP X OD1 1 
ATOM   1143 O OD2 . ASP A 1 142 ? -18.833 -2.653  10.918  1.00 31.62 ? 142 ASP X OD2 1 
ATOM   1144 N N   . GLU A 1 143 ? -18.859 -3.859  14.953  1.00 30.53 ? 143 GLU X N   1 
ATOM   1145 C CA  . GLU A 1 143 ? -18.678 -5.236  15.391  1.00 31.25 ? 143 GLU X CA  1 
ATOM   1146 C C   . GLU A 1 143 ? -17.501 -5.833  14.603  1.00 30.71 ? 143 GLU X C   1 
ATOM   1147 O O   . GLU A 1 143 ? -16.609 -6.472  15.175  1.00 30.75 ? 143 GLU X O   1 
ATOM   1148 C CB  . GLU A 1 143 ? -19.957 -6.064  15.163  1.00 31.76 ? 143 GLU X CB  1 
ATOM   1149 C CG  . GLU A 1 143 ? -21.287 -5.351  15.508  1.00 34.74 ? 143 GLU X CG  1 
ATOM   1150 C CD  . GLU A 1 143 ? -21.726 -4.316  14.444  1.00 38.87 ? 143 GLU X CD  1 
ATOM   1151 O OE1 . GLU A 1 143 ? -21.497 -4.549  13.223  1.00 39.83 ? 143 GLU X OE1 1 
ATOM   1152 O OE2 . GLU A 1 143 ? -22.303 -3.267  14.835  1.00 39.77 ? 143 GLU X OE2 1 
ATOM   1153 N N   . LYS A 1 144 ? -17.502 -5.588  13.292  1.00 30.08 ? 144 LYS X N   1 
ATOM   1154 C CA  . LYS A 1 144 ? -16.454 -6.068  12.377  1.00 29.25 ? 144 LYS X CA  1 
ATOM   1155 C C   . LYS A 1 144 ? -15.153 -5.229  12.389  1.00 28.01 ? 144 LYS X C   1 
ATOM   1156 O O   . LYS A 1 144 ? -14.062 -5.780  12.340  1.00 27.90 ? 144 LYS X O   1 
ATOM   1157 C CB  . LYS A 1 144 ? -17.021 -6.159  10.954  1.00 29.64 ? 144 LYS X CB  1 
ATOM   1158 C CG  . LYS A 1 144 ? -17.835 -7.428  10.666  1.00 30.87 ? 144 LYS X CG  1 
ATOM   1159 C CD  . LYS A 1 144 ? -19.244 -7.408  11.266  1.00 32.84 ? 144 LYS X CD  1 
ATOM   1160 C CE  . LYS A 1 144 ? -20.164 -8.418  10.564  1.00 33.70 ? 144 LYS X CE  1 
ATOM   1161 N NZ  . LYS A 1 144 ? -19.569 -9.790  10.510  1.00 33.59 ? 144 LYS X NZ  1 
ATOM   1162 N N   . ASN A 1 145 ? -15.278 -3.901  12.451  1.00 26.54 ? 145 ASN X N   1 
ATOM   1163 C CA  . ASN A 1 145 ? -14.115 -3.007  12.481  1.00 25.04 ? 145 ASN X CA  1 
ATOM   1164 C C   . ASN A 1 145 ? -13.967 -2.354  13.836  1.00 23.97 ? 145 ASN X C   1 
ATOM   1165 O O   . ASN A 1 145 ? -14.583 -1.318  14.097  1.00 23.94 ? 145 ASN X O   1 
ATOM   1166 C CB  . ASN A 1 145 ? -14.241 -1.916  11.423  1.00 25.23 ? 145 ASN X CB  1 
ATOM   1167 C CG  . ASN A 1 145 ? -14.528 -2.467  10.056  1.00 24.52 ? 145 ASN X CG  1 
ATOM   1168 O OD1 . ASN A 1 145 ? -13.612 -2.649  9.249   1.00 24.77 ? 145 ASN X OD1 1 
ATOM   1169 N ND2 . ASN A 1 145 ? -15.799 -2.743  9.783   1.00 22.57 ? 145 ASN X ND2 1 
ATOM   1170 N N   . THR A 1 146 ? -13.137 -2.953  14.688  1.00 22.56 ? 146 THR X N   1 
ATOM   1171 C CA  . THR A 1 146 ? -13.162 -2.649  16.121  1.00 21.20 ? 146 THR X CA  1 
ATOM   1172 C C   . THR A 1 146 ? -12.014 -1.737  16.562  1.00 20.50 ? 146 THR X C   1 
ATOM   1173 O O   . THR A 1 146 ? -11.860 -1.453  17.767  1.00 20.22 ? 146 THR X O   1 
ATOM   1174 C CB  . THR A 1 146 ? -13.199 -3.949  16.994  1.00 21.14 ? 146 THR X CB  1 
ATOM   1175 O OG1 . THR A 1 146 ? -12.000 -4.704  16.806  1.00 21.06 ? 146 THR X OG1 1 
ATOM   1176 C CG2 . THR A 1 146 ? -14.384 -4.822  16.635  1.00 20.64 ? 146 THR X CG2 1 
ATOM   1177 N N   . ILE A 1 147 ? -11.225 -1.281  15.579  1.00 19.24 ? 147 ILE X N   1 
ATOM   1178 C CA  . ILE A 1 147 ? -10.022 -0.464  15.815  1.00 18.07 ? 147 ILE X CA  1 
ATOM   1179 C C   . ILE A 1 147 ? -10.148 0.925   15.158  1.00 16.62 ? 147 ILE X C   1 
ATOM   1180 O O   . ILE A 1 147 ? -10.468 1.017   13.970  1.00 16.42 ? 147 ILE X O   1 
ATOM   1181 C CB  . ILE A 1 147 ? -8.759  -1.170  15.270  1.00 18.16 ? 147 ILE X CB  1 
ATOM   1182 C CG1 . ILE A 1 147 ? -8.880  -2.696  15.426  1.00 19.37 ? 147 ILE X CG1 1 
ATOM   1183 C CG2 . ILE A 1 147 ? -7.515  -0.628  15.959  1.00 18.09 ? 147 ILE X CG2 1 
ATOM   1184 C CD1 . ILE A 1 147 ? -7.925  -3.542  14.540  1.00 18.78 ? 147 ILE X CD1 1 
ATOM   1185 N N   . PRO A 1 148 ? -9.902  2.010   15.918  1.00 15.41 ? 148 PRO X N   1 
ATOM   1186 C CA  . PRO A 1 148 ? -10.040 3.323   15.265  1.00 14.43 ? 148 PRO X CA  1 
ATOM   1187 C C   . PRO A 1 148 ? -9.032  3.491   14.120  1.00 13.71 ? 148 PRO X C   1 
ATOM   1188 O O   . PRO A 1 148 ? -7.870  3.060   14.234  1.00 13.64 ? 148 PRO X O   1 
ATOM   1189 C CB  . PRO A 1 148 ? -9.773  4.330   16.397  1.00 14.21 ? 148 PRO X CB  1 
ATOM   1190 C CG  . PRO A 1 148 ? -9.900  3.535   17.682  1.00 14.67 ? 148 PRO X CG  1 
ATOM   1191 C CD  . PRO A 1 148 ? -9.505  2.131   17.337  1.00 15.23 ? 148 PRO X CD  1 
ATOM   1192 N N   . HIS A 1 149 ? -9.497  4.081   13.017  1.00 12.38 ? 149 HIS X N   1 
ATOM   1193 C CA  . HIS A 1 149 ? -8.698  4.253   11.807  1.00 10.97 ? 149 HIS X CA  1 
ATOM   1194 C C   . HIS A 1 149 ? -9.127  5.497   11.017  1.00 10.63 ? 149 HIS X C   1 
ATOM   1195 O O   . HIS A 1 149 ? -10.303 5.849   10.971  1.00 10.42 ? 149 HIS X O   1 
ATOM   1196 C CB  . HIS A 1 149 ? -8.789  2.999   10.940  1.00 10.91 ? 149 HIS X CB  1 
ATOM   1197 C CG  . HIS A 1 149 ? -10.192 2.584   10.612  1.00 10.55 ? 149 HIS X CG  1 
ATOM   1198 N ND1 . HIS A 1 149 ? -11.066 2.089   11.559  1.00 10.81 ? 149 HIS X ND1 1 
ATOM   1199 C CD2 . HIS A 1 149 ? -10.868 2.575   9.439   1.00 9.31  ? 149 HIS X CD2 1 
ATOM   1200 C CE1 . HIS A 1 149 ? -12.224 1.812   10.988  1.00 9.34  ? 149 HIS X CE1 1 
ATOM   1201 N NE2 . HIS A 1 149 ? -12.129 2.093   9.701   1.00 9.82  ? 149 HIS X NE2 1 
ATOM   1202 N N   . THR A 1 150 ? -8.161  6.169   10.406  1.00 10.16 ? 150 THR X N   1 
ATOM   1203 C CA  . THR A 1 150 ? -8.445  7.363   9.626   1.00 9.89  ? 150 THR X CA  1 
ATOM   1204 C C   . THR A 1 150 ? -7.838  7.288   8.230   1.00 9.40  ? 150 THR X C   1 
ATOM   1205 O O   . THR A 1 150 ? -6.627  7.071   8.062   1.00 9.10  ? 150 THR X O   1 
ATOM   1206 C CB  . THR A 1 150 ? -7.895  8.610   10.312  1.00 10.23 ? 150 THR X CB  1 
ATOM   1207 O OG1 . THR A 1 150 ? -8.356  8.647   11.666  1.00 12.36 ? 150 THR X OG1 1 
ATOM   1208 C CG2 . THR A 1 150 ? -8.338  9.869   9.578   1.00 9.66  ? 150 THR X CG2 1 
ATOM   1209 N N   . PHE A 1 151 ? -8.688  7.485   7.232   1.00 8.67  ? 151 PHE X N   1 
ATOM   1210 C CA  . PHE A 1 151 ? -8.223  7.623   5.864   1.00 8.23  ? 151 PHE X CA  1 
ATOM   1211 C C   . PHE A 1 151 ? -7.671  9.019   5.599   1.00 7.88  ? 151 PHE X C   1 
ATOM   1212 O O   . PHE A 1 151 ? -8.382  10.004  5.687   1.00 7.66  ? 151 PHE X O   1 
ATOM   1213 C CB  . PHE A 1 151 ? -9.338  7.257   4.899   1.00 8.05  ? 151 PHE X CB  1 
ATOM   1214 C CG  . PHE A 1 151 ? -9.898  5.891   5.145   1.00 7.98  ? 151 PHE X CG  1 
ATOM   1215 C CD1 . PHE A 1 151 ? -9.166  4.757   4.803   1.00 7.26  ? 151 PHE X CD1 1 
ATOM   1216 C CD2 . PHE A 1 151 ? -11.144 5.734   5.749   1.00 7.64  ? 151 PHE X CD2 1 
ATOM   1217 C CE1 . PHE A 1 151 ? -9.672  3.492   5.042   1.00 7.60  ? 151 PHE X CE1 1 
ATOM   1218 C CE2 . PHE A 1 151 ? -11.660 4.470   5.990   1.00 6.95  ? 151 PHE X CE2 1 
ATOM   1219 C CZ  . PHE A 1 151 ? -10.929 3.348   5.626   1.00 7.28  ? 151 PHE X CZ  1 
ATOM   1220 N N   . LEU A 1 152 ? -6.376  9.072   5.323   1.00 7.93  ? 152 LEU X N   1 
ATOM   1221 C CA  . LEU A 1 152 ? -5.691  10.282  4.933   1.00 7.97  ? 152 LEU X CA  1 
ATOM   1222 C C   . LEU A 1 152 ? -5.393  10.211  3.450   1.00 8.58  ? 152 LEU X C   1 
ATOM   1223 O O   . LEU A 1 152 ? -4.981  9.169   2.936   1.00 8.58  ? 152 LEU X O   1 
ATOM   1224 C CB  . LEU A 1 152 ? -4.354  10.403  5.673   1.00 7.70  ? 152 LEU X CB  1 
ATOM   1225 C CG  . LEU A 1 152 ? -4.293  10.655  7.173   1.00 6.75  ? 152 LEU X CG  1 
ATOM   1226 C CD1 . LEU A 1 152 ? -2.861  10.944  7.586   1.00 4.99  ? 152 LEU X CD1 1 
ATOM   1227 C CD2 . LEU A 1 152 ? -5.170  11.820  7.541   1.00 6.74  ? 152 LEU X CD2 1 
ATOM   1228 N N   . HIS A 1 153 ? -5.601  11.326  2.764   1.00 9.44  ? 153 HIS X N   1 
ATOM   1229 C CA  . HIS A 1 153 ? -5.077  11.502  1.422   1.00 10.20 ? 153 HIS X CA  1 
ATOM   1230 C C   . HIS A 1 153 ? -4.139  12.688  1.489   1.00 10.87 ? 153 HIS X C   1 
ATOM   1231 O O   . HIS A 1 153 ? -4.578  13.805  1.700   1.00 10.94 ? 153 HIS X O   1 
ATOM   1232 C CB  . HIS A 1 153 ? -6.199  11.728  0.416   1.00 9.85  ? 153 HIS X CB  1 
ATOM   1233 C CG  . HIS A 1 153 ? -5.722  11.910  -0.992  1.00 11.07 ? 153 HIS X CG  1 
ATOM   1234 N ND1 . HIS A 1 153 ? -6.422  12.649  -1.922  1.00 11.34 ? 153 HIS X ND1 1 
ATOM   1235 C CD2 . HIS A 1 153 ? -4.612  11.459  -1.628  1.00 11.39 ? 153 HIS X CD2 1 
ATOM   1236 C CE1 . HIS A 1 153 ? -5.765  12.645  -3.070  1.00 10.80 ? 153 HIS X CE1 1 
ATOM   1237 N NE2 . HIS A 1 153 ? -4.663  11.932  -2.918  1.00 10.37 ? 153 HIS X NE2 1 
ATOM   1238 N N   . LEU A 1 154 ? -2.840  12.424  1.369   1.00 12.33 ? 154 LEU X N   1 
ATOM   1239 C CA  . LEU A 1 154 ? -1.821  13.467  1.425   1.00 13.72 ? 154 LEU X CA  1 
ATOM   1240 C C   . LEU A 1 154 ? -1.236  13.706  0.049   1.00 14.88 ? 154 LEU X C   1 
ATOM   1241 O O   . LEU A 1 154 ? -0.944  12.752  -0.687  1.00 14.97 ? 154 LEU X O   1 
ATOM   1242 C CB  . LEU A 1 154 ? -0.673  13.101  2.374   1.00 13.61 ? 154 LEU X CB  1 
ATOM   1243 C CG  . LEU A 1 154 ? -0.782  12.894  3.886   1.00 13.60 ? 154 LEU X CG  1 
ATOM   1244 C CD1 . LEU A 1 154 ? -1.989  13.590  4.514   1.00 13.53 ? 154 LEU X CD1 1 
ATOM   1245 C CD2 . LEU A 1 154 ? -0.817  11.425  4.186   1.00 14.28 ? 154 LEU X CD2 1 
ATOM   1246 N N   . ILE A 1 155 ? -1.073  14.985  -0.283  1.00 16.35 ? 155 ILE X N   1 
ATOM   1247 C CA  . ILE A 1 155 ? -0.427  15.413  -1.512  1.00 18.00 ? 155 ILE X CA  1 
ATOM   1248 C C   . ILE A 1 155 ? 0.799   16.262  -1.197  1.00 19.21 ? 155 ILE X C   1 
ATOM   1249 O O   . ILE A 1 155 ? 0.780   17.100  -0.297  1.00 19.08 ? 155 ILE X O   1 
ATOM   1250 C CB  . ILE A 1 155 ? -1.380  16.198  -2.446  1.00 18.08 ? 155 ILE X CB  1 
ATOM   1251 C CG1 . ILE A 1 155 ? -2.705  15.444  -2.625  1.00 17.77 ? 155 ILE X CG1 1 
ATOM   1252 C CG2 . ILE A 1 155 ? -0.694  16.443  -3.828  1.00 18.76 ? 155 ILE X CG2 1 
ATOM   1253 C CD1 . ILE A 1 155 ? -3.788  16.237  -3.350  1.00 18.25 ? 155 ILE X CD1 1 
ATOM   1254 N N   . ARG A 1 156 ? 1.859   16.035  -1.960  1.00 20.98 ? 156 ARG X N   1 
ATOM   1255 C CA  . ARG A 1 156 ? 3.151   16.676  -1.742  1.00 22.71 ? 156 ARG X CA  1 
ATOM   1256 C C   . ARG A 1 156 ? 3.123   18.187  -1.972  1.00 23.68 ? 156 ARG X C   1 
ATOM   1257 O O   . ARG A 1 156 ? 2.523   18.656  -2.940  1.00 23.78 ? 156 ARG X O   1 
ATOM   1258 C CB  . ARG A 1 156 ? 4.157   16.038  -2.692  1.00 22.87 ? 156 ARG X CB  1 
ATOM   1259 C CG  . ARG A 1 156 ? 5.605   16.254  -2.339  1.00 23.66 ? 156 ARG X CG  1 
ATOM   1260 C CD  . ARG A 1 156 ? 6.481   15.689  -3.454  1.00 24.81 ? 156 ARG X CD  1 
ATOM   1261 N NE  . ARG A 1 156 ? 6.480   14.224  -3.459  1.00 25.16 ? 156 ARG X NE  1 
ATOM   1262 C CZ  . ARG A 1 156 ? 7.188   13.458  -2.623  1.00 24.50 ? 156 ARG X CZ  1 
ATOM   1263 N NH1 . ARG A 1 156 ? 7.972   13.996  -1.683  1.00 22.03 ? 156 ARG X NH1 1 
ATOM   1264 N NH2 . ARG A 1 156 ? 7.102   12.139  -2.733  1.00 24.32 ? 156 ARG X NH2 1 
ATOM   1265 N N   . LYS A 1 157 ? 3.777   18.927  -1.073  1.00 25.10 ? 157 LYS X N   1 
ATOM   1266 C CA  . LYS A 1 157 ? 4.068   20.367  -1.233  1.00 26.52 ? 157 LYS X CA  1 
ATOM   1267 C C   . LYS A 1 157 ? 5.040   20.669  -2.400  1.00 27.34 ? 157 LYS X C   1 
ATOM   1268 O O   . LYS A 1 157 ? 4.909   21.673  -3.131  1.00 27.70 ? 157 LYS X O   1 
ATOM   1269 C CB  . LYS A 1 157 ? 4.680   20.926  0.065   1.00 26.82 ? 157 LYS X CB  1 
ATOM   1270 C CG  . LYS A 1 157 ? 3.722   21.658  1.027   1.00 27.00 ? 157 LYS X CG  1 
ATOM   1271 C CD  . LYS A 1 157 ? 2.679   20.742  1.648   1.00 26.02 ? 157 LYS X CD  1 
ATOM   1272 C CE  . LYS A 1 157 ? 1.959   21.449  2.773   1.00 25.97 ? 157 LYS X CE  1 
ATOM   1273 N NZ  . LYS A 1 157 ? 2.860   21.568  3.937   1.00 27.17 ? 157 LYS X NZ  1 
ATOM   1274 O OXT . LYS A 1 157 ? 6.011   19.925  -2.633  1.00 27.78 ? 157 LYS X OXT 1 
HETATM 1275 P PA  A NDP B 2 .   ? 8.636   -6.329  -0.440  0.70 15.59 ? 207 NDP X PA  1 
HETATM 1276 P PA  B NDP B 2 .   ? 8.513   -6.092  -0.099  0.30 2.00  ? 207 NDP X PA  1 
HETATM 1277 O O1A A NDP B 2 .   ? 8.985   -4.979  -0.943  0.70 14.93 ? 207 NDP X O1A 1 
HETATM 1278 O O1A B NDP B 2 .   ? 8.870   -4.655  -0.166  0.30 2.00  ? 207 NDP X O1A 1 
HETATM 1279 O O2A A NDP B 2 .   ? 7.216   -6.679  -0.689  0.70 14.46 ? 207 NDP X O2A 1 
HETATM 1280 O O2A B NDP B 2 .   ? 7.048   -6.279  -0.142  0.30 2.00  ? 207 NDP X O2A 1 
HETATM 1281 O O5B A NDP B 2 .   ? 9.636   -7.442  -1.045  0.70 15.82 ? 207 NDP X O5B 1 
HETATM 1282 O O5B B NDP B 2 .   ? 9.187   -6.879  -1.330  0.30 2.00  ? 207 NDP X O5B 1 
HETATM 1283 C C5B A NDP B 2 .   ? 11.024  -7.194  -1.148  0.70 15.60 ? 207 NDP X C5B 1 
HETATM 1284 C C5B B NDP B 2 .   ? 10.471  -6.540  -1.801  0.30 2.00  ? 207 NDP X C5B 1 
HETATM 1285 C C4B A NDP B 2 .   ? 11.471  -7.657  -2.519  0.70 15.97 ? 207 NDP X C4B 1 
HETATM 1286 C C4B B NDP B 2 .   ? 10.928  -7.650  -2.734  0.30 2.00  ? 207 NDP X C4B 1 
HETATM 1287 O O4B A NDP B 2 .   ? 10.957  -6.839  -3.558  0.70 16.49 ? 207 NDP X O4B 1 
HETATM 1288 O O4B B NDP B 2 .   ? 10.776  -7.268  -4.096  0.30 2.00  ? 207 NDP X O4B 1 
HETATM 1289 C C3B A NDP B 2 .   ? 12.970  -7.627  -2.736  0.70 15.72 ? 207 NDP X C3B 1 
HETATM 1290 C C3B B NDP B 2 .   ? 12.397  -7.982  -2.541  0.30 2.00  ? 207 NDP X C3B 1 
HETATM 1291 O O3B A NDP B 2 .   ? 13.640  -8.664  -2.061  0.70 15.25 ? 207 NDP X O3B 1 
HETATM 1292 O O3B B NDP B 2 .   ? 12.583  -8.980  -1.565  0.30 2.00  ? 207 NDP X O3B 1 
HETATM 1293 C C2B A NDP B 2 .   ? 12.983  -7.764  -4.243  0.70 15.75 ? 207 NDP X C2B 1 
HETATM 1294 C C2B B NDP B 2 .   ? 12.816  -8.399  -3.938  0.30 2.00  ? 207 NDP X C2B 1 
HETATM 1295 O O2B A NDP B 2 .   ? 12.525  -9.033  -4.621  0.70 15.57 ? 207 NDP X O2B 1 
HETATM 1296 O O2B B NDP B 2 .   ? 12.421  -9.725  -4.200  0.30 2.00  ? 207 NDP X O2B 1 
HETATM 1297 C C1B A NDP B 2 .   ? 11.859  -6.833  -4.649  0.70 15.82 ? 207 NDP X C1B 1 
HETATM 1298 C C1B B NDP B 2 .   ? 11.969  -7.504  -4.821  0.30 2.00  ? 207 NDP X C1B 1 
HETATM 1299 N N9A A NDP B 2 .   ? 12.424  -5.495  -4.915  0.70 15.78 ? 207 NDP X N9A 1 
HETATM 1300 N N9A B NDP B 2 .   ? 12.685  -6.239  -5.103  0.30 2.00  ? 207 NDP X N9A 1 
HETATM 1301 C C8A A NDP B 2 .   ? 12.281  -4.355  -4.161  0.70 15.85 ? 207 NDP X C8A 1 
HETATM 1302 C C8A B NDP B 2 .   ? 12.780  -5.147  -4.277  0.30 2.00  ? 207 NDP X C8A 1 
HETATM 1303 N N7A A NDP B 2 .   ? 12.971  -3.352  -4.762  0.70 16.05 ? 207 NDP X N7A 1 
HETATM 1304 N N7A B NDP B 2 .   ? 13.522  -4.198  -4.889  0.30 2.19  ? 207 NDP X N7A 1 
HETATM 1305 C C5A A NDP B 2 .   ? 13.559  -3.841  -5.884  0.70 16.10 ? 207 NDP X C5A 1 
HETATM 1306 C C5A B NDP B 2 .   ? 13.903  -4.662  -6.097  0.30 2.00  ? 207 NDP X C5A 1 
HETATM 1307 C C6A A NDP B 2 .   ? 14.364  -3.270  -6.867  0.70 15.73 ? 207 NDP X C6A 1 
HETATM 1308 C C6A B NDP B 2 .   ? 14.660  -4.101  -7.116  0.30 2.00  ? 207 NDP X C6A 1 
HETATM 1309 N N6A A NDP B 2 .   ? 14.709  -1.989  -6.814  0.70 15.87 ? 207 NDP X N6A 1 
HETATM 1310 N N6A B NDP B 2 .   ? 15.159  -2.876  -6.984  0.30 2.00  ? 207 NDP X N6A 1 
HETATM 1311 N N1A A NDP B 2 .   ? 14.816  -4.041  -7.916  0.70 15.90 ? 207 NDP X N1A 1 
HETATM 1312 N N1A B NDP B 2 .   ? 14.895  -4.823  -8.270  0.30 2.00  ? 207 NDP X N1A 1 
HETATM 1313 C C2A A NDP B 2 .   ? 14.470  -5.373  -8.000  0.70 15.83 ? 207 NDP X C2A 1 
HETATM 1314 C C2A B NDP B 2 .   ? 14.377  -6.098  -8.408  0.30 2.00  ? 207 NDP X C2A 1 
HETATM 1315 N N3A A NDP B 2 .   ? 13.674  -5.929  -7.025  0.70 16.12 ? 207 NDP X N3A 1 
HETATM 1316 N N3A B NDP B 2 .   ? 13.626  -6.645  -7.385  0.30 2.16  ? 207 NDP X N3A 1 
HETATM 1317 C C4A A NDP B 2 .   ? 13.223  -5.183  -5.987  0.70 15.83 ? 207 NDP X C4A 1 
HETATM 1318 C C4A B NDP B 2 .   ? 13.387  -5.943  -6.246  0.30 2.00  ? 207 NDP X C4A 1 
HETATM 1319 O O3  A NDP B 2 .   ? 8.898   -6.402  1.142   0.70 14.50 ? 207 NDP X O3  1 
HETATM 1320 O O3  B NDP B 2 .   ? 9.141   -6.777  1.222   0.30 2.00  ? 207 NDP X O3  1 
HETATM 1321 P PN  A NDP B 2 .   ? 10.133  -6.082  2.106   0.70 13.84 ? 207 NDP X PN  1 
HETATM 1322 P PN  B NDP B 2 .   ? 8.995   -6.398  2.782   0.30 2.00  ? 207 NDP X PN  1 
HETATM 1323 O O1N A NDP B 2 .   ? 11.428  -6.201  1.401   0.70 15.00 ? 207 NDP X O1N 1 
HETATM 1324 O O1N B NDP B 2 .   ? 10.240  -6.807  3.463   0.30 2.00  ? 207 NDP X O1N 1 
HETATM 1325 O O2N A NDP B 2 .   ? 9.841   -4.863  2.885   0.70 13.60 ? 207 NDP X O2N 1 
HETATM 1326 O O2N B NDP B 2 .   ? 8.579   -4.989  2.862   0.30 2.00  ? 207 NDP X O2N 1 
HETATM 1327 O O5D A NDP B 2 .   ? 9.983   -7.352  3.065   0.70 15.07 ? 207 NDP X O5D 1 
HETATM 1328 O O5D B NDP B 2 .   ? 7.776   -7.304  3.339   0.30 2.00  ? 207 NDP X O5D 1 
HETATM 1329 C C5D A NDP B 2 .   ? 9.537   -7.167  4.384   0.70 15.27 ? 207 NDP X C5D 1 
HETATM 1330 C C5D B NDP B 2 .   ? 6.429   -7.078  2.982   0.30 2.00  ? 207 NDP X C5D 1 
HETATM 1331 C C4D A NDP B 2 .   ? 8.108   -7.665  4.588   0.70 15.09 ? 207 NDP X C4D 1 
HETATM 1332 C C4D B NDP B 2 .   ? 5.561   -7.071  4.237   0.30 2.00  ? 207 NDP X C4D 1 
HETATM 1333 O O4D A NDP B 2 .   ? 7.060   -6.866  4.040   0.70 14.82 ? 207 NDP X O4D 1 
HETATM 1334 O O4D B NDP B 2 .   ? 4.958   -5.800  4.426   0.30 2.00  ? 207 NDP X O4D 1 
HETATM 1335 C C3D A NDP B 2 .   ? 7.839   -9.101  4.135   0.70 15.52 ? 207 NDP X C3D 1 
HETATM 1336 C C3D B NDP B 2 .   ? 4.444   -8.105  4.168   0.30 2.00  ? 207 NDP X C3D 1 
HETATM 1337 O O3D A NDP B 2 .   ? 7.988   -9.937  5.262   0.70 14.71 ? 207 NDP X O3D 1 
HETATM 1338 O O3D B NDP B 2 .   ? 4.581   -9.030  5.220   0.30 2.00  ? 207 NDP X O3D 1 
HETATM 1339 C C2D A NDP B 2 .   ? 6.391   -9.050  3.688   0.70 15.67 ? 207 NDP X C2D 1 
HETATM 1340 C C2D B NDP B 2 .   ? 3.148   -7.330  4.316   0.30 2.00  ? 207 NDP X C2D 1 
HETATM 1341 O O2D A NDP B 2 .   ? 5.653   -10.098 4.256   0.70 16.41 ? 207 NDP X O2D 1 
HETATM 1342 O O2D B NDP B 2 .   ? 2.320   -7.892  5.308   0.30 2.00  ? 207 NDP X O2D 1 
HETATM 1343 C C1D A NDP B 2 .   ? 6.019   -7.759  4.390   0.70 16.71 ? 207 NDP X C1D 1 
HETATM 1344 C C1D B NDP B 2 .   ? 3.567   -5.919  4.706   0.30 2.00  ? 207 NDP X C1D 1 
HETATM 1345 N N1N A NDP B 2 .   ? 4.583   -7.368  4.448   0.70 17.44 ? 207 NDP X N1N 1 
HETATM 1346 N N1N B NDP B 2 .   ? 2.792   -4.886  3.982   0.30 2.00  ? 207 NDP X N1N 1 
HETATM 1347 C C2N A NDP B 2 .   ? 4.008   -6.369  3.692   0.70 17.76 ? 207 NDP X C2N 1 
HETATM 1348 C C2N B NDP B 2 .   ? 1.811   -4.175  4.633   0.30 2.00  ? 207 NDP X C2N 1 
HETATM 1349 C C3N A NDP B 2 .   ? 2.649   -6.086  3.865   0.70 18.36 ? 207 NDP X C3N 1 
HETATM 1350 C C3N B NDP B 2 .   ? 1.067   -3.184  3.974   0.30 2.00  ? 207 NDP X C3N 1 
HETATM 1351 C C7N A NDP B 2 .   ? 2.081   -4.762  3.452   0.70 19.49 ? 207 NDP X C7N 1 
HETATM 1352 C C7N B NDP B 2 .   ? 0.114   -2.286  4.715   0.30 2.00  ? 207 NDP X C7N 1 
HETATM 1353 O O7N A NDP B 2 .   ? 2.469   -4.178  2.232   0.70 20.63 ? 207 NDP X O7N 1 
HETATM 1354 O O7N B NDP B 2 .   ? -0.470  -1.208  4.039   0.30 2.00  ? 207 NDP X O7N 1 
HETATM 1355 N N7N A NDP B 2 .   ? 1.199   -4.171  4.259   0.70 20.52 ? 207 NDP X N7N 1 
HETATM 1356 N N7N B NDP B 2 .   ? -0.170  -2.513  5.990   0.30 2.00  ? 207 NDP X N7N 1 
HETATM 1357 C C4N A NDP B 2 .   ? 1.904   -6.820  4.792   0.70 18.01 ? 207 NDP X C4N 1 
HETATM 1358 C C4N B NDP B 2 .   ? 1.334   -2.916  2.634   0.30 2.00  ? 207 NDP X C4N 1 
HETATM 1359 C C5N A NDP B 2 .   ? 2.495   -7.813  5.555   0.70 17.41 ? 207 NDP X C5N 1 
HETATM 1360 C C5N B NDP B 2 .   ? 2.326   -3.644  1.989   0.30 2.00  ? 207 NDP X C5N 1 
HETATM 1361 C C6N A NDP B 2 .   ? 3.843   -8.065  5.372   0.70 16.40 ? 207 NDP X C6N 1 
HETATM 1362 C C6N B NDP B 2 .   ? 3.052   -4.625  2.664   0.30 2.00  ? 207 NDP X C6N 1 
HETATM 1363 P P2B A NDP B 2 .   ? 13.526  -10.216 -5.028  0.70 15.85 ? 207 NDP X P2B 1 
HETATM 1364 P P2B B NDP B 2 .   ? 13.500  -10.862 -4.556  0.30 2.00  ? 207 NDP X P2B 1 
HETATM 1365 O O1X A NDP B 2 .   ? 14.373  -10.557 -3.815  0.70 15.49 ? 207 NDP X O1X 1 
HETATM 1366 O O1X B NDP B 2 .   ? 14.262  -11.178 -3.283  0.30 2.00  ? 207 NDP X O1X 1 
HETATM 1367 O O2X A NDP B 2 .   ? 12.697  -11.409 -5.454  0.70 15.05 ? 207 NDP X O2X 1 
HETATM 1368 O O2X B NDP B 2 .   ? 12.781  -12.096 -5.058  0.30 2.00  ? 207 NDP X O2X 1 
HETATM 1369 O O3X A NDP B 2 .   ? 14.393  -9.741  -6.169  0.70 15.49 ? 207 NDP X O3X 1 
HETATM 1370 O O3X B NDP B 2 .   ? 14.443  -10.368 -5.631  0.30 2.00  ? 207 NDP X O3X 1 
HETATM 1371 N N2  . 53T C 3 .   ? -3.088  -0.372  1.835   1.00 17.23 ? 158 53T X N2  1 
HETATM 1372 C C8  . 53T C 3 .   ? -4.604  -3.873  3.697   1.00 16.65 ? 158 53T X C8  1 
HETATM 1373 C C10 . 53T C 3 .   ? -2.243  -3.943  2.077   1.00 17.52 ? 158 53T X C10 1 
HETATM 1374 C C11 . 53T C 3 .   ? -1.673  -5.017  1.930   1.00 18.28 ? 158 53T X C11 1 
HETATM 1375 C C12 . 53T C 3 .   ? -0.984  -6.301  1.754   1.00 19.62 ? 158 53T X C12 1 
HETATM 1376 C C13 . 53T C 3 .   ? -0.327  -6.313  0.382   1.00 21.57 ? 158 53T X C13 1 
HETATM 1377 C C1  . 53T C 3 .   ? -2.426  -1.522  1.646   1.00 16.64 ? 158 53T X C1  1 
HETATM 1378 C C2  . 53T C 3 .   ? -1.057  -10.662 4.373   1.00 23.87 ? 158 53T X C2  1 
HETATM 1379 C C3  . 53T C 3 .   ? -4.192  -0.328  2.606   1.00 17.34 ? 158 53T X C3  1 
HETATM 1380 C C5  . 53T C 3 .   ? -4.051  -2.622  3.026   1.00 16.57 ? 158 53T X C5  1 
HETATM 1381 C C6  . 53T C 3 .   ? -2.904  -2.687  2.251   1.00 17.09 ? 158 53T X C6  1 
HETATM 1382 C C26 . 53T C 3 .   ? -8.004  -10.662 -1.111  1.00 28.16 ? 158 53T X C26 1 
HETATM 1383 C C21 . 53T C 3 .   ? -7.284  -9.414  -0.558  1.00 29.50 ? 158 53T X C21 1 
HETATM 1384 C C20 . 53T C 3 .   ? -6.043  -9.518  0.115   1.00 28.21 ? 158 53T X C20 1 
HETATM 1385 C C22 . 53T C 3 .   ? -7.887  -8.158  -0.729  1.00 28.63 ? 158 53T X C22 1 
HETATM 1386 C C23 . 53T C 3 .   ? -7.253  -7.012  -0.231  1.00 28.75 ? 158 53T X C23 1 
HETATM 1387 C C27 . 53T C 3 .   ? -7.914  -5.646  -0.412  1.00 27.99 ? 158 53T X C27 1 
HETATM 1388 C C24 . 53T C 3 .   ? -6.020  -7.122  0.438   1.00 28.40 ? 158 53T X C24 1 
HETATM 1389 C C25 . 53T C 3 .   ? -5.400  -8.370  0.625   1.00 26.06 ? 158 53T X C25 1 
HETATM 1390 C C18 . 53T C 3 .   ? -4.158  -8.443  1.299   1.00 27.31 ? 158 53T X C18 1 
HETATM 1391 C C19 . 53T C 3 .   ? -3.237  -7.381  1.190   1.00 24.62 ? 158 53T X C19 1 
HETATM 1392 C C17 . 53T C 3 .   ? -3.801  -9.567  2.086   1.00 25.23 ? 158 53T X C17 1 
HETATM 1393 C C16 . 53T C 3 .   ? -2.560  -9.630  2.756   1.00 25.89 ? 158 53T X C16 1 
HETATM 1394 O O17 . 53T C 3 .   ? -2.237  -10.744 3.521   1.00 25.39 ? 158 53T X O17 1 
HETATM 1395 C C15 . 53T C 3 .   ? -1.663  -8.552  2.628   1.00 24.76 ? 158 53T X C15 1 
HETATM 1396 C C14 . 53T C 3 .   ? -1.997  -7.442  1.854   1.00 23.19 ? 158 53T X C14 1 
HETATM 1397 N N4  . 53T C 3 .   ? -4.669  -1.443  3.184   1.00 16.89 ? 158 53T X N4  1 
HETATM 1398 N N7  . 53T C 3 .   ? -4.831  0.822   2.789   1.00 17.13 ? 158 53T X N7  1 
HETATM 1399 N N9  . 53T C 3 .   ? -1.332  -1.533  0.895   1.00 16.14 ? 158 53T X N9  1 
HETATM 1400 O O   . HOH D 4 .   ? -5.963  14.009  9.813   1.00 3.16  ? 159 HOH X O   1 
HETATM 1401 O O   . HOH D 4 .   ? 10.759  2.146   6.826   1.00 10.06 ? 160 HOH X O   1 
HETATM 1402 O O   . HOH D 4 .   ? -7.469  19.169  5.436   1.00 7.16  ? 161 HOH X O   1 
HETATM 1403 O O   . HOH D 4 .   ? -17.377 -6.374  17.790  1.00 39.07 ? 162 HOH X O   1 
HETATM 1404 O O   . HOH D 4 .   ? -7.099  0.201   18.756  0.50 11.62 ? 163 HOH X O   1 
HETATM 1405 O O   . HOH D 4 .   ? 15.630  -1.169  -9.224  1.00 21.44 ? 164 HOH X O   1 
HETATM 1406 O O   . HOH D 4 .   ? 16.915  -3.530  -4.335  1.00 13.66 ? 165 HOH X O   1 
HETATM 1407 O O   . HOH D 4 .   ? -9.218  -2.450  -6.152  1.00 66.75 ? 166 HOH X O   1 
# 
